data_9K4G
#
_entry.id   9K4G
#
_entity_poly.entity_id   1
_entity_poly.type   'polypeptide(L)'
_entity_poly.pdbx_seq_one_letter_code
;MALSDLQVFNDWAYKTMSEVLDQQVELFNGATRGAIILRSAGNTGDLSEAAFWAKIQGLVRPRDPYSNADVAAKDLRQLV
DNTIKVASGTPPINIPPSMLRWIQKNPQEAGAVIGQQLAGDTMQDMLNNGLAAGKAAFTAGGAVHDISAAGTGLMTQRAF
NAAQRIFGDRSTDIQVWVSHSSPLFDLYDNALANAEQLYVFGTVNVRADAFGRPIIITDSPALVSGAAETLRHSTLGLTT
GAILIEQNQDFDSTVVDGTGKQNITRQYQAEWSYNLGVNGYAYDIATGGKAPNPTALATAANWDKISTSIKDTGGVVLVT
K
;
_entity_poly.pdbx_strand_id   A,B,C,D,G,H,I
#
# COMPACT_ATOMS: atom_id res chain seq x y z
N ALA A 2 -5.28 -95.88 -62.93
CA ALA A 2 -6.54 -96.59 -62.60
C ALA A 2 -7.30 -96.91 -63.89
N LEU A 3 -8.59 -96.58 -63.95
CA LEU A 3 -9.40 -96.81 -65.18
C LEU A 3 -10.53 -95.79 -65.24
N SER A 4 -11.20 -95.68 -66.38
CA SER A 4 -12.28 -94.66 -66.56
C SER A 4 -13.42 -94.90 -65.56
N ASP A 5 -13.75 -96.16 -65.28
CA ASP A 5 -14.88 -96.47 -64.38
C ASP A 5 -14.67 -95.79 -63.02
N LEU A 6 -13.45 -95.89 -62.47
CA LEU A 6 -13.13 -95.26 -61.17
C LEU A 6 -12.79 -93.78 -61.39
N GLN A 7 -12.85 -92.97 -60.32
CA GLN A 7 -12.54 -91.52 -60.44
C GLN A 7 -11.16 -91.25 -59.82
N VAL A 8 -10.25 -90.65 -60.59
CA VAL A 8 -8.90 -90.29 -60.05
C VAL A 8 -8.96 -88.85 -59.53
N PHE A 9 -8.42 -88.61 -58.33
CA PHE A 9 -8.45 -87.26 -57.73
C PHE A 9 -7.02 -86.85 -57.37
N ASN A 10 -6.31 -86.28 -58.34
CA ASN A 10 -4.89 -85.88 -58.10
C ASN A 10 -4.83 -85.09 -56.80
N ASP A 11 -4.08 -85.61 -55.80
CA ASP A 11 -4.00 -84.93 -54.48
C ASP A 11 -3.21 -83.63 -54.63
N TRP A 12 -3.36 -82.71 -53.69
CA TRP A 12 -2.69 -81.38 -53.79
C TRP A 12 -2.32 -80.87 -52.39
N ALA A 13 -1.55 -79.79 -52.31
CA ALA A 13 -1.10 -79.27 -51.00
C ALA A 13 -0.70 -77.80 -51.10
N TYR A 14 -0.69 -77.08 -49.97
CA TYR A 14 -0.22 -75.67 -49.97
C TYR A 14 1.09 -75.62 -49.19
N LYS A 15 2.20 -75.22 -49.84
CA LYS A 15 3.52 -75.26 -49.16
C LYS A 15 3.65 -74.11 -48.16
N THR A 16 4.04 -74.42 -46.92
CA THR A 16 4.25 -73.43 -45.89
C THR A 16 5.45 -72.54 -46.20
N MET A 17 6.50 -73.12 -46.77
CA MET A 17 7.72 -72.40 -47.10
C MET A 17 7.58 -71.78 -48.49
N SER A 18 7.79 -70.47 -48.57
CA SER A 18 7.77 -69.75 -49.83
C SER A 18 9.19 -69.42 -50.28
N GLU A 19 9.34 -69.15 -51.57
CA GLU A 19 10.64 -68.76 -52.10
C GLU A 19 11.09 -67.46 -51.46
N VAL A 20 12.34 -67.43 -51.01
CA VAL A 20 12.86 -66.33 -50.21
C VAL A 20 13.71 -65.37 -51.04
N LEU A 21 14.71 -65.90 -51.74
CA LEU A 21 15.64 -65.03 -52.52
C LEU A 21 16.34 -65.84 -53.60
N ASP A 22 17.18 -65.18 -54.40
CA ASP A 22 17.94 -65.88 -55.48
C ASP A 22 19.40 -65.41 -55.46
N GLN A 23 19.76 -64.52 -54.54
CA GLN A 23 21.15 -63.99 -54.47
C GLN A 23 21.80 -64.43 -53.16
N GLN A 24 23.09 -64.77 -53.19
CA GLN A 24 23.81 -65.14 -51.94
C GLN A 24 23.90 -63.89 -51.05
N VAL A 25 23.25 -63.92 -49.89
CA VAL A 25 23.24 -62.72 -48.99
C VAL A 25 23.81 -63.13 -47.62
N GLU A 26 24.30 -64.37 -47.51
CA GLU A 26 24.90 -64.84 -46.24
C GLU A 26 26.37 -64.38 -46.19
N LEU A 27 26.59 -63.08 -46.00
CA LEU A 27 27.96 -62.52 -45.92
C LEU A 27 28.05 -61.66 -44.65
N PHE A 28 27.79 -62.26 -43.48
CA PHE A 28 27.79 -61.47 -42.21
C PHE A 28 28.51 -62.24 -41.10
N ASN A 29 29.28 -61.55 -40.28
CA ASN A 29 29.97 -62.19 -39.13
C ASN A 29 30.77 -63.40 -39.60
N GLY A 30 30.57 -64.57 -39.00
CA GLY A 30 31.35 -65.78 -39.35
C GLY A 30 31.31 -66.09 -40.83
N ALA A 31 30.16 -65.90 -41.47
CA ALA A 31 30.02 -66.21 -42.91
C ALA A 31 31.07 -65.44 -43.71
N THR A 32 31.44 -64.24 -43.25
CA THR A 32 32.43 -63.40 -43.96
C THR A 32 33.68 -63.23 -43.08
N ARG A 33 33.86 -64.07 -42.07
CA ARG A 33 35.03 -64.00 -41.16
C ARG A 33 35.06 -62.65 -40.44
N GLY A 34 33.89 -62.10 -40.11
CA GLY A 34 33.81 -60.83 -39.36
C GLY A 34 34.08 -59.62 -40.23
N ALA A 35 34.29 -59.82 -41.55
CA ALA A 35 34.49 -58.67 -42.46
C ALA A 35 33.27 -57.75 -42.36
N ILE A 36 32.07 -58.29 -42.59
CA ILE A 36 30.81 -57.49 -42.46
C ILE A 36 30.14 -57.90 -41.14
N ILE A 37 29.80 -56.92 -40.29
CA ILE A 37 29.23 -57.25 -38.95
C ILE A 37 27.76 -56.82 -38.90
N LEU A 38 26.85 -57.75 -38.61
CA LEU A 38 25.42 -57.38 -38.46
C LEU A 38 25.13 -57.22 -36.96
N ARG A 39 24.97 -55.98 -36.49
CA ARG A 39 24.77 -55.73 -35.03
C ARG A 39 23.37 -55.16 -34.81
N SER A 40 22.84 -55.30 -33.58
CA SER A 40 21.53 -54.70 -33.29
C SER A 40 21.73 -53.68 -32.18
N ALA A 41 21.53 -52.40 -32.50
CA ALA A 41 21.66 -51.34 -31.53
C ALA A 41 20.75 -50.19 -31.93
N GLY A 42 20.41 -49.35 -30.95
CA GLY A 42 19.55 -48.20 -31.16
C GLY A 42 20.36 -46.93 -31.32
N ASN A 43 20.17 -46.25 -32.46
CA ASN A 43 20.97 -45.03 -32.74
C ASN A 43 20.02 -43.85 -33.00
N THR A 44 20.32 -42.69 -32.43
CA THR A 44 19.44 -41.49 -32.57
C THR A 44 20.05 -40.52 -33.60
N GLY A 45 19.21 -39.81 -34.35
CA GLY A 45 19.72 -38.80 -35.30
C GLY A 45 19.98 -39.35 -36.68
N ASP A 46 20.45 -38.50 -37.60
CA ASP A 46 20.75 -38.94 -38.99
C ASP A 46 21.94 -39.90 -38.99
N LEU A 47 22.82 -39.78 -37.99
CA LEU A 47 24.04 -40.63 -37.94
C LEU A 47 24.47 -40.81 -36.48
N SER A 48 25.59 -41.50 -36.26
CA SER A 48 26.11 -41.69 -34.88
C SER A 48 27.64 -41.51 -34.89
N GLU A 49 28.13 -40.45 -34.24
CA GLU A 49 29.56 -40.20 -34.28
C GLU A 49 30.29 -40.94 -33.16
N ALA A 50 31.57 -41.19 -33.38
CA ALA A 50 32.42 -41.85 -32.40
C ALA A 50 33.80 -41.21 -32.45
N ALA A 51 34.30 -40.76 -31.29
CA ALA A 51 35.61 -40.07 -31.24
C ALA A 51 36.66 -40.99 -30.60
N PHE A 52 37.71 -41.34 -31.35
CA PHE A 52 38.81 -42.18 -30.80
C PHE A 52 40.11 -41.37 -30.82
N TRP A 53 40.93 -41.49 -29.77
CA TRP A 53 42.18 -40.70 -29.67
C TRP A 53 43.11 -41.04 -30.85
N ALA A 54 43.81 -40.04 -31.38
CA ALA A 54 44.67 -40.24 -32.53
C ALA A 54 46.02 -40.84 -32.09
N LYS A 55 46.66 -41.53 -33.03
CA LYS A 55 47.97 -42.12 -32.77
C LYS A 55 49.03 -41.03 -32.65
N ILE A 56 49.88 -41.15 -31.65
CA ILE A 56 50.98 -40.20 -31.44
C ILE A 56 52.18 -40.68 -32.25
N GLN A 57 52.64 -39.82 -33.17
CA GLN A 57 53.79 -40.16 -33.98
C GLN A 57 55.09 -39.89 -33.21
N GLY A 58 56.00 -40.86 -33.25
CA GLY A 58 57.27 -40.72 -32.51
C GLY A 58 57.06 -40.79 -31.01
N LEU A 59 56.09 -41.60 -30.57
CA LEU A 59 55.78 -41.71 -29.11
C LEU A 59 56.97 -42.34 -28.37
N VAL A 60 57.71 -43.25 -29.04
CA VAL A 60 58.91 -43.86 -28.42
C VAL A 60 60.15 -43.26 -29.09
N ARG A 61 61.17 -42.88 -28.30
CA ARG A 61 62.38 -42.24 -28.86
C ARG A 61 63.64 -42.92 -28.32
N PRO A 62 64.76 -42.95 -29.07
CA PRO A 62 66.01 -43.51 -28.54
C PRO A 62 66.46 -42.65 -27.36
N ARG A 63 66.90 -43.27 -26.26
CA ARG A 63 67.26 -42.50 -25.04
C ARG A 63 68.73 -42.71 -24.71
N ASP A 64 69.45 -41.64 -24.35
CA ASP A 64 70.87 -41.76 -23.94
C ASP A 64 70.98 -41.43 -22.44
N PRO A 65 71.30 -42.39 -21.56
CA PRO A 65 71.49 -42.11 -20.14
C PRO A 65 72.71 -41.22 -19.89
N TYR A 66 73.64 -41.20 -20.84
CA TYR A 66 74.90 -40.41 -20.67
C TYR A 66 74.72 -38.99 -21.22
N SER A 67 73.48 -38.63 -21.58
CA SER A 67 73.20 -37.28 -22.14
C SER A 67 71.87 -36.75 -21.61
N ASN A 68 71.67 -35.43 -21.67
CA ASN A 68 70.36 -34.84 -21.24
C ASN A 68 70.05 -33.64 -22.14
N ALA A 69 69.61 -33.91 -23.38
CA ALA A 69 69.30 -32.83 -24.34
C ALA A 69 67.79 -32.56 -24.32
N ASP A 70 67.38 -31.34 -24.65
CA ASP A 70 65.94 -30.97 -24.67
C ASP A 70 65.21 -31.82 -25.72
N VAL A 71 64.04 -32.35 -25.38
CA VAL A 71 63.24 -33.18 -26.33
C VAL A 71 61.97 -32.41 -26.69
N ALA A 72 61.64 -32.31 -27.99
CA ALA A 72 60.44 -31.57 -28.44
C ALA A 72 59.20 -32.16 -27.78
N ALA A 73 58.26 -31.30 -27.37
CA ALA A 73 57.00 -31.77 -26.73
C ALA A 73 56.00 -32.21 -27.80
N LYS A 74 54.99 -33.00 -27.41
CA LYS A 74 53.98 -33.47 -28.34
C LYS A 74 52.60 -33.32 -27.71
N ASP A 75 51.59 -33.24 -28.56
CA ASP A 75 50.22 -33.00 -28.14
C ASP A 75 49.33 -34.19 -28.53
N LEU A 76 48.21 -34.30 -27.82
CA LEU A 76 47.21 -35.33 -28.10
C LEU A 76 46.16 -34.80 -29.06
N ARG A 77 45.67 -35.69 -29.93
CA ARG A 77 44.62 -35.36 -30.88
C ARG A 77 43.56 -36.45 -30.85
N GLN A 78 42.34 -36.12 -31.28
CA GLN A 78 41.25 -37.13 -31.26
C GLN A 78 40.54 -37.14 -32.62
N LEU A 79 40.50 -38.32 -33.27
CA LEU A 79 39.80 -38.45 -34.58
C LEU A 79 38.36 -38.87 -34.32
N VAL A 80 37.44 -38.52 -35.23
CA VAL A 80 35.99 -38.86 -35.04
C VAL A 80 35.42 -39.46 -36.34
N ASP A 81 34.96 -40.71 -36.28
CA ASP A 81 34.31 -41.33 -37.48
C ASP A 81 32.81 -41.43 -37.20
N ASN A 82 31.98 -41.39 -38.25
CA ASN A 82 30.51 -41.37 -38.03
C ASN A 82 29.87 -42.66 -38.55
N THR A 83 28.55 -42.79 -38.40
CA THR A 83 27.80 -43.98 -38.91
C THR A 83 26.44 -43.51 -39.43
N ILE A 84 26.28 -43.36 -40.74
CA ILE A 84 25.02 -42.81 -41.30
C ILE A 84 23.87 -43.80 -41.08
N LYS A 85 22.63 -43.30 -41.04
CA LYS A 85 21.45 -44.18 -40.86
C LYS A 85 20.72 -44.35 -42.20
N VAL A 86 20.66 -45.57 -42.72
CA VAL A 86 19.98 -45.83 -44.03
C VAL A 86 18.57 -46.35 -43.74
N ALA A 87 17.55 -45.72 -44.35
CA ALA A 87 16.14 -46.13 -44.11
C ALA A 87 15.65 -46.99 -45.27
N SER A 88 15.01 -48.13 -44.95
CA SER A 88 14.45 -49.01 -46.01
C SER A 88 12.98 -49.31 -45.68
N GLY A 89 12.14 -49.47 -46.70
CA GLY A 89 10.70 -49.68 -46.46
C GLY A 89 10.11 -50.78 -47.32
N THR A 90 8.81 -51.04 -47.17
CA THR A 90 8.12 -52.06 -47.98
C THR A 90 6.91 -51.41 -48.67
N PRO A 91 6.73 -51.56 -50.00
CA PRO A 91 5.58 -50.97 -50.70
C PRO A 91 4.26 -51.57 -50.22
N PRO A 92 3.11 -50.88 -50.38
CA PRO A 92 1.82 -51.46 -50.02
C PRO A 92 1.65 -52.85 -50.64
N ILE A 93 1.16 -53.81 -49.86
CA ILE A 93 0.95 -55.19 -50.38
C ILE A 93 -0.53 -55.55 -50.24
N ASN A 94 -1.27 -55.60 -51.37
CA ASN A 94 -2.68 -55.97 -51.31
C ASN A 94 -2.81 -57.36 -50.71
N ILE A 95 -3.36 -57.42 -49.49
CA ILE A 95 -3.56 -58.74 -48.82
C ILE A 95 -5.02 -58.88 -48.37
N PRO A 96 -6.01 -58.88 -49.29
CA PRO A 96 -7.41 -59.06 -48.91
C PRO A 96 -7.61 -60.41 -48.20
N PRO A 97 -8.42 -60.48 -47.13
CA PRO A 97 -8.70 -61.76 -46.45
C PRO A 97 -9.47 -62.70 -47.39
N SER A 98 -10.28 -62.15 -48.30
CA SER A 98 -11.12 -62.97 -49.20
C SER A 98 -10.32 -64.15 -49.78
N MET A 99 -9.21 -63.88 -50.47
CA MET A 99 -8.46 -64.98 -51.15
C MET A 99 -8.08 -66.04 -50.12
N LEU A 100 -7.58 -65.62 -48.96
CA LEU A 100 -7.16 -66.58 -47.89
C LEU A 100 -8.37 -67.43 -47.49
N ARG A 101 -9.50 -66.79 -47.18
CA ARG A 101 -10.69 -67.53 -46.68
C ARG A 101 -11.20 -68.46 -47.79
N TRP A 102 -11.08 -68.05 -49.06
CA TRP A 102 -11.57 -68.88 -50.19
C TRP A 102 -10.82 -70.21 -50.20
N ILE A 103 -9.50 -70.18 -49.97
CA ILE A 103 -8.69 -71.43 -49.94
C ILE A 103 -8.54 -71.90 -48.48
N GLN A 104 -9.46 -71.47 -47.61
CA GLN A 104 -9.44 -71.89 -46.18
C GLN A 104 -8.09 -71.56 -45.54
N LYS A 105 -7.66 -70.31 -45.63
CA LYS A 105 -6.40 -69.89 -44.95
C LYS A 105 -6.70 -68.64 -44.11
N ASN A 106 -5.80 -68.29 -43.18
CA ASN A 106 -6.02 -67.07 -42.36
C ASN A 106 -5.18 -65.92 -42.93
N PRO A 107 -5.66 -64.66 -42.89
CA PRO A 107 -4.86 -63.53 -43.35
C PRO A 107 -3.52 -63.51 -42.60
N GLN A 108 -3.51 -63.96 -41.35
CA GLN A 108 -2.26 -64.04 -40.56
C GLN A 108 -1.21 -64.80 -41.38
N GLU A 109 -1.60 -65.94 -41.96
CA GLU A 109 -0.68 -66.71 -42.80
C GLU A 109 -0.06 -65.83 -43.88
N ALA A 110 -0.85 -64.94 -44.49
CA ALA A 110 -0.29 -64.01 -45.47
C ALA A 110 0.71 -63.07 -44.82
N GLY A 111 0.41 -62.57 -43.61
CA GLY A 111 1.35 -61.75 -42.90
C GLY A 111 2.65 -62.48 -42.58
N ALA A 112 2.54 -63.75 -42.18
CA ALA A 112 3.73 -64.55 -41.91
C ALA A 112 4.54 -64.77 -43.18
N VAL A 113 3.88 -64.99 -44.31
CA VAL A 113 4.60 -65.15 -45.57
C VAL A 113 5.33 -63.87 -45.94
N ILE A 114 4.68 -62.72 -45.77
CA ILE A 114 5.33 -61.43 -46.03
C ILE A 114 6.53 -61.26 -45.12
N GLY A 115 6.38 -61.60 -43.84
CA GLY A 115 7.50 -61.48 -42.91
C GLY A 115 8.65 -62.40 -43.24
N GLN A 116 8.36 -63.63 -43.68
CA GLN A 116 9.42 -64.58 -43.99
C GLN A 116 10.12 -64.22 -45.29
N GLN A 117 9.42 -63.55 -46.22
CA GLN A 117 10.10 -63.10 -47.45
C GLN A 117 10.93 -61.85 -47.12
N LEU A 118 10.38 -60.96 -46.29
CA LEU A 118 11.09 -59.70 -45.93
C LEU A 118 12.38 -60.07 -45.19
N ALA A 119 12.31 -61.01 -44.26
CA ALA A 119 13.51 -61.44 -43.49
C ALA A 119 14.72 -61.50 -44.42
N GLY A 120 14.57 -62.18 -45.56
CA GLY A 120 15.67 -62.32 -46.49
C GLY A 120 15.89 -61.08 -47.34
N ASP A 121 14.80 -60.44 -47.77
CA ASP A 121 14.93 -59.27 -48.66
C ASP A 121 15.56 -58.11 -47.89
N THR A 122 15.27 -58.00 -46.59
CA THR A 122 15.83 -56.91 -45.76
C THR A 122 17.35 -57.06 -45.67
N MET A 123 17.83 -58.26 -45.33
CA MET A 123 19.29 -58.50 -45.19
C MET A 123 19.97 -58.29 -46.54
N GLN A 124 19.27 -58.61 -47.64
CA GLN A 124 19.83 -58.42 -49.00
C GLN A 124 20.12 -56.92 -49.22
N ASP A 125 19.11 -56.07 -49.01
CA ASP A 125 19.29 -54.61 -49.20
C ASP A 125 20.45 -54.13 -48.32
N MET A 126 20.43 -54.47 -47.03
CA MET A 126 21.53 -54.08 -46.11
C MET A 126 22.87 -54.47 -46.74
N LEU A 127 23.01 -55.72 -47.18
CA LEU A 127 24.28 -56.20 -47.77
C LEU A 127 24.61 -55.38 -49.02
N ASN A 128 23.67 -55.28 -49.96
CA ASN A 128 23.93 -54.56 -51.24
C ASN A 128 24.36 -53.12 -50.93
N ASN A 129 23.63 -52.44 -50.03
CA ASN A 129 23.97 -51.03 -49.70
C ASN A 129 25.36 -50.99 -49.05
N GLY A 130 25.63 -51.89 -48.10
CA GLY A 130 26.96 -51.94 -47.47
C GLY A 130 28.06 -52.16 -48.50
N LEU A 131 27.81 -53.03 -49.48
CA LEU A 131 28.81 -53.32 -50.54
C LEU A 131 29.02 -52.05 -51.38
N ALA A 132 27.93 -51.37 -51.74
CA ALA A 132 28.05 -50.11 -52.52
C ALA A 132 28.85 -49.09 -51.71
N ALA A 133 28.49 -48.92 -50.43
CA ALA A 133 29.23 -47.99 -49.55
C ALA A 133 30.68 -48.44 -49.45
N GLY A 134 30.90 -49.76 -49.41
CA GLY A 134 32.27 -50.30 -49.34
C GLY A 134 33.12 -49.82 -50.48
N LYS A 135 32.65 -50.03 -51.72
CA LYS A 135 33.41 -49.60 -52.92
C LYS A 135 33.58 -48.07 -52.87
N ALA A 136 32.52 -47.34 -52.51
CA ALA A 136 32.57 -45.87 -52.47
C ALA A 136 33.65 -45.42 -51.47
N ALA A 137 33.64 -45.98 -50.26
CA ALA A 137 34.62 -45.59 -49.23
C ALA A 137 36.04 -45.95 -49.69
N PHE A 138 36.19 -47.12 -50.33
CA PHE A 138 37.52 -47.55 -50.74
C PHE A 138 38.03 -46.75 -51.93
N THR A 139 37.13 -46.36 -52.84
CA THR A 139 37.53 -45.46 -53.93
C THR A 139 37.94 -44.10 -53.38
N ALA A 140 37.20 -43.59 -52.39
CA ALA A 140 37.54 -42.30 -51.79
C ALA A 140 38.89 -42.36 -51.10
N GLY A 141 39.19 -43.47 -50.42
CA GLY A 141 40.44 -43.63 -49.71
C GLY A 141 41.66 -43.90 -50.58
N GLY A 142 41.45 -44.16 -51.87
CA GLY A 142 42.54 -44.42 -52.78
C GLY A 142 43.04 -45.83 -52.81
N ALA A 143 42.40 -46.76 -52.09
CA ALA A 143 42.82 -48.16 -52.08
C ALA A 143 42.11 -48.91 -53.22
N VAL A 144 42.46 -48.53 -54.44
CA VAL A 144 41.86 -49.09 -55.64
C VAL A 144 42.98 -49.62 -56.54
N HIS A 145 42.73 -50.76 -57.16
CA HIS A 145 43.65 -51.34 -58.14
C HIS A 145 42.85 -51.72 -59.38
N ASP A 146 43.18 -51.12 -60.52
CA ASP A 146 42.40 -51.39 -61.76
C ASP A 146 43.25 -52.22 -62.72
N ILE A 147 42.86 -53.47 -62.98
CA ILE A 147 43.59 -54.33 -63.96
C ILE A 147 42.76 -54.41 -65.23
N SER A 148 41.59 -53.75 -65.26
CA SER A 148 40.68 -53.83 -66.43
C SER A 148 41.44 -53.40 -67.69
N ALA A 149 42.15 -52.27 -67.63
CA ALA A 149 42.93 -51.78 -68.80
C ALA A 149 44.05 -52.77 -69.11
N ALA A 150 44.69 -53.33 -68.08
CA ALA A 150 45.85 -54.23 -68.29
C ALA A 150 45.40 -55.51 -69.02
N GLY A 151 45.97 -55.78 -70.20
CA GLY A 151 45.66 -57.00 -70.95
C GLY A 151 44.16 -57.21 -71.14
N THR A 152 43.67 -58.45 -70.92
CA THR A 152 42.24 -58.76 -71.11
C THR A 152 41.40 -58.06 -70.03
N GLY A 153 42.00 -57.80 -68.86
CA GLY A 153 41.26 -57.15 -67.76
C GLY A 153 40.49 -58.16 -66.93
N LEU A 154 40.59 -59.44 -67.28
CA LEU A 154 39.91 -60.51 -66.48
C LEU A 154 40.68 -60.72 -65.17
N MET A 155 39.98 -61.14 -64.11
CA MET A 155 40.62 -61.29 -62.78
C MET A 155 41.56 -62.51 -62.78
N THR A 156 42.74 -62.37 -62.18
CA THR A 156 43.72 -63.49 -62.09
C THR A 156 44.21 -63.62 -60.64
N GLN A 157 44.92 -64.72 -60.33
CA GLN A 157 45.49 -64.88 -58.96
C GLN A 157 46.48 -63.74 -58.70
N ARG A 158 47.21 -63.31 -59.73
CA ARG A 158 48.20 -62.22 -59.58
C ARG A 158 47.49 -60.94 -59.11
N ALA A 159 46.27 -60.70 -59.60
CA ALA A 159 45.52 -59.46 -59.24
C ALA A 159 45.37 -59.38 -57.72
N PHE A 160 45.11 -60.51 -57.06
CA PHE A 160 44.92 -60.53 -55.59
C PHE A 160 46.20 -60.00 -54.91
N ASN A 161 47.36 -60.52 -55.32
CA ASN A 161 48.65 -60.11 -54.70
C ASN A 161 48.87 -58.61 -54.97
N ALA A 162 48.58 -58.16 -56.19
CA ALA A 162 48.73 -56.73 -56.54
C ALA A 162 47.79 -55.89 -55.67
N ALA A 163 46.55 -56.38 -55.48
CA ALA A 163 45.56 -55.65 -54.66
C ALA A 163 45.97 -55.66 -53.19
N GLN A 164 46.41 -56.82 -52.68
CA GLN A 164 46.78 -56.93 -51.24
C GLN A 164 48.08 -56.18 -50.97
N ARG A 165 48.84 -55.85 -52.02
CA ARG A 165 50.16 -55.19 -51.85
C ARG A 165 49.96 -53.85 -51.14
N ILE A 166 48.81 -53.19 -51.37
CA ILE A 166 48.51 -51.89 -50.70
C ILE A 166 48.71 -52.05 -49.20
N PHE A 167 48.14 -53.11 -48.61
CA PHE A 167 48.32 -53.38 -47.16
C PHE A 167 49.56 -54.26 -46.96
N GLY A 168 50.69 -53.66 -46.58
CA GLY A 168 51.93 -54.44 -46.43
C GLY A 168 51.79 -55.55 -45.40
N ASP A 169 51.66 -55.18 -44.12
CA ASP A 169 51.51 -56.18 -43.03
C ASP A 169 50.03 -56.49 -42.82
N ARG A 170 49.14 -55.61 -43.31
CA ARG A 170 47.69 -55.80 -43.09
C ARG A 170 47.13 -56.76 -44.15
N SER A 171 47.99 -57.20 -45.07
CA SER A 171 47.55 -58.18 -46.12
C SER A 171 47.07 -59.47 -45.44
N THR A 172 47.75 -59.90 -44.38
CA THR A 172 47.36 -61.13 -43.65
C THR A 172 46.03 -60.90 -42.92
N ASP A 173 45.83 -59.69 -42.38
CA ASP A 173 44.60 -59.38 -41.60
C ASP A 173 43.37 -59.50 -42.51
N ILE A 174 43.56 -59.51 -43.84
CA ILE A 174 42.44 -59.58 -44.75
C ILE A 174 41.73 -60.92 -44.58
N GLN A 175 40.41 -60.87 -44.45
CA GLN A 175 39.64 -62.07 -44.13
C GLN A 175 39.14 -62.79 -45.37
N VAL A 176 38.33 -62.11 -46.19
CA VAL A 176 37.68 -62.73 -47.34
C VAL A 176 37.82 -61.80 -48.55
N TRP A 177 37.37 -62.29 -49.70
CA TRP A 177 37.44 -61.49 -50.95
C TRP A 177 36.05 -61.40 -51.59
N VAL A 178 35.19 -60.55 -51.04
CA VAL A 178 33.80 -60.41 -51.58
C VAL A 178 33.89 -60.01 -53.06
N SER A 179 33.30 -60.81 -53.94
CA SER A 179 33.36 -60.54 -55.40
C SER A 179 32.03 -60.90 -56.07
N HIS A 180 31.96 -60.81 -57.39
CA HIS A 180 30.73 -61.22 -58.13
C HIS A 180 30.98 -62.61 -58.71
N SER A 181 29.92 -63.35 -59.01
CA SER A 181 30.07 -64.71 -59.60
C SER A 181 30.77 -64.61 -60.96
N SER A 182 30.34 -63.66 -61.81
CA SER A 182 30.92 -63.54 -63.17
C SER A 182 32.45 -63.50 -63.13
N PRO A 183 33.11 -62.50 -62.50
CA PRO A 183 34.57 -62.40 -62.53
C PRO A 183 35.20 -63.69 -61.98
N LEU A 184 34.58 -64.32 -60.99
CA LEU A 184 35.10 -65.60 -60.42
C LEU A 184 35.14 -66.66 -61.53
N PHE A 185 34.05 -66.79 -62.30
CA PHE A 185 34.04 -67.76 -63.42
C PHE A 185 35.16 -67.40 -64.39
N ASP A 186 35.30 -66.12 -64.72
CA ASP A 186 36.37 -65.66 -65.64
C ASP A 186 37.73 -66.03 -65.06
N LEU A 187 37.91 -65.81 -63.75
CA LEU A 187 39.19 -66.19 -63.07
C LEU A 187 39.43 -67.69 -63.29
N TYR A 188 38.50 -68.53 -62.87
CA TYR A 188 38.68 -70.00 -62.98
C TYR A 188 38.74 -70.40 -64.46
N ASP A 189 37.84 -69.85 -65.28
CA ASP A 189 37.87 -70.13 -66.74
C ASP A 189 39.31 -69.97 -67.23
N ASN A 190 39.96 -68.85 -66.90
CA ASN A 190 41.37 -68.62 -67.32
C ASN A 190 42.22 -69.80 -66.84
N ALA A 191 42.18 -70.10 -65.53
CA ALA A 191 43.02 -71.19 -64.97
C ALA A 191 42.63 -72.52 -65.62
N LEU A 192 41.33 -72.82 -65.69
CA LEU A 192 40.85 -74.10 -66.28
C LEU A 192 41.27 -74.18 -67.76
N ALA A 193 41.28 -73.03 -68.45
CA ALA A 193 41.72 -73.01 -69.86
C ALA A 193 43.20 -73.41 -69.95
N ASN A 194 44.06 -72.75 -69.15
CA ASN A 194 45.51 -73.03 -69.20
C ASN A 194 46.22 -72.35 -68.03
N ALA A 195 47.54 -72.58 -67.89
CA ALA A 195 48.35 -71.92 -66.83
C ALA A 195 47.82 -72.30 -65.44
N GLU A 196 47.17 -73.47 -65.30
CA GLU A 196 46.71 -73.91 -63.96
C GLU A 196 47.87 -74.65 -63.28
N GLN A 197 48.26 -74.22 -62.08
CA GLN A 197 49.43 -74.83 -61.39
C GLN A 197 50.65 -74.72 -62.30
N LEU A 198 50.65 -73.73 -63.19
CA LEU A 198 51.79 -73.50 -64.12
C LEU A 198 52.18 -72.04 -63.96
N TYR A 199 51.23 -71.13 -64.14
CA TYR A 199 51.50 -69.69 -63.92
C TYR A 199 50.81 -69.29 -62.61
N VAL A 200 49.51 -69.57 -62.50
CA VAL A 200 48.73 -69.19 -61.27
C VAL A 200 48.34 -70.47 -60.52
N PHE A 201 48.08 -70.36 -59.22
CA PHE A 201 47.64 -71.53 -58.42
C PHE A 201 46.16 -71.80 -58.72
N GLY A 202 45.87 -72.46 -59.84
CA GLY A 202 44.47 -72.69 -60.25
C GLY A 202 43.70 -73.47 -59.21
N THR A 203 42.43 -73.08 -58.97
CA THR A 203 41.58 -73.78 -57.97
C THR A 203 42.41 -74.18 -56.75
N VAL A 204 43.11 -73.21 -56.13
CA VAL A 204 43.89 -73.50 -54.90
C VAL A 204 42.94 -74.15 -53.90
N ASN A 205 41.74 -73.58 -53.71
CA ASN A 205 40.72 -74.19 -52.82
C ASN A 205 39.41 -74.23 -53.59
N VAL A 206 38.35 -74.78 -52.97
CA VAL A 206 37.02 -74.84 -53.65
C VAL A 206 36.70 -73.43 -54.18
N ARG A 207 36.93 -72.40 -53.38
CA ARG A 207 36.70 -71.00 -53.83
C ARG A 207 37.46 -70.04 -52.92
N ALA A 208 38.80 -70.04 -53.02
CA ALA A 208 39.64 -69.16 -52.18
C ALA A 208 40.81 -68.62 -53.01
N ASP A 209 41.55 -67.65 -52.48
CA ASP A 209 42.72 -67.09 -53.22
C ASP A 209 43.96 -67.93 -52.91
N ALA A 210 45.09 -67.60 -53.53
CA ALA A 210 46.35 -68.35 -53.31
C ALA A 210 46.86 -68.10 -51.89
N PHE A 211 46.30 -67.10 -51.19
CA PHE A 211 46.77 -66.75 -49.82
C PHE A 211 45.83 -67.36 -48.79
N GLY A 212 44.86 -68.17 -49.22
CA GLY A 212 43.97 -68.87 -48.27
C GLY A 212 42.68 -68.11 -48.02
N ARG A 213 42.68 -66.79 -48.26
CA ARG A 213 41.48 -65.96 -48.00
C ARG A 213 40.32 -66.48 -48.87
N PRO A 214 39.21 -66.96 -48.28
CA PRO A 214 38.11 -67.52 -49.07
C PRO A 214 37.42 -66.45 -49.91
N ILE A 215 36.94 -66.81 -51.10
CA ILE A 215 36.30 -65.82 -52.01
C ILE A 215 34.78 -65.97 -51.91
N ILE A 216 34.10 -65.02 -51.27
CA ILE A 216 32.62 -65.09 -51.10
C ILE A 216 31.97 -64.36 -52.27
N ILE A 217 31.52 -65.10 -53.29
CA ILE A 217 30.91 -64.45 -54.49
C ILE A 217 29.44 -64.13 -54.22
N THR A 218 28.93 -63.04 -54.81
CA THR A 218 27.51 -62.67 -54.65
C THR A 218 27.05 -61.89 -55.89
N ASP A 219 25.84 -62.17 -56.38
CA ASP A 219 25.31 -61.44 -57.56
C ASP A 219 24.82 -60.07 -57.11
N SER A 220 25.69 -59.29 -56.46
CA SER A 220 25.28 -57.95 -55.95
C SER A 220 25.38 -56.92 -57.07
N PRO A 221 24.32 -56.10 -57.30
CA PRO A 221 24.38 -55.04 -58.31
C PRO A 221 25.49 -54.04 -57.94
N ALA A 222 25.76 -53.89 -56.63
CA ALA A 222 26.81 -52.97 -56.17
C ALA A 222 28.17 -53.39 -56.74
N LEU A 223 28.24 -54.57 -57.35
CA LEU A 223 29.52 -55.06 -57.85
C LEU A 223 29.58 -55.12 -59.37
N VAL A 224 28.53 -54.69 -60.06
CA VAL A 224 28.49 -54.64 -61.52
C VAL A 224 28.12 -53.23 -61.94
N SER A 225 28.89 -52.67 -62.87
CA SER A 225 28.67 -51.30 -63.35
C SER A 225 28.98 -51.26 -64.84
N GLY A 226 27.94 -51.15 -65.66
CA GLY A 226 28.08 -51.06 -67.09
C GLY A 226 27.58 -52.31 -67.78
N ALA A 227 27.68 -52.30 -69.11
CA ALA A 227 27.29 -53.43 -69.95
C ALA A 227 28.22 -53.52 -71.14
N ALA A 228 28.39 -54.74 -71.64
CA ALA A 228 29.21 -55.04 -72.83
C ALA A 228 30.63 -54.54 -72.56
N GLU A 229 31.17 -53.62 -73.36
CA GLU A 229 32.55 -53.17 -73.16
C GLU A 229 32.68 -52.33 -71.90
N THR A 230 31.65 -51.59 -71.53
CA THR A 230 31.69 -50.75 -70.33
C THR A 230 31.40 -51.53 -69.05
N LEU A 231 31.12 -52.82 -69.15
CA LEU A 231 30.85 -53.64 -67.98
C LEU A 231 32.14 -53.84 -67.17
N ARG A 232 32.09 -53.45 -65.89
CA ARG A 232 33.26 -53.64 -65.00
C ARG A 232 32.82 -54.34 -63.72
N HIS A 233 33.71 -55.16 -63.12
CA HIS A 233 33.38 -55.88 -61.87
C HIS A 233 34.15 -55.28 -60.70
N SER A 234 33.69 -55.50 -59.47
CA SER A 234 34.37 -54.95 -58.27
C SER A 234 34.57 -56.06 -57.23
N THR A 235 35.80 -56.21 -56.72
CA THR A 235 36.07 -57.22 -55.70
C THR A 235 36.63 -56.52 -54.47
N LEU A 236 36.05 -56.80 -53.30
CA LEU A 236 36.44 -56.12 -52.07
C LEU A 236 37.25 -57.07 -51.20
N GLY A 237 38.47 -56.66 -50.86
CA GLY A 237 39.29 -57.42 -49.93
C GLY A 237 39.08 -56.96 -48.50
N LEU A 238 37.91 -57.25 -47.94
CA LEU A 238 37.57 -56.76 -46.61
C LEU A 238 38.42 -57.44 -45.54
N THR A 239 38.85 -56.66 -44.56
CA THR A 239 39.51 -57.17 -43.38
C THR A 239 38.47 -57.39 -42.28
N THR A 240 38.91 -57.77 -41.09
CA THR A 240 37.98 -57.98 -39.99
C THR A 240 37.35 -56.66 -39.54
N GLY A 241 36.03 -56.66 -39.41
CA GLY A 241 35.31 -55.43 -38.98
C GLY A 241 35.32 -54.38 -40.07
N ALA A 242 35.60 -54.76 -41.32
CA ALA A 242 35.67 -53.78 -42.43
C ALA A 242 34.30 -53.12 -42.62
N ILE A 243 33.22 -53.91 -42.61
CA ILE A 243 31.85 -53.35 -42.80
C ILE A 243 31.06 -53.57 -41.50
N LEU A 244 30.24 -52.58 -41.12
CA LEU A 244 29.42 -52.71 -39.89
C LEU A 244 27.96 -52.33 -40.19
N ILE A 245 27.02 -53.24 -39.94
CA ILE A 245 25.58 -52.95 -40.17
C ILE A 245 24.89 -52.94 -38.80
N GLU A 246 24.65 -51.74 -38.24
CA GLU A 246 23.96 -51.62 -36.93
C GLU A 246 22.45 -51.50 -37.16
N GLN A 247 21.77 -52.62 -37.35
CA GLN A 247 20.30 -52.61 -37.60
C GLN A 247 19.60 -51.95 -36.40
N ASN A 248 19.05 -50.75 -36.60
CA ASN A 248 18.30 -50.07 -35.50
C ASN A 248 16.98 -50.83 -35.26
N GLN A 249 16.58 -50.96 -33.99
CA GLN A 249 15.30 -51.65 -33.67
C GLN A 249 14.15 -50.66 -33.85
N ASP A 250 14.02 -50.07 -35.05
CA ASP A 250 12.96 -49.06 -35.30
C ASP A 250 12.00 -49.58 -36.38
N PHE A 251 11.89 -50.90 -36.51
CA PHE A 251 11.00 -51.51 -37.54
C PHE A 251 9.54 -51.19 -37.20
N ASP A 252 8.76 -50.74 -38.19
CA ASP A 252 7.32 -50.47 -37.97
C ASP A 252 6.53 -51.14 -39.10
N SER A 253 5.24 -51.39 -38.88
CA SER A 253 4.39 -51.98 -39.94
C SER A 253 2.91 -51.62 -39.69
N THR A 254 2.07 -51.73 -40.71
CA THR A 254 0.64 -51.34 -40.56
C THR A 254 -0.26 -52.27 -41.39
N VAL A 255 -1.51 -52.45 -40.94
CA VAL A 255 -2.50 -53.27 -41.71
C VAL A 255 -3.73 -52.40 -41.95
N VAL A 256 -3.78 -51.70 -43.09
CA VAL A 256 -4.91 -50.79 -43.38
C VAL A 256 -5.90 -51.49 -44.31
N ASP A 257 -7.10 -51.81 -43.80
CA ASP A 257 -8.15 -52.45 -44.63
C ASP A 257 -9.03 -51.36 -45.24
N GLY A 258 -9.72 -51.65 -46.35
CA GLY A 258 -10.55 -50.64 -47.03
C GLY A 258 -11.89 -51.20 -47.48
N THR A 259 -12.91 -50.35 -47.57
CA THR A 259 -14.26 -50.80 -48.00
C THR A 259 -14.60 -50.16 -49.36
N GLY A 260 -15.88 -50.16 -49.74
CA GLY A 260 -16.30 -49.52 -51.00
C GLY A 260 -16.00 -50.37 -52.21
N LYS A 261 -15.75 -51.67 -52.01
CA LYS A 261 -15.39 -52.58 -53.14
C LYS A 261 -16.10 -53.93 -52.97
N GLN A 262 -16.00 -54.80 -53.99
CA GLN A 262 -16.65 -56.13 -53.94
C GLN A 262 -16.13 -56.90 -52.71
N ASN A 263 -14.82 -56.87 -52.49
CA ASN A 263 -14.21 -57.60 -51.34
C ASN A 263 -13.39 -56.61 -50.49
N ILE A 264 -13.24 -56.90 -49.20
CA ILE A 264 -12.45 -56.01 -48.30
C ILE A 264 -11.05 -55.84 -48.89
N THR A 265 -10.62 -54.60 -49.12
CA THR A 265 -9.28 -54.34 -49.71
C THR A 265 -8.28 -54.08 -48.58
N ARG A 266 -7.45 -55.07 -48.24
CA ARG A 266 -6.48 -54.94 -47.13
C ARG A 266 -5.07 -54.78 -47.70
N GLN A 267 -4.25 -53.88 -47.12
CA GLN A 267 -2.88 -53.65 -47.63
C GLN A 267 -1.87 -53.80 -46.49
N TYR A 268 -0.58 -53.97 -46.83
CA TYR A 268 0.48 -54.12 -45.81
C TYR A 268 1.67 -53.22 -46.19
N GLN A 269 2.10 -52.36 -45.25
CA GLN A 269 3.31 -51.52 -45.50
C GLN A 269 4.24 -51.62 -44.29
N ALA A 270 5.53 -51.89 -44.52
CA ALA A 270 6.51 -51.98 -43.42
C ALA A 270 7.61 -50.93 -43.62
N GLU A 271 8.22 -50.46 -42.52
CA GLU A 271 9.32 -49.48 -42.62
C GLU A 271 10.36 -49.77 -41.53
N TRP A 272 11.64 -49.54 -41.82
CA TRP A 272 12.72 -49.80 -40.84
C TRP A 272 13.96 -48.99 -41.21
N SER A 273 15.00 -49.04 -40.38
CA SER A 273 16.26 -48.31 -40.68
C SER A 273 17.45 -49.02 -40.03
N TYR A 274 18.64 -48.87 -40.61
CA TYR A 274 19.86 -49.49 -40.03
C TYR A 274 21.02 -48.48 -40.10
N ASN A 275 21.72 -48.28 -38.98
CA ASN A 275 22.86 -47.34 -38.98
C ASN A 275 24.02 -47.99 -39.74
N LEU A 276 24.03 -47.83 -41.07
CA LEU A 276 25.13 -48.35 -41.87
C LEU A 276 26.27 -47.34 -41.87
N GLY A 277 27.34 -47.66 -41.13
CA GLY A 277 28.50 -46.75 -41.06
C GLY A 277 29.79 -47.51 -40.78
N VAL A 278 30.82 -46.81 -40.29
CA VAL A 278 32.14 -47.45 -40.05
C VAL A 278 32.44 -48.38 -41.24
N ASN A 279 32.35 -47.83 -42.46
CA ASN A 279 32.69 -48.63 -43.66
C ASN A 279 34.21 -48.71 -43.74
N GLY A 280 34.83 -49.39 -42.78
CA GLY A 280 36.31 -49.43 -42.70
C GLY A 280 36.73 -48.93 -41.33
N TYR A 281 37.93 -49.28 -40.86
CA TYR A 281 38.32 -48.90 -39.48
C TYR A 281 37.89 -47.46 -39.20
N ALA A 282 38.31 -46.51 -40.04
CA ALA A 282 37.98 -45.09 -39.80
C ALA A 282 37.55 -44.41 -41.10
N TYR A 283 36.37 -44.77 -41.61
CA TYR A 283 35.83 -44.09 -42.83
C TYR A 283 34.58 -43.31 -42.42
N ASP A 284 34.56 -41.99 -42.64
CA ASP A 284 33.41 -41.16 -42.21
C ASP A 284 32.67 -40.63 -43.44
N ILE A 285 31.39 -41.01 -43.59
CA ILE A 285 30.57 -40.55 -44.75
C ILE A 285 30.31 -39.05 -44.62
N ALA A 286 30.45 -38.31 -45.74
CA ALA A 286 30.24 -36.84 -45.70
C ALA A 286 28.75 -36.53 -45.88
N THR A 287 27.97 -36.66 -44.81
CA THR A 287 26.49 -36.44 -44.89
C THR A 287 26.21 -35.02 -45.41
N GLY A 288 27.00 -34.04 -45.01
CA GLY A 288 26.78 -32.64 -45.43
C GLY A 288 26.75 -32.52 -46.94
N GLY A 289 27.58 -33.30 -47.64
CA GLY A 289 27.65 -33.22 -49.11
C GLY A 289 26.69 -34.19 -49.79
N LYS A 290 25.99 -35.02 -49.01
CA LYS A 290 25.11 -36.05 -49.63
C LYS A 290 23.78 -36.15 -48.87
N ALA A 291 23.39 -35.11 -48.12
CA ALA A 291 22.10 -35.08 -47.40
C ALA A 291 22.12 -36.01 -46.18
N PRO A 292 21.29 -35.77 -45.15
CA PRO A 292 21.27 -36.59 -43.93
C PRO A 292 20.91 -38.06 -44.20
N ASN A 293 19.84 -38.29 -44.96
CA ASN A 293 19.39 -39.69 -45.21
C ASN A 293 19.92 -40.15 -46.58
N PRO A 294 20.80 -41.17 -46.64
CA PRO A 294 21.30 -41.69 -47.91
C PRO A 294 20.25 -42.56 -48.63
N THR A 295 20.31 -42.60 -49.96
CA THR A 295 19.36 -43.43 -50.76
C THR A 295 20.15 -44.48 -51.55
N ALA A 296 21.27 -44.95 -50.98
CA ALA A 296 22.13 -45.97 -51.65
C ALA A 296 22.83 -45.36 -52.87
N LEU A 297 22.66 -44.05 -53.08
CA LEU A 297 23.33 -43.36 -54.21
C LEU A 297 24.03 -42.11 -53.67
N ALA A 298 23.65 -41.67 -52.46
CA ALA A 298 24.24 -40.45 -51.86
C ALA A 298 25.75 -40.65 -51.67
N THR A 299 26.17 -41.85 -51.28
CA THR A 299 27.60 -42.12 -51.00
C THR A 299 28.45 -41.50 -52.13
N ALA A 300 28.30 -41.97 -53.36
CA ALA A 300 29.02 -41.40 -54.52
C ALA A 300 30.51 -41.20 -54.17
N ALA A 301 31.09 -42.14 -53.42
CA ALA A 301 32.52 -42.05 -53.04
C ALA A 301 32.82 -40.69 -52.39
N ASN A 302 31.94 -40.22 -51.51
CA ASN A 302 32.18 -38.93 -50.79
C ASN A 302 32.62 -39.23 -49.35
N TRP A 303 32.85 -40.51 -49.04
CA TRP A 303 33.31 -40.89 -47.66
C TRP A 303 34.66 -40.24 -47.39
N ASP A 304 34.95 -39.93 -46.12
CA ASP A 304 36.25 -39.32 -45.74
C ASP A 304 37.07 -40.34 -44.94
N LYS A 305 38.39 -40.31 -45.08
CA LYS A 305 39.28 -41.22 -44.30
C LYS A 305 40.05 -40.41 -43.26
N ILE A 306 39.98 -40.82 -41.98
CA ILE A 306 40.71 -40.10 -40.90
C ILE A 306 41.87 -40.98 -40.42
N SER A 307 41.86 -42.27 -40.79
CA SER A 307 42.95 -43.19 -40.37
C SER A 307 44.31 -42.58 -40.71
N THR A 308 45.26 -42.65 -39.76
CA THR A 308 46.62 -42.12 -40.03
C THR A 308 47.24 -42.89 -41.20
N SER A 309 47.15 -44.23 -41.17
CA SER A 309 47.73 -45.07 -42.25
C SER A 309 46.61 -45.80 -43.00
N ILE A 310 46.79 -46.02 -44.30
CA ILE A 310 45.79 -46.78 -45.10
C ILE A 310 45.63 -48.18 -44.49
N LYS A 311 46.71 -48.71 -43.91
CA LYS A 311 46.66 -50.06 -43.28
C LYS A 311 45.63 -50.03 -42.15
N ASP A 312 45.58 -48.95 -41.37
CA ASP A 312 44.55 -48.82 -40.30
C ASP A 312 43.18 -49.13 -40.90
N THR A 313 42.76 -48.34 -41.90
CA THR A 313 41.45 -48.58 -42.57
C THR A 313 41.43 -50.00 -43.14
N GLY A 314 40.29 -50.68 -43.08
CA GLY A 314 40.23 -52.09 -43.54
C GLY A 314 39.41 -52.24 -44.80
N GLY A 315 40.00 -52.84 -45.85
CA GLY A 315 39.25 -53.11 -47.08
C GLY A 315 39.89 -52.52 -48.32
N VAL A 316 39.97 -53.30 -49.41
CA VAL A 316 40.52 -52.81 -50.67
C VAL A 316 39.59 -53.24 -51.80
N VAL A 317 39.46 -52.40 -52.82
CA VAL A 317 38.60 -52.64 -53.98
C VAL A 317 39.47 -53.06 -55.15
N LEU A 318 39.12 -54.16 -55.81
CA LEU A 318 39.78 -54.59 -57.03
C LEU A 318 38.79 -54.51 -58.18
N VAL A 319 39.17 -53.78 -59.23
CA VAL A 319 38.25 -53.59 -60.40
C VAL A 319 38.78 -54.41 -61.58
N THR A 320 37.93 -55.28 -62.14
CA THR A 320 38.33 -56.10 -63.33
C THR A 320 37.22 -55.99 -64.38
N LYS A 321 37.54 -56.24 -65.65
CA LYS A 321 36.52 -56.23 -66.72
C LYS A 321 35.50 -57.35 -66.47
N ALA B 2 64.17 9.32 31.87
CA ALA B 2 64.26 9.70 30.47
C ALA B 2 63.90 8.54 29.56
N LEU B 3 62.76 8.65 28.88
CA LEU B 3 62.30 7.58 28.00
C LEU B 3 63.25 7.35 26.83
N SER B 4 64.04 8.36 26.45
CA SER B 4 65.02 8.17 25.38
C SER B 4 66.16 7.26 25.83
N ASP B 5 66.54 7.31 27.11
CA ASP B 5 67.57 6.42 27.63
C ASP B 5 67.10 4.98 27.72
N LEU B 6 65.79 4.75 27.69
CA LEU B 6 65.23 3.41 27.78
C LEU B 6 65.08 2.79 26.38
N GLN B 7 64.70 1.52 26.36
CA GLN B 7 64.41 0.81 25.13
C GLN B 7 62.93 0.51 25.07
N VAL B 8 62.26 1.03 24.05
CA VAL B 8 60.81 0.97 23.93
C VAL B 8 60.46 -0.04 22.85
N PHE B 9 59.82 -1.12 23.26
CA PHE B 9 59.30 -2.13 22.34
C PHE B 9 57.79 -1.96 22.21
N ASN B 10 57.28 -2.14 20.99
CA ASN B 10 55.87 -1.97 20.70
C ASN B 10 55.22 -3.34 20.53
N ASP B 11 53.95 -3.41 20.91
CA ASP B 11 53.20 -4.66 20.80
C ASP B 11 52.93 -5.02 19.35
N TRP B 12 52.95 -6.32 19.06
CA TRP B 12 52.66 -6.79 17.67
C TRP B 12 52.01 -8.18 17.72
N ALA B 13 51.17 -8.49 16.73
CA ALA B 13 50.48 -9.80 16.69
C ALA B 13 49.99 -10.10 15.28
N TYR B 14 49.60 -11.35 15.01
CA TYR B 14 49.02 -11.71 13.68
C TYR B 14 47.57 -12.14 13.89
N LYS B 15 46.63 -11.41 13.28
CA LYS B 15 45.19 -11.77 13.37
C LYS B 15 44.94 -12.97 12.46
N THR B 16 45.84 -13.24 11.50
CA THR B 16 45.71 -14.40 10.60
C THR B 16 44.29 -14.47 10.03
N MET B 17 43.77 -13.34 9.55
CA MET B 17 42.38 -13.30 9.01
C MET B 17 42.36 -12.56 7.67
N SER B 18 41.62 -13.07 6.70
CA SER B 18 41.54 -12.42 5.36
C SER B 18 40.08 -12.21 4.98
N GLU B 19 39.72 -10.98 4.57
CA GLU B 19 38.32 -10.73 4.09
C GLU B 19 38.05 -11.67 2.91
N VAL B 20 36.84 -12.22 2.82
CA VAL B 20 36.54 -13.22 1.76
C VAL B 20 35.77 -12.54 0.61
N LEU B 21 34.77 -11.73 0.94
CA LEU B 21 33.94 -11.07 -0.11
C LEU B 21 33.43 -9.72 0.39
N ASP B 22 32.74 -8.96 -0.47
CA ASP B 22 32.22 -7.63 -0.07
C ASP B 22 30.72 -7.54 -0.42
N GLN B 23 30.35 -7.91 -1.65
CA GLN B 23 28.93 -7.84 -2.09
C GLN B 23 28.16 -9.02 -1.48
N GLN B 24 26.83 -8.93 -1.46
CA GLN B 24 26.00 -10.04 -0.90
C GLN B 24 25.86 -11.14 -1.95
N VAL B 25 26.28 -12.36 -1.61
CA VAL B 25 26.18 -13.52 -2.55
C VAL B 25 25.38 -14.64 -1.89
N GLU B 26 24.84 -14.38 -0.70
CA GLU B 26 24.06 -15.41 0.03
C GLU B 26 22.76 -15.70 -0.74
N LEU B 27 22.38 -14.80 -1.66
CA LEU B 27 21.14 -14.97 -2.45
C LEU B 27 21.39 -15.96 -3.59
N PHE B 28 22.59 -16.55 -3.63
CA PHE B 28 22.95 -17.50 -4.72
C PHE B 28 21.86 -18.56 -4.88
N ASN B 29 21.14 -18.89 -3.80
CA ASN B 29 20.04 -19.88 -3.89
C ASN B 29 19.16 -19.77 -2.63
N GLY B 30 17.90 -20.22 -2.72
CA GLY B 30 16.99 -20.20 -1.56
C GLY B 30 16.48 -18.81 -1.26
N ALA B 31 17.39 -17.84 -1.11
CA ALA B 31 16.99 -16.45 -0.80
C ALA B 31 16.15 -15.88 -1.95
N THR B 32 16.34 -16.41 -3.16
CA THR B 32 15.59 -15.91 -4.35
C THR B 32 14.34 -16.77 -4.58
N ARG B 33 13.91 -17.51 -3.57
CA ARG B 33 12.74 -18.42 -3.72
C ARG B 33 13.00 -19.39 -4.87
N GLY B 34 14.26 -19.83 -5.03
CA GLY B 34 14.59 -20.81 -6.08
C GLY B 34 14.72 -20.16 -7.45
N ALA B 35 14.57 -18.84 -7.53
CA ALA B 35 14.76 -18.13 -8.82
C ALA B 35 16.17 -18.43 -9.34
N ILE B 36 17.18 -18.24 -8.50
CA ILE B 36 18.57 -18.60 -8.89
C ILE B 36 18.90 -19.93 -8.21
N ILE B 37 18.95 -21.03 -8.97
CA ILE B 37 19.18 -22.37 -8.36
C ILE B 37 20.62 -22.81 -8.61
N LEU B 38 21.30 -23.31 -7.57
CA LEU B 38 22.67 -23.84 -7.74
C LEU B 38 22.62 -25.37 -7.70
N ARG B 39 23.08 -26.02 -8.76
CA ARG B 39 23.12 -27.51 -8.78
C ARG B 39 24.58 -27.94 -9.01
N SER B 40 24.87 -29.24 -8.86
CA SER B 40 26.24 -29.73 -9.14
C SER B 40 26.17 -30.84 -10.18
N ALA B 41 25.67 -30.53 -11.38
CA ALA B 41 25.53 -31.54 -12.45
C ALA B 41 26.60 -31.29 -13.52
N GLY B 42 27.53 -32.24 -13.70
CA GLY B 42 28.60 -32.09 -14.70
C GLY B 42 28.07 -32.22 -16.12
N ASN B 43 28.40 -31.25 -16.98
CA ASN B 43 27.94 -31.28 -18.40
C ASN B 43 29.16 -31.49 -19.30
N THR B 44 28.99 -32.23 -20.40
CA THR B 44 30.13 -32.54 -21.30
C THR B 44 30.32 -31.39 -22.30
N GLY B 45 31.49 -31.34 -22.95
CA GLY B 45 31.75 -30.30 -23.96
C GLY B 45 31.63 -28.89 -23.40
N ASP B 46 30.80 -28.05 -24.00
CA ASP B 46 30.63 -26.65 -23.52
C ASP B 46 29.18 -26.22 -23.75
N LEU B 47 28.26 -27.17 -23.87
CA LEU B 47 26.84 -26.81 -24.18
C LEU B 47 25.91 -27.96 -23.79
N SER B 48 24.68 -27.65 -23.39
CA SER B 48 23.68 -28.70 -23.04
C SER B 48 22.34 -28.32 -23.68
N GLU B 49 21.68 -29.27 -24.36
CA GLU B 49 20.41 -28.93 -25.07
C GLU B 49 19.29 -29.87 -24.63
N ALA B 50 18.03 -29.45 -24.83
CA ALA B 50 16.85 -30.28 -24.48
C ALA B 50 15.65 -29.81 -25.30
N ALA B 51 14.71 -30.71 -25.65
CA ALA B 51 13.57 -30.33 -26.53
C ALA B 51 12.23 -30.55 -25.83
N PHE B 52 11.34 -29.54 -25.84
CA PHE B 52 10.05 -29.65 -25.09
C PHE B 52 8.84 -29.75 -26.04
N TRP B 53 9.00 -30.36 -27.22
CA TRP B 53 7.87 -30.61 -28.16
C TRP B 53 7.00 -29.38 -28.39
N ALA B 54 7.51 -28.17 -28.11
CA ALA B 54 6.74 -26.93 -28.41
C ALA B 54 5.29 -27.03 -27.92
N LYS B 55 4.32 -26.63 -28.76
CA LYS B 55 2.89 -26.63 -28.36
C LYS B 55 2.01 -26.55 -29.63
N ILE B 56 0.85 -27.22 -29.63
CA ILE B 56 -0.10 -27.12 -30.79
C ILE B 56 -0.96 -25.87 -30.61
N GLN B 57 -1.10 -25.05 -31.65
CA GLN B 57 -1.83 -23.80 -31.52
C GLN B 57 -3.34 -24.00 -31.69
N GLY B 58 -3.76 -24.50 -32.84
CA GLY B 58 -5.18 -24.69 -33.09
C GLY B 58 -5.67 -26.08 -32.74
N LEU B 59 -5.47 -26.50 -31.49
CA LEU B 59 -5.87 -27.85 -31.10
C LEU B 59 -7.38 -28.02 -31.13
N VAL B 60 -8.13 -27.01 -30.71
CA VAL B 60 -9.58 -27.08 -30.68
C VAL B 60 -10.14 -26.28 -31.84
N ARG B 61 -11.08 -26.88 -32.56
CA ARG B 61 -11.58 -26.40 -33.84
C ARG B 61 -13.10 -26.46 -33.80
N PRO B 62 -13.79 -25.47 -34.39
CA PRO B 62 -15.25 -25.53 -34.46
C PRO B 62 -15.69 -26.48 -35.55
N ARG B 63 -16.48 -27.49 -35.18
CA ARG B 63 -16.95 -28.49 -36.12
C ARG B 63 -18.47 -28.43 -36.27
N ASP B 64 -18.94 -28.82 -37.43
CA ASP B 64 -20.37 -28.86 -37.75
C ASP B 64 -20.83 -30.30 -37.84
N PRO B 65 -21.71 -30.77 -36.96
CA PRO B 65 -22.18 -32.16 -37.07
C PRO B 65 -23.00 -32.42 -38.32
N TYR B 66 -23.51 -31.37 -38.98
CA TYR B 66 -24.33 -31.52 -40.18
C TYR B 66 -23.54 -31.35 -41.46
N SER B 67 -22.21 -31.25 -41.38
CA SER B 67 -21.38 -31.00 -42.55
C SER B 67 -20.31 -32.07 -42.67
N ASN B 68 -19.79 -32.24 -43.90
CA ASN B 68 -18.68 -33.21 -44.11
C ASN B 68 -17.63 -32.57 -45.03
N ALA B 69 -16.71 -31.80 -44.46
CA ALA B 69 -15.69 -31.10 -45.28
C ALA B 69 -14.28 -31.43 -44.77
N ASP B 70 -13.27 -31.26 -45.63
CA ASP B 70 -11.87 -31.59 -45.24
C ASP B 70 -11.39 -30.62 -44.15
N VAL B 71 -10.54 -31.09 -43.24
CA VAL B 71 -9.99 -30.21 -42.17
C VAL B 71 -8.46 -30.19 -42.32
N ALA B 72 -7.85 -29.00 -42.19
CA ALA B 72 -6.38 -28.87 -42.35
C ALA B 72 -5.66 -29.76 -41.33
N ALA B 73 -4.53 -30.36 -41.73
CA ALA B 73 -3.79 -31.26 -40.82
C ALA B 73 -2.78 -30.47 -39.99
N LYS B 74 -2.55 -30.87 -38.74
CA LYS B 74 -1.59 -30.19 -37.88
C LYS B 74 -0.38 -31.10 -37.65
N ASP B 75 0.78 -30.48 -37.41
CA ASP B 75 2.03 -31.27 -37.22
C ASP B 75 2.55 -31.09 -35.80
N LEU B 76 3.50 -31.94 -35.39
CA LEU B 76 4.08 -31.86 -34.01
C LEU B 76 5.49 -31.29 -34.10
N ARG B 77 5.73 -30.12 -33.50
CA ARG B 77 7.07 -29.47 -33.53
C ARG B 77 7.87 -29.87 -32.29
N GLN B 78 9.10 -29.37 -32.17
CA GLN B 78 9.95 -29.69 -30.99
C GLN B 78 10.91 -28.52 -30.73
N LEU B 79 10.53 -27.60 -29.83
CA LEU B 79 11.41 -26.45 -29.49
C LEU B 79 12.60 -26.96 -28.67
N VAL B 80 13.76 -26.29 -28.73
CA VAL B 80 14.99 -26.79 -28.06
C VAL B 80 15.51 -25.74 -27.06
N ASP B 81 15.75 -26.15 -25.81
CA ASP B 81 16.31 -25.23 -24.78
C ASP B 81 17.84 -25.38 -24.80
N ASN B 82 18.56 -24.47 -24.16
CA ASN B 82 20.05 -24.51 -24.24
C ASN B 82 20.67 -24.09 -22.90
N THR B 83 21.81 -24.70 -22.55
CA THR B 83 22.53 -24.32 -21.30
C THR B 83 24.02 -24.15 -21.63
N ILE B 84 24.51 -22.92 -21.65
CA ILE B 84 25.94 -22.65 -22.02
C ILE B 84 26.85 -22.98 -20.83
N LYS B 85 28.09 -23.39 -21.09
CA LYS B 85 29.05 -23.72 -19.99
C LYS B 85 30.03 -22.56 -19.83
N VAL B 86 30.33 -22.19 -18.57
CA VAL B 86 31.28 -21.07 -18.28
C VAL B 86 32.48 -21.63 -17.53
N ALA B 87 33.70 -21.23 -17.90
CA ALA B 87 34.94 -21.73 -17.24
C ALA B 87 35.55 -20.61 -16.39
N SER B 88 36.02 -20.94 -15.19
CA SER B 88 36.66 -19.93 -14.29
C SER B 88 37.93 -20.52 -13.66
N GLY B 89 38.95 -19.69 -13.45
CA GLY B 89 40.19 -20.16 -12.89
C GLY B 89 40.74 -19.16 -11.89
N THR B 90 41.93 -19.48 -11.37
CA THR B 90 42.61 -18.68 -10.39
C THR B 90 43.97 -18.26 -10.93
N PRO B 91 44.37 -17.00 -10.79
CA PRO B 91 45.70 -16.61 -11.22
C PRO B 91 46.76 -17.31 -10.38
N PRO B 92 48.00 -17.52 -10.89
CA PRO B 92 49.07 -18.12 -10.08
C PRO B 92 49.21 -17.40 -8.74
N ILE B 93 49.34 -18.15 -7.64
CA ILE B 93 49.50 -17.53 -6.30
C ILE B 93 50.87 -17.90 -5.73
N ASN B 94 51.78 -16.93 -5.65
CA ASN B 94 53.11 -17.19 -5.06
C ASN B 94 52.93 -17.47 -3.56
N ILE B 95 53.27 -18.70 -3.12
CA ILE B 95 53.08 -19.08 -1.69
C ILE B 95 54.33 -19.81 -1.20
N PRO B 96 55.54 -19.22 -1.24
CA PRO B 96 56.76 -19.92 -0.85
C PRO B 96 56.75 -20.24 0.63
N PRO B 97 57.26 -21.41 1.03
CA PRO B 97 57.27 -21.75 2.45
C PRO B 97 58.22 -20.90 3.28
N SER B 98 59.18 -20.23 2.65
CA SER B 98 60.20 -19.50 3.40
C SER B 98 59.60 -18.29 4.12
N MET B 99 58.70 -17.55 3.45
CA MET B 99 58.15 -16.32 4.06
C MET B 99 57.39 -16.68 5.35
N LEU B 100 56.55 -17.71 5.31
CA LEU B 100 55.72 -18.08 6.49
C LEU B 100 56.60 -18.55 7.64
N ARG B 101 57.59 -19.40 7.34
CA ARG B 101 58.46 -19.97 8.40
C ARG B 101 59.24 -18.82 9.07
N TRP B 102 59.71 -17.86 8.28
CA TRP B 102 60.46 -16.74 8.83
C TRP B 102 59.69 -16.00 9.90
N ILE B 103 58.36 -16.12 9.92
CA ILE B 103 57.54 -15.48 10.93
C ILE B 103 56.82 -16.54 11.74
N GLN B 104 57.42 -17.74 11.80
CA GLN B 104 56.82 -18.86 12.59
C GLN B 104 55.36 -19.07 12.18
N LYS B 105 55.11 -19.29 10.89
CA LYS B 105 53.73 -19.58 10.42
C LYS B 105 53.73 -20.92 9.68
N ASN B 106 52.85 -21.85 10.09
CA ASN B 106 52.73 -23.15 9.36
C ASN B 106 52.51 -22.83 7.88
N PRO B 107 53.38 -23.29 6.95
CA PRO B 107 53.15 -23.07 5.51
C PRO B 107 51.79 -23.52 5.02
N GLN B 108 51.11 -24.37 5.81
CA GLN B 108 49.76 -24.85 5.43
C GLN B 108 48.76 -23.69 5.53
N GLU B 109 49.07 -22.68 6.35
CA GLU B 109 48.15 -21.53 6.55
C GLU B 109 47.90 -20.85 5.19
N ALA B 110 48.97 -20.65 4.40
CA ALA B 110 48.81 -20.04 3.06
C ALA B 110 47.64 -20.71 2.33
N GLY B 111 47.68 -22.04 2.19
CA GLY B 111 46.62 -22.76 1.52
C GLY B 111 45.25 -22.50 2.12
N ALA B 112 45.20 -22.40 3.46
CA ALA B 112 43.92 -22.13 4.15
C ALA B 112 43.42 -20.73 3.77
N VAL B 113 44.31 -19.75 3.75
CA VAL B 113 43.92 -18.34 3.41
C VAL B 113 43.29 -18.34 2.02
N ILE B 114 43.92 -19.02 1.05
CA ILE B 114 43.38 -19.09 -0.33
C ILE B 114 41.95 -19.64 -0.26
N GLY B 115 41.78 -20.84 0.32
CA GLY B 115 40.46 -21.48 0.37
C GLY B 115 39.42 -20.56 0.99
N GLN B 116 39.75 -19.91 2.10
CA GLN B 116 38.81 -18.99 2.79
C GLN B 116 38.24 -18.01 1.76
N GLN B 117 39.11 -17.22 1.12
CA GLN B 117 38.63 -16.20 0.15
C GLN B 117 37.98 -16.89 -1.06
N LEU B 118 38.62 -17.92 -1.60
CA LEU B 118 38.12 -18.57 -2.85
C LEU B 118 36.62 -18.85 -2.75
N ALA B 119 36.16 -19.46 -1.66
CA ALA B 119 34.74 -19.84 -1.55
C ALA B 119 33.85 -18.67 -1.98
N GLY B 120 34.00 -17.52 -1.32
CA GLY B 120 33.13 -16.36 -1.63
C GLY B 120 33.34 -15.87 -3.05
N ASP B 121 34.60 -15.77 -3.50
CA ASP B 121 34.90 -15.24 -4.86
C ASP B 121 34.25 -16.15 -5.91
N THR B 122 34.38 -17.46 -5.74
CA THR B 122 33.79 -18.43 -6.71
C THR B 122 32.29 -18.17 -6.81
N MET B 123 31.59 -18.20 -5.68
CA MET B 123 30.12 -17.98 -5.67
C MET B 123 29.81 -16.62 -6.27
N GLN B 124 30.61 -15.60 -5.93
CA GLN B 124 30.36 -14.22 -6.42
C GLN B 124 30.41 -14.20 -7.95
N ASP B 125 31.47 -14.78 -8.54
CA ASP B 125 31.62 -14.74 -10.03
C ASP B 125 30.43 -15.47 -10.65
N MET B 126 30.08 -16.64 -10.11
CA MET B 126 28.96 -17.45 -10.67
C MET B 126 27.66 -16.62 -10.60
N LEU B 127 27.41 -15.98 -9.46
CA LEU B 127 26.19 -15.16 -9.29
C LEU B 127 26.22 -13.99 -10.26
N ASN B 128 27.32 -13.22 -10.27
CA ASN B 128 27.42 -12.03 -11.14
C ASN B 128 27.21 -12.44 -12.60
N ASN B 129 27.73 -13.61 -12.98
CA ASN B 129 27.61 -14.05 -14.40
C ASN B 129 26.17 -14.47 -14.70
N GLY B 130 25.54 -15.21 -13.77
CA GLY B 130 24.14 -15.61 -13.95
C GLY B 130 23.24 -14.38 -14.08
N LEU B 131 23.45 -13.37 -13.25
CA LEU B 131 22.62 -12.13 -13.30
C LEU B 131 22.83 -11.45 -14.67
N ALA B 132 24.09 -11.33 -15.11
CA ALA B 132 24.39 -10.72 -16.42
C ALA B 132 23.66 -11.50 -17.52
N ALA B 133 23.78 -12.83 -17.49
CA ALA B 133 23.16 -13.67 -18.53
C ALA B 133 21.63 -13.46 -18.50
N GLY B 134 21.03 -13.49 -17.32
CA GLY B 134 19.57 -13.30 -17.19
C GLY B 134 19.14 -11.94 -17.70
N LYS B 135 19.87 -10.88 -17.31
CA LYS B 135 19.56 -9.51 -17.79
C LYS B 135 19.65 -9.50 -19.32
N ALA B 136 20.74 -10.05 -19.87
CA ALA B 136 20.90 -10.09 -21.35
C ALA B 136 19.77 -10.92 -21.95
N ALA B 137 19.45 -12.06 -21.35
CA ALA B 137 18.39 -12.94 -21.89
C ALA B 137 17.03 -12.21 -21.89
N PHE B 138 16.64 -11.66 -20.74
CA PHE B 138 15.32 -10.97 -20.61
C PHE B 138 15.25 -9.88 -21.68
N THR B 139 16.33 -9.11 -21.85
CA THR B 139 16.36 -8.04 -22.87
C THR B 139 16.06 -8.63 -24.24
N ALA B 140 16.86 -9.61 -24.68
CA ALA B 140 16.66 -10.22 -26.00
C ALA B 140 15.21 -10.63 -26.21
N GLY B 141 14.58 -11.20 -25.18
CA GLY B 141 13.25 -11.75 -25.29
C GLY B 141 12.12 -10.75 -25.26
N GLY B 142 12.43 -9.45 -25.14
CA GLY B 142 11.41 -8.44 -25.10
C GLY B 142 10.77 -8.21 -23.76
N ALA B 143 11.35 -8.81 -22.71
CA ALA B 143 10.82 -8.63 -21.34
C ALA B 143 11.67 -7.61 -20.59
N VAL B 144 11.71 -6.36 -21.09
CA VAL B 144 12.55 -5.31 -20.47
C VAL B 144 11.85 -3.95 -20.61
N HIS B 145 11.87 -3.14 -19.55
CA HIS B 145 11.27 -1.76 -19.63
C HIS B 145 12.22 -0.78 -18.94
N ASP B 146 12.20 0.49 -19.37
CA ASP B 146 13.14 1.50 -18.81
C ASP B 146 12.35 2.57 -18.05
N ILE B 147 12.99 3.22 -17.07
CA ILE B 147 12.32 4.32 -16.30
C ILE B 147 12.91 5.66 -16.78
N SER B 148 14.07 5.61 -17.44
CA SER B 148 14.67 6.86 -17.99
C SER B 148 13.68 7.48 -18.97
N ALA B 149 13.02 6.66 -19.79
CA ALA B 149 12.00 7.16 -20.72
C ALA B 149 10.77 7.62 -19.92
N ALA B 150 10.42 6.90 -18.86
CA ALA B 150 9.24 7.23 -18.03
C ALA B 150 9.60 8.37 -17.07
N GLY B 151 9.70 9.60 -17.58
CA GLY B 151 10.05 10.75 -16.73
C GLY B 151 11.37 10.52 -16.01
N THR B 152 11.41 10.81 -14.70
CA THR B 152 12.64 10.57 -13.90
C THR B 152 12.92 9.07 -13.85
N GLY B 153 14.18 8.67 -14.09
CA GLY B 153 14.55 7.25 -14.03
C GLY B 153 14.96 6.84 -12.63
N LEU B 154 13.97 6.62 -11.74
CA LEU B 154 14.27 6.22 -10.34
C LEU B 154 13.45 4.99 -9.96
N MET B 155 13.70 4.42 -8.79
CA MET B 155 12.94 3.23 -8.32
C MET B 155 11.62 3.69 -7.70
N THR B 156 10.48 3.24 -8.25
CA THR B 156 9.15 3.66 -7.74
C THR B 156 8.22 2.44 -7.72
N GLN B 157 7.24 2.43 -6.82
CA GLN B 157 6.26 1.31 -6.77
C GLN B 157 5.69 1.09 -8.17
N ARG B 158 5.40 2.16 -8.90
CA ARG B 158 4.79 2.05 -10.25
C ARG B 158 5.71 1.20 -11.14
N ALA B 159 7.01 1.49 -11.12
CA ALA B 159 7.98 0.74 -11.97
C ALA B 159 7.73 -0.76 -11.81
N PHE B 160 7.63 -1.25 -10.57
CA PHE B 160 7.40 -2.70 -10.33
C PHE B 160 6.11 -3.12 -11.02
N ASN B 161 5.04 -2.34 -10.84
CA ASN B 161 3.72 -2.69 -11.44
C ASN B 161 3.82 -2.69 -12.97
N ALA B 162 4.50 -1.69 -13.54
CA ALA B 162 4.59 -1.61 -15.00
C ALA B 162 5.38 -2.78 -15.58
N ALA B 163 6.40 -3.23 -14.88
CA ALA B 163 7.08 -4.46 -15.30
C ALA B 163 6.21 -5.69 -15.05
N GLN B 164 5.40 -5.62 -13.99
CA GLN B 164 4.50 -6.75 -13.64
C GLN B 164 3.43 -6.90 -14.74
N ARG B 165 3.26 -5.86 -15.56
CA ARG B 165 2.27 -5.95 -16.67
C ARG B 165 2.68 -7.08 -17.62
N ILE B 166 3.99 -7.30 -17.78
CA ILE B 166 4.48 -8.43 -18.63
C ILE B 166 4.07 -9.75 -17.94
N PHE B 167 4.01 -10.85 -18.68
CA PHE B 167 3.59 -12.16 -18.12
C PHE B 167 2.06 -12.17 -17.98
N GLY B 168 1.41 -11.05 -18.29
CA GLY B 168 -0.07 -11.00 -18.27
C GLY B 168 -0.67 -11.56 -16.99
N ASP B 169 -1.67 -12.44 -17.13
CA ASP B 169 -2.35 -13.01 -15.93
C ASP B 169 -1.34 -13.80 -15.11
N ARG B 170 -0.46 -14.57 -15.76
CA ARG B 170 0.57 -15.36 -15.05
C ARG B 170 1.73 -14.42 -14.69
N SER B 171 1.45 -13.36 -13.95
CA SER B 171 2.52 -12.40 -13.53
C SER B 171 2.82 -12.61 -12.05
N THR B 172 1.96 -13.35 -11.34
CA THR B 172 2.18 -13.64 -9.91
C THR B 172 3.33 -14.64 -9.77
N ASP B 173 3.71 -15.29 -10.87
CA ASP B 173 4.84 -16.26 -10.85
C ASP B 173 6.12 -15.53 -10.43
N ILE B 174 6.25 -14.24 -10.80
CA ILE B 174 7.44 -13.46 -10.36
C ILE B 174 7.56 -13.58 -8.83
N GLN B 175 8.72 -14.02 -8.34
CA GLN B 175 8.88 -14.25 -6.88
C GLN B 175 9.70 -13.12 -6.25
N VAL B 176 10.91 -12.87 -6.75
CA VAL B 176 11.80 -11.84 -6.14
C VAL B 176 12.25 -10.85 -7.22
N TRP B 177 12.83 -9.72 -6.81
CA TRP B 177 13.36 -8.74 -7.78
C TRP B 177 14.83 -8.47 -7.48
N VAL B 178 15.72 -9.32 -7.98
CA VAL B 178 17.18 -9.12 -7.77
C VAL B 178 17.54 -7.71 -8.26
N SER B 179 18.08 -6.88 -7.37
CA SER B 179 18.41 -5.47 -7.74
C SER B 179 19.67 -5.02 -7.00
N HIS B 180 20.15 -3.82 -7.33
CA HIS B 180 21.36 -3.28 -6.66
C HIS B 180 20.94 -2.53 -5.39
N SER B 181 21.91 -2.18 -4.55
CA SER B 181 21.62 -1.40 -3.31
C SER B 181 21.11 -0.01 -3.67
N SER B 182 21.68 0.62 -4.70
CA SER B 182 21.29 2.01 -5.06
C SER B 182 19.79 2.10 -5.37
N PRO B 183 19.20 1.26 -6.24
CA PRO B 183 17.75 1.29 -6.49
C PRO B 183 16.96 1.22 -5.17
N LEU B 184 17.38 0.38 -4.24
CA LEU B 184 16.68 0.25 -2.93
C LEU B 184 16.67 1.61 -2.24
N PHE B 185 17.82 2.30 -2.20
CA PHE B 185 17.90 3.63 -1.55
C PHE B 185 17.06 4.64 -2.34
N ASP B 186 17.04 4.52 -3.68
CA ASP B 186 16.19 5.41 -4.50
C ASP B 186 14.73 5.22 -4.09
N LEU B 187 14.32 3.95 -3.92
CA LEU B 187 12.92 3.65 -3.49
C LEU B 187 12.72 4.21 -2.07
N TYR B 188 13.70 3.98 -1.18
CA TYR B 188 13.62 4.52 0.20
C TYR B 188 13.46 6.05 0.13
N ASP B 189 14.30 6.71 -0.67
CA ASP B 189 14.17 8.15 -0.85
C ASP B 189 12.76 8.52 -1.29
N ASN B 190 12.19 7.75 -2.23
CA ASN B 190 10.84 8.03 -2.71
C ASN B 190 9.80 7.76 -1.63
N ALA B 191 10.10 6.82 -0.74
CA ALA B 191 9.17 6.49 0.37
C ALA B 191 9.26 7.58 1.44
N LEU B 192 10.47 8.10 1.69
CA LEU B 192 10.65 9.19 2.67
C LEU B 192 9.84 10.41 2.23
N ALA B 193 9.84 10.70 0.93
CA ALA B 193 9.08 11.86 0.39
C ALA B 193 7.86 11.35 -0.37
N ASN B 194 7.05 10.49 0.26
CA ASN B 194 5.88 9.91 -0.44
C ASN B 194 4.99 11.04 -0.96
N ALA B 195 4.74 11.08 -2.27
CA ALA B 195 3.81 12.09 -2.84
C ALA B 195 2.42 11.85 -2.24
N GLU B 196 1.85 10.66 -2.44
CA GLU B 196 0.53 10.33 -1.84
C GLU B 196 0.77 9.68 -0.47
N GLN B 197 -0.28 9.56 0.35
CA GLN B 197 -0.11 9.01 1.73
C GLN B 197 -0.15 7.48 1.69
N LEU B 198 0.95 6.85 1.28
CA LEU B 198 1.03 5.36 1.29
C LEU B 198 2.03 4.93 2.36
N TYR B 199 2.97 5.82 2.71
CA TYR B 199 4.04 5.44 3.67
C TYR B 199 4.00 6.31 4.92
N VAL B 200 4.47 5.78 6.05
CA VAL B 200 4.56 6.57 7.31
C VAL B 200 5.95 6.31 7.91
N PHE B 201 6.33 7.05 8.95
CA PHE B 201 7.68 6.90 9.54
C PHE B 201 8.06 5.42 9.63
N GLY B 202 7.12 4.57 10.09
CA GLY B 202 7.44 3.14 10.28
C GLY B 202 7.35 2.31 9.02
N THR B 203 6.51 2.71 8.05
CA THR B 203 6.31 1.85 6.84
C THR B 203 7.31 2.22 5.73
N VAL B 204 8.07 3.32 5.91
CA VAL B 204 9.00 3.77 4.83
C VAL B 204 9.95 2.62 4.49
N ASN B 205 10.55 1.98 5.49
CA ASN B 205 11.56 0.91 5.22
C ASN B 205 10.84 -0.41 4.94
N VAL B 206 10.70 -0.78 3.66
CA VAL B 206 10.04 -2.07 3.29
C VAL B 206 10.89 -2.78 2.23
N ARG B 207 11.40 -3.97 2.54
CA ARG B 207 12.19 -4.75 1.55
C ARG B 207 11.24 -5.27 0.46
N ALA B 208 10.07 -5.79 0.86
CA ALA B 208 9.08 -6.28 -0.13
C ALA B 208 8.24 -5.09 -0.61
N ASP B 209 8.45 -4.64 -1.84
CA ASP B 209 7.73 -3.45 -2.35
C ASP B 209 6.87 -3.84 -3.57
N ALA B 210 7.31 -4.86 -4.33
CA ALA B 210 6.58 -5.25 -5.55
C ALA B 210 5.38 -6.12 -5.20
N PHE B 211 4.35 -5.53 -4.60
CA PHE B 211 3.12 -6.29 -4.23
C PHE B 211 3.49 -7.52 -3.41
N GLY B 212 4.41 -7.35 -2.45
CA GLY B 212 4.78 -8.47 -1.54
C GLY B 212 5.99 -9.24 -2.03
N ARG B 213 6.51 -8.91 -3.22
CA ARG B 213 7.71 -9.59 -3.77
C ARG B 213 8.97 -8.94 -3.18
N PRO B 214 9.83 -9.70 -2.47
CA PRO B 214 11.05 -9.16 -1.86
C PRO B 214 12.02 -8.64 -2.91
N ILE B 215 12.69 -7.52 -2.63
CA ILE B 215 13.71 -6.97 -3.57
C ILE B 215 15.09 -7.44 -3.10
N ILE B 216 15.64 -8.47 -3.75
CA ILE B 216 17.00 -8.97 -3.40
C ILE B 216 18.01 -7.86 -3.66
N ILE B 217 18.92 -7.61 -2.72
CA ILE B 217 19.89 -6.48 -2.87
C ILE B 217 21.31 -7.05 -2.96
N THR B 218 21.98 -6.85 -4.09
CA THR B 218 23.39 -7.30 -4.25
C THR B 218 24.16 -6.26 -5.07
N ASP B 219 25.41 -5.98 -4.68
CA ASP B 219 26.24 -5.00 -5.44
C ASP B 219 26.89 -5.70 -6.63
N SER B 220 26.08 -6.38 -7.45
CA SER B 220 26.61 -7.07 -8.65
C SER B 220 26.91 -6.06 -9.75
N PRO B 221 28.11 -6.06 -10.37
CA PRO B 221 28.44 -5.15 -11.47
C PRO B 221 27.45 -5.32 -12.63
N ALA B 222 26.93 -6.54 -12.81
CA ALA B 222 25.95 -6.80 -13.90
C ALA B 222 24.72 -5.90 -13.71
N LEU B 223 24.26 -5.74 -12.47
CA LEU B 223 23.04 -4.93 -12.21
C LEU B 223 23.30 -3.46 -12.57
N VAL B 224 24.44 -2.90 -12.14
CA VAL B 224 24.73 -1.46 -12.39
C VAL B 224 26.04 -1.35 -13.18
N SER B 225 25.96 -0.93 -14.45
CA SER B 225 27.18 -0.76 -15.28
C SER B 225 27.17 0.63 -15.93
N GLY B 226 26.43 1.57 -15.34
CA GLY B 226 26.34 2.93 -15.91
C GLY B 226 27.34 3.88 -15.27
N ALA B 227 27.50 5.08 -15.85
CA ALA B 227 28.42 6.10 -15.28
C ALA B 227 27.82 7.49 -15.46
N ALA B 228 27.96 8.36 -14.45
CA ALA B 228 27.46 9.75 -14.55
C ALA B 228 26.00 9.75 -15.01
N GLU B 229 25.69 10.48 -16.09
CA GLU B 229 24.30 10.55 -16.61
C GLU B 229 23.91 9.18 -17.19
N THR B 230 24.86 8.48 -17.82
CA THR B 230 24.57 7.17 -18.46
C THR B 230 24.39 6.09 -17.39
N LEU B 231 24.56 6.44 -16.11
CA LEU B 231 24.37 5.47 -15.01
C LEU B 231 23.02 4.78 -15.18
N ARG B 232 23.02 3.46 -15.37
CA ARG B 232 21.75 2.69 -15.49
C ARG B 232 21.75 1.53 -14.49
N HIS B 233 20.59 1.26 -13.88
CA HIS B 233 20.47 0.15 -12.90
C HIS B 233 19.59 -0.94 -13.51
N SER B 234 19.83 -2.21 -13.14
CA SER B 234 19.04 -3.34 -13.69
C SER B 234 18.37 -4.12 -12.56
N THR B 235 17.04 -4.02 -12.45
CA THR B 235 16.29 -4.79 -11.42
C THR B 235 15.54 -5.92 -12.12
N LEU B 236 16.05 -7.15 -12.03
CA LEU B 236 15.42 -8.30 -12.75
C LEU B 236 14.49 -9.05 -11.80
N GLY B 237 13.18 -9.09 -12.12
CA GLY B 237 12.22 -9.84 -11.30
C GLY B 237 12.31 -11.30 -11.69
N LEU B 238 12.70 -12.17 -10.76
CA LEU B 238 12.93 -13.59 -11.14
C LEU B 238 11.81 -14.50 -10.62
N THR B 239 11.28 -15.35 -11.50
CA THR B 239 10.26 -16.34 -11.07
C THR B 239 10.99 -17.59 -10.58
N THR B 240 10.29 -18.51 -9.91
CA THR B 240 10.97 -19.71 -9.35
C THR B 240 11.70 -20.43 -10.48
N GLY B 241 13.00 -20.68 -10.32
CA GLY B 241 13.79 -21.40 -11.35
C GLY B 241 14.09 -20.50 -12.54
N ALA B 242 14.15 -19.18 -12.34
CA ALA B 242 14.46 -18.25 -13.44
C ALA B 242 15.91 -18.46 -13.90
N ILE B 243 16.86 -18.52 -12.96
CA ILE B 243 18.30 -18.66 -13.33
C ILE B 243 18.80 -20.04 -12.89
N LEU B 244 19.38 -20.79 -13.83
CA LEU B 244 19.88 -22.16 -13.51
C LEU B 244 21.42 -22.16 -13.55
N ILE B 245 22.05 -22.56 -12.45
CA ILE B 245 23.55 -22.65 -12.41
C ILE B 245 23.92 -24.08 -11.98
N GLU B 246 24.62 -24.82 -12.84
CA GLU B 246 24.99 -26.22 -12.51
C GLU B 246 26.51 -26.38 -12.53
N GLN B 247 27.11 -26.65 -11.36
CA GLN B 247 28.59 -26.86 -11.30
C GLN B 247 28.93 -28.16 -12.03
N ASN B 248 29.96 -28.14 -12.88
CA ASN B 248 30.31 -29.34 -13.69
C ASN B 248 31.23 -30.28 -12.88
N GLN B 249 31.29 -30.08 -11.56
CA GLN B 249 32.09 -31.00 -10.69
C GLN B 249 33.43 -31.31 -11.37
N ASP B 250 34.15 -30.27 -11.82
CA ASP B 250 35.45 -30.47 -12.50
C ASP B 250 36.49 -29.51 -11.90
N PHE B 251 36.87 -29.75 -10.64
CA PHE B 251 37.80 -28.80 -9.96
C PHE B 251 39.23 -29.36 -9.94
N ASP B 252 40.19 -28.60 -10.47
CA ASP B 252 41.58 -28.98 -10.45
C ASP B 252 42.38 -27.89 -9.76
N SER B 253 43.17 -28.27 -8.76
CA SER B 253 44.08 -27.36 -8.09
C SER B 253 45.45 -28.02 -7.99
N THR B 254 46.49 -27.30 -8.40
CA THR B 254 47.87 -27.86 -8.38
C THR B 254 48.84 -26.84 -7.77
N VAL B 255 49.66 -27.27 -6.80
CA VAL B 255 50.70 -26.38 -6.21
C VAL B 255 52.06 -26.88 -6.70
N VAL B 256 52.75 -26.11 -7.55
CA VAL B 256 54.04 -26.58 -8.12
C VAL B 256 55.19 -26.07 -7.25
N ASP B 257 56.25 -26.87 -7.11
CA ASP B 257 57.43 -26.45 -6.29
C ASP B 257 58.61 -26.19 -7.24
N GLY B 258 59.57 -25.36 -6.80
CA GLY B 258 60.73 -25.02 -7.64
C GLY B 258 62.05 -25.29 -6.94
N THR B 259 63.02 -25.86 -7.66
CA THR B 259 64.36 -26.13 -7.07
C THR B 259 65.44 -25.51 -7.96
N GLY B 260 66.37 -24.76 -7.37
CA GLY B 260 67.41 -24.06 -8.16
C GLY B 260 67.53 -22.60 -7.76
N LYS B 261 66.82 -22.19 -6.70
CA LYS B 261 66.88 -20.78 -6.23
C LYS B 261 67.30 -20.76 -4.75
N GLN B 262 67.60 -19.58 -4.21
CA GLN B 262 68.00 -19.46 -2.79
C GLN B 262 66.91 -20.09 -1.91
N ASN B 263 65.64 -19.88 -2.26
CA ASN B 263 64.52 -20.43 -1.46
C ASN B 263 63.60 -21.24 -2.36
N ILE B 264 62.85 -22.19 -1.78
CA ILE B 264 61.88 -23.01 -2.57
C ILE B 264 60.74 -22.10 -3.06
N THR B 265 60.30 -22.28 -4.31
CA THR B 265 59.20 -21.45 -4.87
C THR B 265 57.96 -22.32 -5.06
N ARG B 266 56.79 -21.82 -4.65
CA ARG B 266 55.52 -22.59 -4.79
C ARG B 266 54.47 -21.74 -5.51
N GLN B 267 53.63 -22.38 -6.34
CA GLN B 267 52.62 -21.63 -7.13
C GLN B 267 51.27 -22.34 -7.09
N TYR B 268 50.23 -21.66 -6.59
CA TYR B 268 48.89 -22.23 -6.53
C TYR B 268 48.13 -21.83 -7.79
N GLN B 269 47.35 -22.77 -8.31
CA GLN B 269 46.62 -22.57 -9.56
C GLN B 269 45.41 -23.48 -9.54
N ALA B 270 44.22 -22.89 -9.75
CA ALA B 270 42.99 -23.66 -9.74
C ALA B 270 42.14 -23.31 -10.96
N GLU B 271 41.26 -24.24 -11.32
CA GLU B 271 40.33 -24.02 -12.41
C GLU B 271 39.12 -24.91 -12.21
N TRP B 272 37.94 -24.41 -12.62
CA TRP B 272 36.68 -25.19 -12.49
C TRP B 272 35.76 -24.77 -13.65
N SER B 273 34.54 -25.32 -13.69
CA SER B 273 33.57 -24.90 -14.74
C SER B 273 32.14 -25.06 -14.23
N TYR B 274 31.21 -24.27 -14.79
CA TYR B 274 29.78 -24.34 -14.39
C TYR B 274 28.89 -24.00 -15.57
N ASN B 275 27.80 -24.75 -15.76
CA ASN B 275 26.85 -24.45 -16.87
C ASN B 275 25.90 -23.33 -16.42
N LEU B 276 25.51 -22.45 -17.35
CA LEU B 276 24.64 -21.30 -17.01
C LEU B 276 23.40 -21.33 -17.93
N GLY B 277 22.20 -21.27 -17.35
CA GLY B 277 20.96 -21.35 -18.15
C GLY B 277 19.90 -20.38 -17.66
N VAL B 278 19.14 -19.78 -18.58
CA VAL B 278 18.03 -18.86 -18.19
C VAL B 278 16.71 -19.48 -18.68
N ASN B 279 15.70 -19.55 -17.80
CA ASN B 279 14.42 -20.20 -18.17
C ASN B 279 13.83 -19.53 -19.40
N GLY B 280 13.34 -20.31 -20.37
CA GLY B 280 12.69 -19.76 -21.57
C GLY B 280 13.65 -19.00 -22.46
N TYR B 281 14.95 -19.29 -22.35
CA TYR B 281 15.97 -18.59 -23.17
C TYR B 281 17.08 -19.57 -23.57
N ALA B 282 17.78 -19.29 -24.68
CA ALA B 282 18.86 -20.17 -25.15
C ALA B 282 20.07 -19.33 -25.58
N TYR B 283 21.29 -19.85 -25.41
CA TYR B 283 22.47 -19.12 -25.82
C TYR B 283 22.82 -19.46 -27.26
N ASP B 284 23.24 -18.43 -28.00
CA ASP B 284 23.54 -18.56 -29.42
C ASP B 284 25.04 -18.78 -29.58
N ILE B 285 25.44 -20.03 -29.82
CA ILE B 285 26.84 -20.35 -30.06
C ILE B 285 27.31 -19.74 -31.38
N ALA B 286 26.45 -19.69 -32.39
CA ALA B 286 26.85 -19.16 -33.69
C ALA B 286 27.24 -17.68 -33.58
N THR B 287 26.51 -16.92 -32.79
CA THR B 287 26.78 -15.50 -32.62
C THR B 287 27.82 -15.25 -31.53
N GLY B 288 27.65 -15.87 -30.36
CA GLY B 288 28.59 -15.73 -29.27
C GLY B 288 29.74 -16.70 -29.38
N GLY B 289 30.52 -16.79 -28.31
CA GLY B 289 31.61 -17.73 -28.27
C GLY B 289 31.18 -19.11 -27.82
N LYS B 290 32.11 -20.06 -27.88
CA LYS B 290 31.82 -21.42 -27.36
C LYS B 290 32.00 -21.35 -25.84
N ALA B 291 33.18 -20.91 -25.38
CA ALA B 291 33.38 -20.66 -23.93
C ALA B 291 33.22 -19.15 -23.78
N PRO B 292 32.02 -18.62 -23.49
CA PRO B 292 31.78 -17.17 -23.50
C PRO B 292 32.37 -16.32 -22.38
N ASN B 293 33.04 -15.22 -22.72
CA ASN B 293 33.50 -14.29 -21.71
C ASN B 293 32.31 -13.75 -20.92
N PRO B 294 32.56 -13.17 -19.74
CA PRO B 294 31.47 -12.47 -19.06
C PRO B 294 30.88 -11.33 -19.87
N THR B 295 31.66 -10.76 -20.81
CA THR B 295 31.12 -9.75 -21.70
C THR B 295 30.21 -10.37 -22.75
N ALA B 296 30.55 -11.58 -23.22
CA ALA B 296 29.69 -12.26 -24.20
C ALA B 296 28.39 -12.72 -23.57
N LEU B 297 28.43 -13.13 -22.31
CA LEU B 297 27.19 -13.46 -21.61
C LEU B 297 26.32 -12.23 -21.42
N ALA B 298 26.94 -11.08 -21.13
CA ALA B 298 26.21 -9.87 -20.77
C ALA B 298 25.55 -9.19 -21.95
N THR B 299 25.84 -9.60 -23.18
CA THR B 299 25.28 -8.95 -24.35
C THR B 299 24.09 -9.74 -24.88
N ALA B 300 23.04 -9.01 -25.28
CA ALA B 300 21.97 -9.62 -26.03
C ALA B 300 22.46 -9.96 -27.44
N ALA B 301 21.56 -10.53 -28.24
CA ALA B 301 21.87 -11.04 -29.58
C ALA B 301 22.70 -12.31 -29.49
N ASN B 302 23.13 -12.66 -28.28
CA ASN B 302 23.67 -13.98 -27.98
C ASN B 302 22.62 -14.90 -27.38
N TRP B 303 21.45 -14.38 -27.07
CA TRP B 303 20.34 -15.14 -26.51
C TRP B 303 19.11 -14.95 -27.39
N ASP B 304 18.19 -15.91 -27.30
CA ASP B 304 16.93 -15.82 -28.01
C ASP B 304 15.91 -16.71 -27.31
N LYS B 305 14.74 -16.16 -27.02
CA LYS B 305 13.75 -16.92 -26.27
C LYS B 305 13.19 -18.06 -27.11
N ILE B 306 13.01 -19.22 -26.46
CA ILE B 306 12.50 -20.41 -27.17
C ILE B 306 11.03 -20.61 -26.80
N SER B 307 10.70 -20.40 -25.53
CA SER B 307 9.29 -20.53 -25.06
C SER B 307 8.37 -19.74 -25.99
N THR B 308 7.27 -20.36 -26.44
CA THR B 308 6.35 -19.68 -27.39
C THR B 308 5.87 -18.35 -26.78
N SER B 309 5.63 -18.32 -25.47
CA SER B 309 5.15 -17.08 -24.80
C SER B 309 6.23 -16.51 -23.88
N ILE B 310 6.03 -15.28 -23.39
CA ILE B 310 7.05 -14.61 -22.53
C ILE B 310 6.81 -15.03 -21.07
N LYS B 311 5.57 -15.39 -20.72
CA LYS B 311 5.25 -15.73 -19.31
C LYS B 311 5.83 -17.12 -18.99
N ASP B 312 6.41 -17.80 -19.99
CA ASP B 312 7.06 -19.12 -19.75
C ASP B 312 8.58 -18.93 -19.73
N THR B 313 9.05 -17.69 -19.65
CA THR B 313 10.52 -17.42 -19.57
C THR B 313 10.93 -17.23 -18.11
N GLY B 314 12.21 -16.94 -17.86
CA GLY B 314 12.70 -16.80 -16.47
C GLY B 314 12.04 -15.66 -15.74
N GLY B 315 11.88 -14.50 -16.39
CA GLY B 315 11.29 -13.32 -15.73
C GLY B 315 11.49 -12.06 -16.55
N VAL B 316 11.35 -10.89 -15.91
CA VAL B 316 11.50 -9.60 -16.63
C VAL B 316 12.63 -8.79 -15.99
N VAL B 317 13.28 -7.91 -16.77
CA VAL B 317 14.34 -7.03 -16.19
C VAL B 317 13.86 -5.58 -16.30
N LEU B 318 14.10 -4.77 -15.27
CA LEU B 318 13.64 -3.36 -15.26
C LEU B 318 14.86 -2.44 -15.17
N VAL B 319 14.95 -1.45 -16.06
CA VAL B 319 16.09 -0.48 -16.04
C VAL B 319 15.76 0.65 -15.06
N THR B 320 16.13 0.48 -13.79
CA THR B 320 15.84 1.51 -12.75
C THR B 320 16.59 2.81 -13.07
N LYS B 321 17.83 2.71 -13.55
CA LYS B 321 18.68 3.90 -13.85
C LYS B 321 19.22 4.50 -12.55
N ALA C 2 16.92 55.54 60.96
CA ALA C 2 16.24 54.82 59.87
C ALA C 2 17.01 53.54 59.53
N LEU C 3 16.56 52.79 58.53
CA LEU C 3 17.27 51.56 58.10
C LEU C 3 18.70 51.93 57.70
N SER C 4 18.88 53.12 57.11
CA SER C 4 20.25 53.60 56.74
C SER C 4 21.11 53.72 58.00
N ASP C 5 20.58 54.37 59.04
CA ASP C 5 21.33 54.51 60.29
C ASP C 5 21.80 53.17 60.83
N LEU C 6 20.93 52.15 60.76
CA LEU C 6 21.33 50.81 61.19
C LEU C 6 22.28 50.21 60.17
N GLN C 7 23.21 49.37 60.66
CA GLN C 7 24.20 48.73 59.77
C GLN C 7 23.64 47.40 59.26
N VAL C 8 22.96 47.41 58.11
CA VAL C 8 22.33 46.18 57.55
C VAL C 8 23.42 45.21 57.10
N PHE C 9 23.17 43.90 57.25
CA PHE C 9 24.16 42.87 56.81
C PHE C 9 23.47 41.84 55.92
N ASN C 10 24.04 41.55 54.74
CA ASN C 10 23.43 40.62 53.77
C ASN C 10 23.88 39.19 54.08
N ASP C 11 22.96 38.22 54.07
CA ASP C 11 23.32 36.82 54.41
C ASP C 11 24.28 36.26 53.37
N TRP C 12 25.26 35.45 53.79
CA TRP C 12 26.20 34.81 52.82
C TRP C 12 26.32 33.32 53.16
N ALA C 13 26.73 32.50 52.20
CA ALA C 13 26.82 31.04 52.43
C ALA C 13 28.06 30.46 51.76
N TYR C 14 28.48 29.26 52.16
CA TYR C 14 29.65 28.58 51.54
C TYR C 14 29.25 27.16 51.13
N LYS C 15 29.58 26.77 49.89
CA LYS C 15 29.26 25.40 49.41
C LYS C 15 30.50 24.80 48.73
N THR C 16 30.82 23.55 49.05
CA THR C 16 31.96 22.87 48.39
C THR C 16 31.53 22.43 46.99
N MET C 17 30.24 22.58 46.68
CA MET C 17 29.70 22.19 45.34
C MET C 17 30.64 22.72 44.25
N SER C 18 31.23 21.83 43.46
CA SER C 18 32.07 22.26 42.31
C SER C 18 31.35 21.90 41.01
N GLU C 19 31.37 22.80 40.02
CA GLU C 19 30.62 22.54 38.76
C GLU C 19 31.10 21.26 38.10
N VAL C 20 30.19 20.51 37.46
CA VAL C 20 30.55 19.26 36.73
C VAL C 20 30.77 19.62 35.25
N LEU C 21 31.22 18.65 34.44
CA LEU C 21 31.46 18.90 32.99
C LEU C 21 30.13 19.21 32.31
N ASP C 22 30.16 19.90 31.15
CA ASP C 22 28.90 20.33 30.50
C ASP C 22 28.55 19.40 29.33
N GLN C 23 29.50 18.58 28.86
CA GLN C 23 29.23 17.73 27.66
C GLN C 23 28.81 16.32 28.09
N GLN C 24 27.94 15.68 27.30
CA GLN C 24 27.54 14.28 27.60
C GLN C 24 28.73 13.36 27.32
N VAL C 25 28.93 12.34 28.17
CA VAL C 25 30.12 11.45 28.02
C VAL C 25 29.66 9.98 27.95
N GLU C 26 28.36 9.73 28.14
CA GLU C 26 27.86 8.32 28.16
C GLU C 26 27.69 7.84 26.72
N LEU C 27 28.82 7.59 26.02
CA LEU C 27 28.78 7.12 24.61
C LEU C 27 29.74 5.95 24.47
N PHE C 28 29.54 4.87 25.23
CA PHE C 28 30.48 3.73 25.20
C PHE C 28 29.73 2.42 25.04
N ASN C 29 30.40 1.29 25.25
CA ASN C 29 29.77 -0.05 25.07
C ASN C 29 28.34 -0.02 25.64
N GLY C 30 27.35 -0.39 24.83
CA GLY C 30 25.94 -0.36 25.28
C GLY C 30 25.33 1.02 25.11
N ALA C 31 25.96 2.05 25.70
CA ALA C 31 25.46 3.43 25.58
C ALA C 31 25.41 3.83 24.10
N THR C 32 26.46 3.49 23.34
CA THR C 32 26.48 3.78 21.88
C THR C 32 26.33 2.46 21.11
N ARG C 33 25.71 1.45 21.74
CA ARG C 33 25.46 0.15 21.06
C ARG C 33 26.80 -0.52 20.72
N GLY C 34 27.80 -0.40 21.60
CA GLY C 34 29.10 -1.10 21.38
C GLY C 34 29.94 -0.43 20.31
N ALA C 35 29.54 0.75 19.83
CA ALA C 35 30.39 1.48 18.85
C ALA C 35 31.74 1.76 19.51
N ILE C 36 31.73 2.18 20.79
CA ILE C 36 33.00 2.40 21.54
C ILE C 36 33.06 1.37 22.66
N ILE C 37 34.00 0.42 22.58
CA ILE C 37 34.06 -0.69 23.58
C ILE C 37 34.48 -0.13 24.95
N LEU C 38 35.41 0.84 24.97
CA LEU C 38 35.94 1.37 26.26
C LEU C 38 36.44 0.21 27.13
N ARG C 39 37.52 -0.45 26.70
CA ARG C 39 38.13 -1.52 27.52
C ARG C 39 39.26 -0.91 28.37
N SER C 40 40.03 -1.74 29.05
CA SER C 40 41.18 -1.25 29.85
C SER C 40 42.36 -2.21 29.65
N ALA C 41 42.97 -2.19 28.46
CA ALA C 41 44.09 -3.13 28.17
C ALA C 41 45.41 -2.34 28.09
N GLY C 42 46.32 -2.57 29.04
CA GLY C 42 47.63 -1.90 29.02
C GLY C 42 48.46 -2.35 27.83
N ASN C 43 48.97 -1.39 27.05
CA ASN C 43 49.79 -1.74 25.85
C ASN C 43 51.22 -1.22 26.08
N THR C 44 52.22 -1.91 25.54
CA THR C 44 53.64 -1.48 25.71
C THR C 44 54.04 -0.60 24.53
N GLY C 45 55.09 0.21 24.70
CA GLY C 45 55.58 1.08 23.63
C GLY C 45 54.70 2.31 23.45
N ASP C 46 54.58 2.80 22.21
CA ASP C 46 53.71 3.97 21.92
C ASP C 46 52.81 3.64 20.74
N LEU C 47 52.73 2.36 20.37
CA LEU C 47 51.94 1.94 19.18
C LEU C 47 51.72 0.43 19.23
N SER C 48 50.52 -0.04 18.87
CA SER C 48 50.24 -1.50 18.83
C SER C 48 49.94 -1.91 17.39
N GLU C 49 50.46 -3.05 16.92
CA GLU C 49 50.28 -3.45 15.50
C GLU C 49 49.64 -4.84 15.41
N ALA C 50 48.82 -5.06 14.38
CA ALA C 50 48.20 -6.39 14.16
C ALA C 50 48.15 -6.69 12.66
N ALA C 51 48.82 -7.77 12.23
CA ALA C 51 48.89 -8.09 10.78
C ALA C 51 47.80 -9.11 10.41
N PHE C 52 46.92 -8.75 9.47
CA PHE C 52 45.87 -9.69 9.00
C PHE C 52 45.98 -9.85 7.48
N TRP C 53 45.70 -11.05 6.96
CA TRP C 53 45.86 -11.32 5.51
C TRP C 53 45.05 -10.32 4.67
N ALA C 54 45.63 -9.83 3.57
CA ALA C 54 44.94 -8.87 2.68
C ALA C 54 44.01 -9.62 1.72
N LYS C 55 43.07 -8.89 1.09
CA LYS C 55 42.12 -9.53 0.14
C LYS C 55 42.83 -9.76 -1.20
N ILE C 56 42.95 -11.02 -1.61
CA ILE C 56 43.58 -11.33 -2.94
C ILE C 56 42.63 -10.82 -4.03
N GLN C 57 42.96 -9.69 -4.65
CA GLN C 57 42.07 -9.09 -5.69
C GLN C 57 42.08 -9.99 -6.93
N GLY C 58 41.00 -9.94 -7.73
CA GLY C 58 40.92 -10.76 -8.96
C GLY C 58 41.30 -12.21 -8.70
N LEU C 59 40.97 -12.73 -7.51
CA LEU C 59 41.26 -14.15 -7.19
C LEU C 59 40.52 -15.04 -8.21
N VAL C 60 39.34 -14.60 -8.66
CA VAL C 60 38.62 -15.37 -9.72
C VAL C 60 38.64 -14.55 -11.01
N ARG C 61 39.06 -15.17 -12.12
CA ARG C 61 39.15 -14.49 -13.40
C ARG C 61 38.64 -15.41 -14.50
N PRO C 62 38.11 -14.87 -15.63
CA PRO C 62 37.68 -15.73 -16.73
C PRO C 62 38.88 -16.46 -17.35
N ARG C 63 38.70 -17.74 -17.72
CA ARG C 63 39.78 -18.50 -18.38
C ARG C 63 39.27 -19.05 -19.71
N ASP C 64 40.13 -19.09 -20.74
CA ASP C 64 39.73 -19.67 -22.04
C ASP C 64 40.35 -21.06 -22.15
N PRO C 65 39.55 -22.15 -22.12
CA PRO C 65 40.08 -23.52 -22.22
C PRO C 65 40.73 -23.77 -23.58
N TYR C 66 40.45 -22.89 -24.57
CA TYR C 66 41.00 -23.09 -25.93
C TYR C 66 42.21 -22.16 -26.16
N SER C 67 42.68 -21.50 -25.11
CA SER C 67 43.84 -20.57 -25.25
C SER C 67 44.97 -20.99 -24.32
N ASN C 68 46.19 -20.47 -24.57
CA ASN C 68 47.35 -20.80 -23.68
C ASN C 68 47.99 -19.48 -23.23
N ALA C 69 47.22 -18.39 -23.22
CA ALA C 69 47.76 -17.07 -22.82
C ALA C 69 48.28 -17.14 -21.39
N ASP C 70 49.45 -16.55 -21.12
CA ASP C 70 50.05 -16.58 -19.76
C ASP C 70 49.27 -15.62 -18.85
N VAL C 71 49.23 -15.93 -17.55
CA VAL C 71 48.53 -15.05 -16.56
C VAL C 71 49.54 -14.60 -15.50
N ALA C 72 49.56 -13.30 -15.18
CA ALA C 72 50.49 -12.76 -14.17
C ALA C 72 50.25 -13.42 -12.81
N ALA C 73 51.29 -13.56 -12.00
CA ALA C 73 51.16 -14.21 -10.67
C ALA C 73 50.51 -13.25 -9.67
N LYS C 74 49.97 -13.78 -8.57
CA LYS C 74 49.33 -12.95 -7.52
C LYS C 74 49.83 -13.42 -6.16
N ASP C 75 50.90 -12.81 -5.63
CA ASP C 75 51.50 -13.25 -4.34
C ASP C 75 50.55 -12.98 -3.19
N LEU C 76 50.65 -13.76 -2.10
CA LEU C 76 49.80 -13.54 -0.90
C LEU C 76 50.45 -12.48 -0.02
N ARG C 77 49.65 -11.60 0.59
CA ARG C 77 50.18 -10.53 1.48
C ARG C 77 49.18 -10.29 2.62
N GLN C 78 49.64 -9.59 3.66
CA GLN C 78 48.77 -9.30 4.84
C GLN C 78 48.84 -7.79 5.16
N LEU C 79 47.72 -7.21 5.60
CA LEU C 79 47.68 -5.76 5.94
C LEU C 79 47.94 -5.61 7.45
N VAL C 80 48.23 -4.39 7.91
CA VAL C 80 48.55 -4.18 9.36
C VAL C 80 47.68 -3.04 9.92
N ASP C 81 47.10 -3.24 11.11
CA ASP C 81 46.30 -2.18 11.78
C ASP C 81 47.13 -1.58 12.91
N ASN C 82 46.92 -0.31 13.25
CA ASN C 82 47.77 0.36 14.26
C ASN C 82 46.91 1.01 15.35
N THR C 83 47.18 0.69 16.61
CA THR C 83 46.45 1.35 17.74
C THR C 83 47.42 2.33 18.42
N ILE C 84 47.34 3.62 18.07
CA ILE C 84 48.30 4.62 18.62
C ILE C 84 48.03 4.82 20.11
N LYS C 85 49.09 5.02 20.90
CA LYS C 85 48.93 5.27 22.35
C LYS C 85 48.89 6.79 22.58
N VAL C 86 47.84 7.28 23.26
CA VAL C 86 47.70 8.74 23.52
C VAL C 86 47.98 9.00 25.01
N ALA C 87 48.97 9.86 25.31
CA ALA C 87 49.30 10.18 26.72
C ALA C 87 48.66 11.52 27.10
N SER C 88 47.98 11.56 28.26
CA SER C 88 47.30 12.80 28.71
C SER C 88 47.61 13.07 30.17
N GLY C 89 47.60 14.34 30.59
CA GLY C 89 47.94 14.69 31.98
C GLY C 89 47.08 15.82 32.52
N THR C 90 47.39 16.31 33.72
CA THR C 90 46.63 17.42 34.34
C THR C 90 47.58 18.58 34.64
N PRO C 91 47.28 19.82 34.22
CA PRO C 91 48.13 20.96 34.56
C PRO C 91 48.29 21.09 36.08
N PRO C 92 49.48 21.44 36.60
CA PRO C 92 49.70 21.50 38.05
C PRO C 92 48.58 22.28 38.74
N ILE C 93 47.92 21.65 39.73
CA ILE C 93 46.80 22.32 40.46
C ILE C 93 47.35 22.89 41.77
N ASN C 94 47.24 24.21 41.95
CA ASN C 94 47.76 24.86 43.18
C ASN C 94 46.73 24.75 44.30
N ILE C 95 47.10 24.08 45.40
CA ILE C 95 46.18 23.93 46.55
C ILE C 95 46.91 24.38 47.83
N PRO C 96 47.20 25.70 48.00
CA PRO C 96 47.83 26.18 49.23
C PRO C 96 46.91 26.02 50.41
N PRO C 97 47.31 25.27 51.48
CA PRO C 97 46.41 25.03 52.61
C PRO C 97 46.04 26.39 53.21
N SER C 98 46.95 27.37 53.12
CA SER C 98 46.71 28.73 53.66
C SER C 98 45.46 29.31 53.00
N MET C 99 45.31 29.12 51.69
CA MET C 99 44.17 29.70 50.94
C MET C 99 42.85 29.24 51.57
N LEU C 100 42.80 28.00 52.06
CA LEU C 100 41.55 27.47 52.66
C LEU C 100 41.60 27.63 54.18
N ARG C 101 42.81 27.74 54.75
CA ARG C 101 42.95 27.94 56.22
C ARG C 101 42.43 29.35 56.58
N TRP C 102 42.66 30.34 55.71
CA TRP C 102 42.20 31.73 55.97
C TRP C 102 40.68 31.74 56.11
N ILE C 103 39.98 31.01 55.23
CA ILE C 103 38.48 30.94 55.30
C ILE C 103 38.09 29.78 56.22
N GLN C 104 39.07 29.20 56.93
CA GLN C 104 38.79 28.10 57.90
C GLN C 104 38.06 26.95 57.20
N LYS C 105 38.53 26.54 56.03
CA LYS C 105 37.94 25.37 55.34
C LYS C 105 39.02 24.29 55.19
N ASN C 106 38.70 23.03 55.50
CA ASN C 106 39.71 21.95 55.45
C ASN C 106 40.27 21.85 54.03
N PRO C 107 41.61 21.82 53.84
CA PRO C 107 42.21 21.77 52.51
C PRO C 107 41.74 20.54 51.74
N GLN C 108 41.27 19.51 52.45
CA GLN C 108 40.79 18.25 51.79
C GLN C 108 39.63 18.58 50.85
N GLU C 109 38.83 19.60 51.19
CA GLU C 109 37.70 20.01 50.31
C GLU C 109 38.24 20.26 48.90
N ALA C 110 39.36 20.99 48.80
CA ALA C 110 39.97 21.25 47.47
C ALA C 110 40.24 19.91 46.77
N GLY C 111 40.88 18.97 47.47
CA GLY C 111 41.16 17.65 46.85
C GLY C 111 39.89 16.98 46.37
N ALA C 112 38.82 17.07 47.17
CA ALA C 112 37.53 16.43 46.80
C ALA C 112 37.01 17.02 45.49
N VAL C 113 37.00 18.37 45.38
CA VAL C 113 36.44 19.02 44.17
C VAL C 113 37.37 18.74 42.99
N ILE C 114 38.67 18.54 43.25
CA ILE C 114 39.62 18.17 42.16
C ILE C 114 39.19 16.80 41.60
N GLY C 115 39.03 15.80 42.47
CA GLY C 115 38.70 14.44 42.00
C GLY C 115 37.38 14.37 41.26
N GLN C 116 36.31 14.96 41.81
CA GLN C 116 34.97 14.84 41.18
C GLN C 116 35.01 15.43 39.77
N GLN C 117 35.64 16.60 39.59
CA GLN C 117 35.76 17.20 38.24
C GLN C 117 36.70 16.33 37.39
N LEU C 118 37.84 15.93 37.96
CA LEU C 118 38.83 15.11 37.22
C LEU C 118 38.10 13.93 36.54
N ALA C 119 37.37 13.12 37.31
CA ALA C 119 36.67 11.95 36.75
C ALA C 119 35.98 12.33 35.43
N GLY C 120 35.04 13.28 35.48
CA GLY C 120 34.29 13.65 34.26
C GLY C 120 35.20 14.17 33.16
N ASP C 121 36.14 15.06 33.49
CA ASP C 121 37.03 15.65 32.47
C ASP C 121 37.84 14.54 31.78
N THR C 122 38.31 13.56 32.55
CA THR C 122 39.11 12.44 31.98
C THR C 122 38.26 11.69 30.94
N MET C 123 37.03 11.32 31.32
CA MET C 123 36.14 10.58 30.38
C MET C 123 35.85 11.46 29.17
N GLN C 124 35.61 12.76 29.41
CA GLN C 124 35.30 13.70 28.29
C GLN C 124 36.48 13.68 27.31
N ASP C 125 37.71 13.80 27.81
CA ASP C 125 38.91 13.82 26.93
C ASP C 125 38.92 12.55 26.08
N MET C 126 38.80 11.39 26.72
CA MET C 126 38.88 10.10 25.98
C MET C 126 37.80 10.07 24.89
N LEU C 127 36.56 10.44 25.25
CA LEU C 127 35.43 10.39 24.28
C LEU C 127 35.67 11.43 23.17
N ASN C 128 35.94 12.68 23.54
CA ASN C 128 36.13 13.75 22.52
C ASN C 128 37.28 13.35 21.61
N ASN C 129 38.40 12.92 22.19
CA ASN C 129 39.52 12.48 21.36
C ASN C 129 39.10 11.31 20.46
N GLY C 130 38.30 10.38 21.00
CA GLY C 130 37.81 9.31 20.16
C GLY C 130 36.94 9.79 19.02
N LEU C 131 36.05 10.74 19.30
CA LEU C 131 35.18 11.27 18.24
C LEU C 131 35.98 12.01 17.17
N ALA C 132 36.95 12.82 17.60
CA ALA C 132 37.78 13.55 16.65
C ALA C 132 38.60 12.58 15.79
N ALA C 133 39.17 11.54 16.41
CA ALA C 133 39.93 10.55 15.67
C ALA C 133 39.05 9.81 14.68
N GLY C 134 37.84 9.47 15.09
CA GLY C 134 36.93 8.78 14.18
C GLY C 134 36.54 9.62 12.99
N LYS C 135 36.25 10.90 13.24
CA LYS C 135 35.90 11.82 12.13
C LYS C 135 37.09 11.91 11.16
N ALA C 136 38.29 12.15 11.68
CA ALA C 136 39.50 12.29 10.83
C ALA C 136 39.69 11.00 10.02
N ALA C 137 39.57 9.84 10.69
CA ALA C 137 39.73 8.54 9.99
C ALA C 137 38.71 8.46 8.84
N PHE C 138 37.43 8.72 9.12
CA PHE C 138 36.42 8.59 8.08
C PHE C 138 36.65 9.57 6.94
N THR C 139 37.18 10.75 7.28
CA THR C 139 37.49 11.76 6.23
C THR C 139 38.54 11.18 5.29
N ALA C 140 39.62 10.64 5.85
CA ALA C 140 40.71 10.03 5.02
C ALA C 140 40.14 8.85 4.24
N GLY C 141 39.32 8.01 4.88
CA GLY C 141 38.78 6.81 4.23
C GLY C 141 37.81 7.16 3.11
N GLY C 142 37.55 8.44 2.89
CA GLY C 142 36.59 8.83 1.88
C GLY C 142 35.15 8.50 2.19
N ALA C 143 34.84 8.13 3.43
CA ALA C 143 33.47 7.78 3.81
C ALA C 143 32.72 9.01 4.34
N VAL C 144 32.65 10.03 3.50
CA VAL C 144 32.07 11.33 3.86
C VAL C 144 30.93 11.66 2.92
N HIS C 145 29.84 12.18 3.47
CA HIS C 145 28.77 12.79 2.70
C HIS C 145 28.54 14.19 3.22
N ASP C 146 28.63 15.18 2.34
CA ASP C 146 28.48 16.57 2.71
C ASP C 146 27.20 17.12 2.09
N ILE C 147 26.20 17.38 2.93
CA ILE C 147 24.98 18.04 2.50
C ILE C 147 24.96 19.44 3.08
N SER C 148 25.54 20.40 2.35
CA SER C 148 25.59 21.78 2.82
C SER C 148 25.21 22.81 1.77
N ALA C 149 25.34 22.50 0.49
CA ALA C 149 24.95 23.43 -0.56
C ALA C 149 23.53 23.20 -1.07
N ALA C 150 22.95 22.04 -0.76
CA ALA C 150 21.61 21.70 -1.22
C ALA C 150 20.58 22.02 -0.16
N GLY C 151 19.53 22.74 -0.56
CA GLY C 151 18.45 23.04 0.37
C GLY C 151 18.88 24.01 1.46
N THR C 152 18.27 23.87 2.63
CA THR C 152 18.70 24.69 3.80
C THR C 152 20.01 24.13 4.33
N GLY C 153 20.43 22.96 3.82
CA GLY C 153 21.70 22.34 4.27
C GLY C 153 21.55 21.67 5.63
N LEU C 154 20.32 21.45 6.08
CA LEU C 154 20.09 20.86 7.43
C LEU C 154 20.01 19.33 7.34
N MET C 155 20.10 18.64 8.48
CA MET C 155 20.04 17.16 8.49
C MET C 155 18.61 16.69 8.20
N THR C 156 18.47 15.60 7.44
CA THR C 156 17.13 15.05 7.10
C THR C 156 17.22 13.52 7.08
N GLN C 157 16.08 12.82 7.14
CA GLN C 157 16.10 11.34 7.02
C GLN C 157 16.68 10.96 5.66
N ARG C 158 16.46 11.80 4.64
CA ARG C 158 17.04 11.55 3.30
C ARG C 158 18.57 11.66 3.38
N ALA C 159 19.09 12.57 4.19
CA ALA C 159 20.55 12.68 4.38
C ALA C 159 21.07 11.38 4.98
N PHE C 160 20.30 10.77 5.89
CA PHE C 160 20.71 9.45 6.46
C PHE C 160 20.69 8.39 5.34
N ASN C 161 19.67 8.43 4.49
CA ASN C 161 19.58 7.48 3.36
C ASN C 161 20.86 7.59 2.53
N ALA C 162 21.42 8.80 2.44
CA ALA C 162 22.67 9.01 1.65
C ALA C 162 23.83 8.28 2.34
N ALA C 163 23.89 8.33 3.68
CA ALA C 163 24.94 7.62 4.44
C ALA C 163 24.81 6.12 4.19
N GLN C 164 23.57 5.62 4.10
CA GLN C 164 23.36 4.18 3.78
C GLN C 164 23.99 3.87 2.42
N ARG C 165 23.83 4.79 1.46
CA ARG C 165 24.40 4.59 0.10
C ARG C 165 25.92 4.38 0.21
N ILE C 166 26.57 5.09 1.12
CA ILE C 166 28.06 4.98 1.26
C ILE C 166 28.43 3.52 1.52
N PHE C 167 27.66 2.83 2.37
CA PHE C 167 27.94 1.41 2.71
C PHE C 167 27.22 0.47 1.74
N GLY C 168 26.37 1.02 0.88
CA GLY C 168 25.66 0.22 -0.14
C GLY C 168 25.06 -1.06 0.43
N ASP C 169 25.56 -2.22 0.00
CA ASP C 169 24.99 -3.51 0.45
C ASP C 169 25.03 -3.62 1.98
N ARG C 170 26.16 -3.28 2.59
CA ARG C 170 26.30 -3.43 4.06
C ARG C 170 25.85 -2.15 4.78
N SER C 171 24.91 -1.41 4.20
CA SER C 171 24.36 -0.21 4.88
C SER C 171 23.88 -0.60 6.29
N THR C 172 23.47 -1.85 6.47
CA THR C 172 22.97 -2.33 7.78
C THR C 172 24.07 -2.24 8.84
N ASP C 173 25.34 -2.24 8.41
CA ASP C 173 26.47 -2.20 9.37
C ASP C 173 26.31 -1.00 10.29
N ILE C 174 25.92 0.16 9.75
CA ILE C 174 25.66 1.35 10.62
C ILE C 174 24.67 0.94 11.71
N GLN C 175 25.03 1.14 12.97
CA GLN C 175 24.17 0.68 14.09
C GLN C 175 23.59 1.88 14.84
N VAL C 176 24.31 3.01 14.87
CA VAL C 176 23.86 4.18 15.68
C VAL C 176 24.31 5.48 15.03
N TRP C 177 23.82 6.63 15.51
CA TRP C 177 24.18 7.95 14.94
C TRP C 177 24.65 8.90 16.04
N VAL C 178 25.97 9.00 16.27
CA VAL C 178 26.49 9.99 17.27
C VAL C 178 26.55 11.36 16.60
N SER C 179 26.00 12.40 17.24
CA SER C 179 25.94 13.73 16.58
C SER C 179 25.73 14.87 17.57
N HIS C 180 25.81 16.12 17.10
CA HIS C 180 25.59 17.29 17.93
C HIS C 180 24.09 17.47 18.17
N SER C 181 23.75 18.45 19.02
CA SER C 181 22.35 18.70 19.33
C SER C 181 21.64 19.44 18.20
N SER C 182 22.36 20.34 17.53
CA SER C 182 21.73 21.17 16.46
C SER C 182 21.13 20.28 15.36
N PRO C 183 21.88 19.31 14.76
CA PRO C 183 21.29 18.41 13.76
C PRO C 183 19.97 17.79 14.22
N LEU C 184 19.89 17.37 15.48
CA LEU C 184 18.67 16.72 16.01
C LEU C 184 17.49 17.71 15.90
N PHE C 185 17.70 18.94 16.38
CA PHE C 185 16.62 19.96 16.34
C PHE C 185 16.26 20.26 14.89
N ASP C 186 17.25 20.27 13.99
CA ASP C 186 16.98 20.48 12.55
C ASP C 186 16.02 19.40 12.05
N LEU C 187 16.30 18.14 12.40
CA LEU C 187 15.43 17.02 11.99
C LEU C 187 14.04 17.18 12.63
N TYR C 188 14.00 17.53 13.91
CA TYR C 188 12.71 17.70 14.63
C TYR C 188 11.92 18.85 14.00
N ASP C 189 12.55 20.01 13.82
CA ASP C 189 11.89 21.18 13.20
C ASP C 189 11.25 20.72 11.88
N ASN C 190 11.99 19.95 11.08
CA ASN C 190 11.45 19.42 9.79
C ASN C 190 10.26 18.52 10.08
N ALA C 191 10.37 17.65 11.09
CA ALA C 191 9.27 16.73 11.45
C ALA C 191 8.06 17.56 11.90
N LEU C 192 8.30 18.64 12.65
CA LEU C 192 7.19 19.51 13.14
C LEU C 192 6.44 20.11 11.94
N ALA C 193 7.14 20.34 10.83
CA ALA C 193 6.49 20.88 9.61
C ALA C 193 6.59 19.85 8.47
N ASN C 194 6.48 18.56 8.80
CA ASN C 194 6.63 17.50 7.76
C ASN C 194 5.72 17.83 6.57
N ALA C 195 6.30 18.11 5.40
CA ALA C 195 5.48 18.36 4.19
C ALA C 195 4.72 17.07 3.86
N GLU C 196 5.43 15.93 3.85
CA GLU C 196 4.77 14.62 3.61
C GLU C 196 4.23 14.10 4.95
N GLN C 197 3.18 13.29 4.92
CA GLN C 197 2.56 12.81 6.18
C GLN C 197 3.26 11.53 6.65
N LEU C 198 4.38 11.68 7.37
CA LEU C 198 5.11 10.50 7.92
C LEU C 198 4.92 10.47 9.44
N TYR C 199 4.62 11.62 10.05
CA TYR C 199 4.54 11.69 11.52
C TYR C 199 3.23 12.35 11.97
N VAL C 200 2.82 12.12 13.22
CA VAL C 200 1.62 12.81 13.78
C VAL C 200 2.12 13.71 14.92
N PHE C 201 1.21 14.34 15.68
CA PHE C 201 1.71 15.29 16.71
C PHE C 201 2.66 14.56 17.67
N GLY C 202 2.49 13.25 17.84
CA GLY C 202 3.33 12.49 18.79
C GLY C 202 4.47 11.75 18.13
N THR C 203 4.61 11.87 16.81
CA THR C 203 5.67 11.12 16.06
C THR C 203 6.72 12.12 15.56
N VAL C 204 6.66 13.37 16.02
CA VAL C 204 7.59 14.42 15.51
C VAL C 204 8.83 14.48 16.41
N ASN C 205 8.90 13.61 17.43
CA ASN C 205 10.06 13.63 18.37
C ASN C 205 10.66 12.23 18.45
N VAL C 206 11.30 11.78 17.36
CA VAL C 206 11.90 10.42 17.32
C VAL C 206 13.39 10.53 16.97
N ARG C 207 14.27 9.92 17.78
CA ARG C 207 15.72 9.93 17.48
C ARG C 207 16.06 8.68 16.65
N ALA C 208 15.43 8.54 15.48
CA ALA C 208 15.70 7.38 14.60
C ALA C 208 15.83 7.85 13.16
N ASP C 209 16.53 7.08 12.32
CA ASP C 209 16.75 7.48 10.90
C ASP C 209 15.62 6.90 10.03
N ALA C 210 14.56 6.37 10.66
CA ALA C 210 13.46 5.72 9.90
C ALA C 210 14.02 4.47 9.19
N PHE C 211 15.21 4.02 9.60
CA PHE C 211 15.81 2.79 9.02
C PHE C 211 16.12 1.80 10.16
N GLY C 212 15.92 2.23 11.41
CA GLY C 212 16.15 1.34 12.57
C GLY C 212 17.49 1.59 13.24
N ARG C 213 17.95 2.85 13.25
CA ARG C 213 19.22 3.20 13.95
C ARG C 213 18.99 4.39 14.88
N PRO C 214 19.33 4.27 16.19
CA PRO C 214 19.17 5.38 17.13
C PRO C 214 20.11 6.55 16.82
N ILE C 215 19.74 7.76 17.24
CA ILE C 215 20.61 8.96 17.00
C ILE C 215 21.14 9.46 18.35
N ILE C 216 22.42 9.21 18.63
CA ILE C 216 23.04 9.70 19.90
C ILE C 216 23.28 11.21 19.77
N ILE C 217 22.95 11.97 20.81
CA ILE C 217 23.13 13.46 20.78
C ILE C 217 24.18 13.85 21.83
N THR C 218 25.21 14.60 21.43
CA THR C 218 26.29 14.97 22.37
C THR C 218 26.89 16.33 21.94
N ASP C 219 27.04 17.26 22.89
CA ASP C 219 27.63 18.59 22.58
C ASP C 219 29.14 18.49 22.56
N SER C 220 29.70 17.67 21.65
CA SER C 220 31.15 17.52 21.56
C SER C 220 31.74 18.60 20.67
N PRO C 221 32.83 19.25 21.11
CA PRO C 221 33.51 20.21 20.22
C PRO C 221 34.09 19.55 18.97
N ALA C 222 34.28 18.24 18.98
CA ALA C 222 34.85 17.54 17.84
C ALA C 222 33.86 17.39 16.69
N LEU C 223 32.56 17.57 16.95
CA LEU C 223 31.53 17.42 15.93
C LEU C 223 31.01 18.76 15.44
N VAL C 224 31.68 19.86 15.77
CA VAL C 224 31.32 21.20 15.32
C VAL C 224 32.55 21.87 14.77
N SER C 225 32.39 22.60 13.67
CA SER C 225 33.50 23.32 13.07
C SER C 225 32.99 24.64 12.49
N GLY C 226 33.81 25.67 12.59
CA GLY C 226 33.47 26.97 12.02
C GLY C 226 32.46 27.73 12.86
N ALA C 227 32.01 28.84 12.29
CA ALA C 227 31.03 29.70 12.94
C ALA C 227 30.33 30.53 11.87
N ALA C 228 29.21 31.12 12.26
CA ALA C 228 28.41 32.01 11.40
C ALA C 228 27.95 31.20 10.19
N GLU C 229 28.16 31.66 8.96
CA GLU C 229 27.72 30.92 7.79
C GLU C 229 28.60 29.71 7.52
N THR C 230 29.79 29.65 8.09
CA THR C 230 30.70 28.54 7.91
C THR C 230 30.49 27.42 8.93
N LEU C 231 29.45 27.53 9.76
CA LEU C 231 29.18 26.51 10.76
C LEU C 231 28.82 25.18 10.09
N ARG C 232 29.51 24.12 10.49
CA ARG C 232 29.27 22.78 9.96
C ARG C 232 29.12 21.80 11.11
N HIS C 233 28.17 20.88 10.97
CA HIS C 233 27.93 19.85 11.95
C HIS C 233 28.24 18.49 11.33
N SER C 234 29.15 17.74 11.96
CA SER C 234 29.55 16.42 11.41
C SER C 234 28.85 15.29 12.16
N THR C 235 28.07 14.47 11.46
CA THR C 235 27.35 13.32 12.09
C THR C 235 28.00 12.01 11.65
N LEU C 236 28.53 11.23 12.59
CA LEU C 236 29.23 9.97 12.23
C LEU C 236 28.41 8.75 12.67
N GLY C 237 27.99 7.92 11.72
CA GLY C 237 27.27 6.70 12.05
C GLY C 237 28.21 5.51 12.09
N LEU C 238 28.25 4.84 13.23
CA LEU C 238 29.23 3.82 13.53
C LEU C 238 28.64 2.42 13.31
N THR C 239 29.56 1.46 13.22
CA THR C 239 29.24 0.04 13.33
C THR C 239 29.63 -0.42 14.72
N THR C 240 29.44 -1.70 15.00
CA THR C 240 29.86 -2.24 16.29
C THR C 240 31.37 -2.29 16.35
N GLY C 241 31.94 -1.73 17.40
CA GLY C 241 33.38 -1.65 17.53
C GLY C 241 34.03 -0.74 16.50
N ALA C 242 33.38 0.37 16.17
CA ALA C 242 33.97 1.31 15.22
C ALA C 242 35.17 2.03 15.83
N ILE C 243 35.02 2.55 17.04
CA ILE C 243 36.07 3.26 17.75
C ILE C 243 36.34 2.53 19.06
N LEU C 244 37.62 2.33 19.37
CA LEU C 244 38.03 1.55 20.53
C LEU C 244 38.87 2.44 21.44
N ILE C 245 38.62 2.37 22.75
CA ILE C 245 39.46 3.13 23.73
C ILE C 245 40.21 2.12 24.60
N GLU C 246 41.50 1.89 24.34
CA GLU C 246 42.29 0.90 25.12
C GLU C 246 43.03 1.62 26.26
N GLN C 247 42.39 1.76 27.42
CA GLN C 247 43.06 2.38 28.59
C GLN C 247 44.27 1.51 28.97
N ASN C 248 45.42 2.13 29.22
CA ASN C 248 46.65 1.35 29.50
C ASN C 248 46.79 1.07 31.00
N GLN C 249 45.72 1.29 31.77
CA GLN C 249 45.75 0.99 33.23
C GLN C 249 46.96 1.66 33.88
N ASP C 250 47.26 2.90 33.47
CA ASP C 250 48.40 3.64 34.06
C ASP C 250 47.94 5.05 34.46
N PHE C 251 47.93 5.35 35.76
CA PHE C 251 47.55 6.71 36.23
C PHE C 251 48.51 7.15 37.33
N ASP C 252 49.43 8.06 37.00
CA ASP C 252 50.43 8.55 37.99
C ASP C 252 50.02 9.95 38.46
N SER C 253 49.68 10.08 39.73
CA SER C 253 49.30 11.41 40.30
C SER C 253 50.27 11.79 41.43
N THR C 254 50.73 13.03 41.45
CA THR C 254 51.72 13.46 42.48
C THR C 254 51.28 14.79 43.12
N VAL C 255 51.46 14.91 44.44
CA VAL C 255 51.13 16.18 45.15
C VAL C 255 52.39 16.64 45.89
N VAL C 256 52.96 17.79 45.48
CA VAL C 256 54.24 18.25 46.09
C VAL C 256 54.00 19.56 46.85
N ASP C 257 54.32 19.59 48.16
CA ASP C 257 54.18 20.83 48.95
C ASP C 257 55.53 21.57 48.92
N GLY C 258 55.51 22.88 48.67
CA GLY C 258 56.77 23.64 48.56
C GLY C 258 56.89 24.70 49.63
N THR C 259 58.02 24.72 50.35
CA THR C 259 58.25 25.72 51.43
C THR C 259 59.25 26.77 50.94
N GLY C 260 59.37 27.89 51.66
CA GLY C 260 60.28 28.98 51.24
C GLY C 260 59.52 30.13 50.60
N LYS C 261 58.19 30.08 50.64
CA LYS C 261 57.35 31.16 50.06
C LYS C 261 56.43 31.71 51.15
N GLN C 262 55.91 32.93 50.97
CA GLN C 262 54.99 33.54 51.96
C GLN C 262 54.01 32.47 52.45
N ASN C 263 53.61 31.55 51.58
CA ASN C 263 52.67 30.47 51.96
C ASN C 263 53.15 29.14 51.39
N ILE C 264 52.87 28.03 52.07
CA ILE C 264 53.27 26.68 51.58
C ILE C 264 52.63 26.46 50.20
N THR C 265 53.44 26.29 49.17
CA THR C 265 52.92 26.09 47.78
C THR C 265 52.64 24.61 47.55
N ARG C 266 51.45 24.12 47.90
CA ARG C 266 51.11 22.70 47.60
C ARG C 266 50.58 22.62 46.16
N GLN C 267 51.16 21.72 45.34
CA GLN C 267 50.74 21.60 43.92
C GLN C 267 50.36 20.15 43.61
N TYR C 268 49.34 19.96 42.77
CA TYR C 268 48.89 18.59 42.39
C TYR C 268 49.06 18.40 40.88
N GLN C 269 49.66 17.29 40.46
CA GLN C 269 49.79 17.00 39.01
C GLN C 269 49.48 15.51 38.78
N ALA C 270 48.72 15.20 37.72
CA ALA C 270 48.34 13.80 37.44
C ALA C 270 48.66 13.47 35.97
N GLU C 271 48.86 12.19 35.66
CA GLU C 271 49.12 11.78 34.25
C GLU C 271 48.56 10.36 34.01
N TRP C 272 48.02 10.12 32.81
CA TRP C 272 47.50 8.78 32.45
C TRP C 272 47.79 8.52 30.97
N SER C 273 47.41 7.34 30.46
CA SER C 273 47.62 7.05 29.01
C SER C 273 46.55 6.06 28.52
N TYR C 274 46.19 6.16 27.24
CA TYR C 274 45.19 5.23 26.64
C TYR C 274 45.47 5.07 25.14
N ASN C 275 45.30 3.85 24.62
CA ASN C 275 45.49 3.62 23.16
C ASN C 275 44.19 3.95 22.44
N LEU C 276 44.28 4.59 21.27
CA LEU C 276 43.07 4.99 20.50
C LEU C 276 43.08 4.28 19.14
N GLY C 277 41.99 3.60 18.80
CA GLY C 277 41.95 2.88 17.54
C GLY C 277 40.63 3.05 16.80
N VAL C 278 40.71 3.19 15.47
CA VAL C 278 39.48 3.29 14.63
C VAL C 278 39.42 2.07 13.72
N ASN C 279 38.31 1.32 13.74
CA ASN C 279 38.20 0.06 12.95
C ASN C 279 38.43 0.34 11.47
N GLY C 280 39.32 -0.44 10.82
CA GLY C 280 39.54 -0.31 9.37
C GLY C 280 40.63 0.70 9.02
N TYR C 281 41.18 1.37 10.03
CA TYR C 281 42.18 2.45 9.75
C TYR C 281 43.42 2.25 10.62
N ALA C 282 44.55 2.85 10.21
CA ALA C 282 45.79 2.76 11.01
C ALA C 282 46.40 4.17 11.14
N TYR C 283 46.47 4.69 12.37
CA TYR C 283 47.07 6.04 12.59
C TYR C 283 48.49 6.05 12.01
N ASP C 284 48.78 7.04 11.16
CA ASP C 284 50.16 7.14 10.59
C ASP C 284 51.05 7.81 11.62
N ILE C 285 51.68 7.02 12.51
CA ILE C 285 52.56 7.57 13.57
C ILE C 285 53.73 8.30 12.89
N ALA C 286 54.12 7.87 11.69
CA ALA C 286 55.20 8.57 10.94
C ALA C 286 54.74 9.99 10.65
N THR C 287 53.54 10.15 10.06
CA THR C 287 52.99 11.50 9.78
C THR C 287 52.74 12.21 11.11
N GLY C 288 52.19 11.50 12.11
CA GLY C 288 51.90 12.10 13.42
C GLY C 288 53.09 12.00 14.35
N GLY C 289 52.88 11.49 15.57
CA GLY C 289 53.98 11.31 16.54
C GLY C 289 53.71 10.17 17.50
N LYS C 290 54.73 9.77 18.27
CA LYS C 290 54.58 8.67 19.25
C LYS C 290 53.43 9.02 20.20
N ALA C 291 53.41 10.27 20.68
CA ALA C 291 52.29 10.72 21.54
C ALA C 291 51.50 11.79 20.78
N PRO C 292 50.49 11.45 19.97
CA PRO C 292 49.79 12.45 19.15
C PRO C 292 48.90 13.37 19.98
N ASN C 293 48.96 14.68 19.70
CA ASN C 293 48.07 15.65 20.40
C ASN C 293 46.65 15.47 19.85
N PRO C 294 45.60 15.94 20.55
CA PRO C 294 44.24 15.85 20.02
C PRO C 294 44.20 16.47 18.61
N THR C 295 44.98 17.54 18.38
CA THR C 295 45.05 18.18 17.05
C THR C 295 45.57 17.17 16.02
N ALA C 296 46.64 16.44 16.34
CA ALA C 296 47.21 15.45 15.41
C ALA C 296 46.17 14.36 15.12
N LEU C 297 45.47 13.89 16.15
CA LEU C 297 44.41 12.87 15.97
C LEU C 297 43.28 13.48 15.12
N ALA C 298 42.89 14.73 15.43
CA ALA C 298 41.80 15.40 14.68
C ALA C 298 42.24 15.65 13.24
N THR C 299 43.54 15.87 13.02
CA THR C 299 44.06 16.07 11.64
C THR C 299 43.72 14.84 10.80
N ALA C 300 43.07 15.05 9.64
CA ALA C 300 42.66 13.92 8.78
C ALA C 300 43.88 13.37 8.04
N ALA C 301 43.67 12.38 7.16
CA ALA C 301 44.78 11.79 6.37
C ALA C 301 45.87 11.29 7.32
N ASN C 302 45.57 11.20 8.62
CA ASN C 302 46.57 10.64 9.58
C ASN C 302 46.17 9.20 9.91
N TRP C 303 45.03 8.74 9.38
CA TRP C 303 44.59 7.34 9.61
C TRP C 303 44.44 6.64 8.25
N ASP C 304 45.52 6.02 7.75
CA ASP C 304 45.48 5.31 6.44
C ASP C 304 44.34 4.29 6.46
N LYS C 305 43.59 4.19 5.38
CA LYS C 305 42.52 3.16 5.28
C LYS C 305 43.16 1.80 4.95
N ILE C 306 43.12 0.87 5.90
CA ILE C 306 43.76 -0.47 5.68
C ILE C 306 42.74 -1.40 5.02
N SER C 307 41.55 -1.51 5.60
CA SER C 307 40.49 -2.41 5.05
C SER C 307 40.34 -2.16 3.55
N THR C 308 40.40 -3.23 2.75
CA THR C 308 40.29 -3.10 1.27
C THR C 308 39.02 -2.32 0.90
N SER C 309 37.89 -2.66 1.53
CA SER C 309 36.60 -2.00 1.18
C SER C 309 36.18 -1.03 2.29
N ILE C 310 35.41 0.01 1.93
CA ILE C 310 34.89 0.97 2.94
C ILE C 310 33.87 0.22 3.82
N LYS C 311 33.20 -0.80 3.25
CA LYS C 311 32.26 -1.61 4.05
C LYS C 311 33.05 -2.36 5.12
N ASP C 312 34.28 -2.79 4.79
CA ASP C 312 35.14 -3.49 5.77
C ASP C 312 35.46 -2.53 6.92
N THR C 313 35.64 -1.23 6.61
CA THR C 313 35.88 -0.23 7.68
C THR C 313 34.57 0.00 8.44
N GLY C 314 34.63 0.62 9.62
CA GLY C 314 33.41 0.78 10.43
C GLY C 314 33.08 2.25 10.69
N GLY C 315 32.13 2.82 9.95
CA GLY C 315 31.68 4.19 10.25
C GLY C 315 31.80 5.15 9.07
N VAL C 316 30.82 6.05 8.91
CA VAL C 316 30.87 7.09 7.83
C VAL C 316 30.70 8.43 8.54
N VAL C 317 30.78 9.54 7.80
CA VAL C 317 30.54 10.87 8.44
C VAL C 317 29.67 11.73 7.51
N LEU C 318 28.52 12.21 8.01
CA LEU C 318 27.63 13.09 7.21
C LEU C 318 27.82 14.54 7.68
N VAL C 319 28.30 15.40 6.79
CA VAL C 319 28.56 16.83 7.16
C VAL C 319 27.38 17.68 6.67
N THR C 320 26.67 18.33 7.59
CA THR C 320 25.51 19.17 7.21
C THR C 320 25.76 20.62 7.66
N LYS C 321 25.35 21.59 6.85
CA LYS C 321 25.50 23.03 7.22
C LYS C 321 24.79 23.29 8.55
N ALA D 2 -53.63 54.89 39.24
CA ALA D 2 -52.94 53.88 38.40
C ALA D 2 -51.54 53.60 38.97
N LEU D 3 -50.79 52.69 38.36
CA LEU D 3 -49.44 52.33 38.85
C LEU D 3 -48.52 53.56 38.76
N SER D 4 -48.59 54.31 37.67
CA SER D 4 -47.79 55.56 37.56
C SER D 4 -48.13 56.47 38.75
N ASP D 5 -49.42 56.58 39.07
CA ASP D 5 -49.87 57.40 40.24
C ASP D 5 -49.32 56.77 41.51
N LEU D 6 -49.20 55.43 41.54
CA LEU D 6 -48.67 54.72 42.73
C LEU D 6 -47.15 54.94 42.83
N GLN D 7 -46.57 54.57 43.97
CA GLN D 7 -45.10 54.76 44.19
C GLN D 7 -44.38 53.42 43.95
N VAL D 8 -43.58 53.34 42.88
CA VAL D 8 -42.84 52.09 42.56
C VAL D 8 -41.45 52.19 43.21
N PHE D 9 -40.80 51.04 43.49
CA PHE D 9 -39.48 51.05 44.16
C PHE D 9 -38.48 50.24 43.33
N ASN D 10 -37.18 50.34 43.65
CA ASN D 10 -36.14 49.66 42.82
C ASN D 10 -35.61 48.42 43.54
N ASP D 11 -36.26 47.98 44.62
CA ASP D 11 -35.84 46.73 45.30
C ASP D 11 -34.31 46.61 45.30
N TRP D 12 -33.61 47.56 45.94
CA TRP D 12 -32.13 47.52 46.02
C TRP D 12 -31.70 46.43 47.02
N ALA D 13 -30.42 46.03 46.97
CA ALA D 13 -29.91 44.98 47.88
C ALA D 13 -28.44 45.27 48.26
N TYR D 14 -27.80 44.38 49.01
CA TYR D 14 -26.42 44.63 49.47
C TYR D 14 -25.63 43.32 49.54
N LYS D 15 -24.44 43.30 48.96
CA LYS D 15 -23.58 42.08 49.00
C LYS D 15 -22.21 42.45 49.58
N THR D 16 -21.74 41.69 50.57
CA THR D 16 -20.37 41.94 51.12
C THR D 16 -19.35 41.41 50.11
N MET D 17 -19.82 40.72 49.07
CA MET D 17 -18.92 40.17 48.02
C MET D 17 -18.05 41.31 47.48
N SER D 18 -16.73 41.10 47.45
CA SER D 18 -15.80 42.12 46.89
C SER D 18 -15.08 41.52 45.68
N GLU D 19 -14.98 42.28 44.58
CA GLU D 19 -14.34 41.73 43.35
C GLU D 19 -13.01 41.07 43.73
N VAL D 20 -12.82 39.81 43.33
CA VAL D 20 -11.58 39.07 43.68
C VAL D 20 -10.58 39.26 42.53
N LEU D 21 -9.32 38.85 42.73
CA LEU D 21 -8.28 39.02 41.68
C LEU D 21 -8.70 38.26 40.43
N ASP D 22 -8.60 38.92 39.25
CA ASP D 22 -9.02 38.28 37.98
C ASP D 22 -7.93 37.32 37.50
N GLN D 23 -6.65 37.72 37.66
CA GLN D 23 -5.54 36.88 37.22
C GLN D 23 -5.47 35.62 38.06
N GLN D 24 -4.99 34.52 37.46
CA GLN D 24 -4.78 33.29 38.19
C GLN D 24 -3.32 33.23 38.64
N VAL D 25 -3.11 32.81 39.87
CA VAL D 25 -1.79 32.93 40.49
C VAL D 25 -1.39 31.62 41.16
N GLU D 26 -2.08 30.53 40.83
CA GLU D 26 -1.74 29.21 41.37
C GLU D 26 -0.65 28.59 40.51
N LEU D 27 0.53 29.21 40.57
CA LEU D 27 1.67 28.85 39.74
C LEU D 27 2.89 28.59 40.61
N PHE D 28 2.68 28.03 41.80
CA PHE D 28 3.75 27.80 42.76
C PHE D 28 3.82 26.32 43.11
N ASN D 29 5.05 25.84 43.32
CA ASN D 29 5.31 24.47 43.78
C ASN D 29 4.70 23.51 42.77
N GLY D 30 3.99 22.46 43.21
CA GLY D 30 3.55 21.38 42.33
C GLY D 30 2.64 21.83 41.20
N ALA D 31 2.08 23.04 41.27
CA ALA D 31 1.29 23.54 40.15
C ALA D 31 2.14 23.68 38.89
N THR D 32 3.39 24.11 39.05
CA THR D 32 4.34 24.21 37.95
C THR D 32 5.55 23.32 38.17
N ARG D 33 5.37 22.24 38.93
CA ARG D 33 6.44 21.29 39.28
C ARG D 33 7.52 22.07 40.05
N GLY D 34 8.78 21.88 39.75
CA GLY D 34 9.82 22.59 40.46
C GLY D 34 10.20 23.93 39.86
N ALA D 35 9.44 24.41 38.87
CA ALA D 35 9.86 25.61 38.15
C ALA D 35 9.85 26.84 39.05
N ILE D 36 8.76 27.04 39.79
CA ILE D 36 8.61 28.19 40.67
C ILE D 36 8.35 27.65 42.08
N ILE D 37 9.17 28.06 43.04
CA ILE D 37 9.10 27.59 44.41
C ILE D 37 8.66 28.75 45.29
N LEU D 38 7.72 28.46 46.20
CA LEU D 38 7.29 29.40 47.22
C LEU D 38 7.65 28.82 48.58
N ARG D 39 8.57 29.48 49.29
CA ARG D 39 9.00 29.05 50.60
C ARG D 39 8.86 30.21 51.58
N SER D 40 8.88 29.86 52.86
CA SER D 40 8.73 30.84 53.94
C SER D 40 9.99 30.89 54.80
N ALA D 41 11.15 30.89 54.16
CA ALA D 41 12.42 30.96 54.87
C ALA D 41 12.86 32.42 54.97
N GLY D 42 12.99 32.91 56.21
CA GLY D 42 13.38 34.28 56.44
C GLY D 42 14.87 34.46 56.59
N ASN D 43 15.39 35.58 56.06
CA ASN D 43 16.85 35.86 56.13
C ASN D 43 17.06 37.38 56.18
N THR D 44 18.30 37.82 56.45
CA THR D 44 18.56 39.28 56.58
C THR D 44 19.46 39.77 55.43
N GLY D 45 19.41 41.07 55.14
CA GLY D 45 20.24 41.65 54.06
C GLY D 45 19.53 41.63 52.72
N ASP D 46 19.75 42.66 51.90
CA ASP D 46 19.12 42.72 50.56
C ASP D 46 19.68 41.60 49.69
N LEU D 47 20.87 41.10 50.00
CA LEU D 47 21.53 40.07 49.15
C LEU D 47 21.71 38.76 49.92
N SER D 48 21.57 37.62 49.23
CA SER D 48 21.82 36.30 49.86
C SER D 48 22.94 35.59 49.09
N GLU D 49 24.20 35.85 49.46
CA GLU D 49 25.35 35.28 48.71
C GLU D 49 25.43 33.77 48.92
N ALA D 50 25.95 33.05 47.92
CA ALA D 50 26.11 31.59 48.02
C ALA D 50 27.38 31.19 47.24
N ALA D 51 28.53 31.20 47.92
CA ALA D 51 29.81 30.92 47.24
C ALA D 51 29.95 29.42 46.96
N PHE D 52 30.08 29.02 45.69
CA PHE D 52 30.29 27.60 45.33
C PHE D 52 31.48 27.49 44.36
N TRP D 53 32.25 26.42 44.46
CA TRP D 53 33.46 26.24 43.60
C TRP D 53 33.05 26.30 42.12
N ALA D 54 33.89 26.91 41.27
CA ALA D 54 33.56 27.07 39.84
C ALA D 54 34.00 25.83 39.05
N LYS D 55 34.09 25.95 37.72
CA LYS D 55 34.51 24.81 36.87
C LYS D 55 35.95 25.04 36.41
N ILE D 56 36.83 24.05 36.61
CA ILE D 56 38.26 24.18 36.20
C ILE D 56 38.33 24.10 34.67
N GLN D 57 38.90 25.12 34.02
CA GLN D 57 39.01 25.12 32.54
C GLN D 57 40.34 24.48 32.14
N GLY D 58 40.33 23.61 31.13
CA GLY D 58 41.54 22.93 30.71
C GLY D 58 42.16 22.04 31.76
N LEU D 59 41.34 21.31 32.51
CA LEU D 59 41.87 20.39 33.52
C LEU D 59 42.59 19.21 32.90
N VAL D 60 42.38 18.98 31.60
CA VAL D 60 43.07 17.86 30.88
C VAL D 60 43.96 18.48 29.80
N ARG D 61 45.23 18.06 29.73
CA ARG D 61 46.18 18.63 28.73
C ARG D 61 46.87 17.49 27.96
N PRO D 62 47.26 17.70 26.69
CA PRO D 62 48.02 16.67 25.95
C PRO D 62 49.39 16.48 26.62
N ARG D 63 49.83 15.23 26.76
CA ARG D 63 51.10 14.97 27.49
C ARG D 63 52.12 14.35 26.53
N ASP D 64 53.34 14.89 26.50
CA ASP D 64 54.41 14.32 25.64
C ASP D 64 55.43 13.63 26.54
N PRO D 65 55.46 12.27 26.60
CA PRO D 65 56.36 11.55 27.49
C PRO D 65 57.84 11.67 27.12
N TYR D 66 58.19 12.43 26.09
CA TYR D 66 59.58 12.65 25.71
C TYR D 66 60.00 14.11 25.81
N SER D 67 59.16 14.93 26.45
CA SER D 67 59.46 16.39 26.52
C SER D 67 59.76 16.80 27.96
N ASN D 68 58.85 16.49 28.89
CA ASN D 68 59.04 16.89 30.31
C ASN D 68 59.28 18.40 30.36
N ALA D 69 58.57 19.16 29.52
CA ALA D 69 58.74 20.63 29.47
C ALA D 69 57.88 21.29 30.56
N ASP D 70 58.30 22.46 31.04
CA ASP D 70 57.55 23.16 32.13
C ASP D 70 56.10 23.40 31.70
N VAL D 71 55.14 23.15 32.59
CA VAL D 71 53.70 23.40 32.29
C VAL D 71 53.18 24.47 33.26
N ALA D 72 52.47 25.47 32.74
CA ALA D 72 51.95 26.58 33.60
C ALA D 72 51.00 26.01 34.66
N ALA D 73 50.94 26.65 35.84
CA ALA D 73 50.10 26.15 36.91
C ALA D 73 48.71 26.78 36.86
N LYS D 74 47.73 26.03 37.38
CA LYS D 74 46.34 26.54 37.41
C LYS D 74 45.91 26.68 38.87
N ASP D 75 44.90 27.50 39.15
CA ASP D 75 44.43 27.73 40.54
C ASP D 75 42.93 27.40 40.64
N LEU D 76 42.38 27.39 41.86
CA LEU D 76 40.95 27.06 42.06
C LEU D 76 40.14 28.35 42.17
N ARG D 77 38.90 28.34 41.66
CA ARG D 77 38.04 29.55 41.69
C ARG D 77 36.65 29.15 42.16
N GLN D 78 35.96 30.02 42.90
CA GLN D 78 34.57 29.74 43.33
C GLN D 78 33.66 30.89 42.91
N LEU D 79 32.45 30.56 42.42
CA LEU D 79 31.49 31.61 41.99
C LEU D 79 30.52 31.90 43.14
N VAL D 80 29.79 33.01 43.07
CA VAL D 80 28.83 33.38 44.15
C VAL D 80 27.46 33.70 43.52
N ASP D 81 26.41 32.99 43.93
CA ASP D 81 25.04 33.30 43.44
C ASP D 81 24.42 34.32 44.38
N ASN D 82 23.45 35.12 43.91
CA ASN D 82 22.88 36.19 44.77
C ASN D 82 21.35 36.12 44.75
N THR D 83 20.72 36.15 45.93
CA THR D 83 19.24 36.17 46.01
C THR D 83 18.81 37.56 46.45
N ILE D 84 18.13 38.32 45.60
CA ILE D 84 17.78 39.74 45.94
C ILE D 84 16.50 39.74 46.78
N LYS D 85 16.51 40.47 47.91
CA LYS D 85 15.30 40.59 48.75
C LYS D 85 14.39 41.68 48.16
N VAL D 86 13.13 41.34 47.89
CA VAL D 86 12.16 42.34 47.33
C VAL D 86 11.24 42.81 48.44
N ALA D 87 11.31 44.10 48.79
CA ALA D 87 10.42 44.66 49.84
C ALA D 87 9.14 45.18 49.21
N SER D 88 8.00 44.96 49.87
CA SER D 88 6.69 45.39 49.30
C SER D 88 5.89 46.16 50.37
N GLY D 89 4.89 46.91 49.93
CA GLY D 89 4.06 47.71 50.87
C GLY D 89 2.63 47.83 50.42
N THR D 90 1.76 48.45 51.24
CA THR D 90 0.34 48.65 50.86
C THR D 90 -0.01 50.13 51.04
N PRO D 91 -0.50 50.83 50.00
CA PRO D 91 -0.92 52.23 50.14
C PRO D 91 -2.05 52.37 51.17
N PRO D 92 -2.11 53.48 51.93
CA PRO D 92 -3.13 53.64 52.98
C PRO D 92 -4.54 53.44 52.40
N ILE D 93 -5.45 52.86 53.19
CA ILE D 93 -6.85 52.71 52.70
C ILE D 93 -7.78 53.43 53.68
N ASN D 94 -8.61 54.36 53.18
CA ASN D 94 -9.51 55.15 54.05
C ASN D 94 -10.69 54.27 54.51
N ILE D 95 -10.75 53.95 55.79
CA ILE D 95 -11.85 53.16 56.34
C ILE D 95 -12.51 53.95 57.46
N PRO D 96 -13.20 55.05 57.18
CA PRO D 96 -13.87 55.79 58.24
C PRO D 96 -15.13 55.06 58.68
N PRO D 97 -15.38 54.86 60.00
CA PRO D 97 -16.56 54.09 60.43
C PRO D 97 -17.82 54.93 60.21
N SER D 98 -17.67 56.24 60.02
CA SER D 98 -18.84 57.14 59.85
C SER D 98 -19.73 56.64 58.71
N MET D 99 -19.12 56.21 57.60
CA MET D 99 -19.92 55.76 56.42
C MET D 99 -20.57 54.40 56.74
N LEU D 100 -19.81 53.45 57.27
CA LEU D 100 -20.40 52.14 57.68
C LEU D 100 -21.67 52.40 58.48
N ARG D 101 -21.64 53.38 59.40
CA ARG D 101 -22.82 53.70 60.24
C ARG D 101 -24.00 54.10 59.35
N TRP D 102 -23.78 55.02 58.40
CA TRP D 102 -24.91 55.51 57.56
C TRP D 102 -25.53 54.34 56.79
N ILE D 103 -24.71 53.48 56.19
CA ILE D 103 -25.24 52.35 55.37
C ILE D 103 -25.65 51.21 56.32
N GLN D 104 -25.61 51.45 57.64
CA GLN D 104 -26.08 50.43 58.63
C GLN D 104 -25.29 49.14 58.45
N LYS D 105 -23.96 49.19 58.58
CA LYS D 105 -23.12 48.02 58.46
C LYS D 105 -22.07 48.04 59.55
N ASN D 106 -21.59 46.86 59.91
CA ASN D 106 -20.58 46.74 60.95
C ASN D 106 -19.29 47.38 60.46
N PRO D 107 -18.66 48.26 61.24
CA PRO D 107 -17.50 49.01 60.73
C PRO D 107 -16.31 48.14 60.38
N GLN D 108 -16.23 46.91 60.89
CA GLN D 108 -15.09 46.04 60.64
C GLN D 108 -15.31 45.09 59.47
N GLU D 109 -16.40 45.26 58.71
CA GLU D 109 -16.61 44.41 57.54
C GLU D 109 -15.60 44.71 56.44
N ALA D 110 -15.12 45.95 56.36
CA ALA D 110 -14.10 46.29 55.36
C ALA D 110 -12.81 45.52 55.59
N GLY D 111 -12.54 45.14 56.84
CA GLY D 111 -11.32 44.42 57.13
C GLY D 111 -11.24 43.09 56.42
N ALA D 112 -12.36 42.36 56.36
CA ALA D 112 -12.35 41.05 55.72
C ALA D 112 -12.11 41.17 54.21
N VAL D 113 -12.79 42.12 53.57
CA VAL D 113 -12.68 42.26 52.09
C VAL D 113 -11.27 42.75 51.73
N ILE D 114 -10.72 43.69 52.51
CA ILE D 114 -9.32 44.14 52.25
C ILE D 114 -8.42 42.91 52.33
N GLY D 115 -8.60 42.08 53.35
CA GLY D 115 -7.75 40.88 53.52
C GLY D 115 -7.80 39.96 52.33
N GLN D 116 -9.00 39.61 51.87
CA GLN D 116 -9.13 38.63 50.74
C GLN D 116 -8.51 39.24 49.48
N GLN D 117 -8.80 40.52 49.21
CA GLN D 117 -8.24 41.19 48.01
C GLN D 117 -6.72 41.24 48.12
N LEU D 118 -6.20 41.63 49.29
CA LEU D 118 -4.73 41.73 49.49
C LEU D 118 -4.10 40.35 49.34
N ALA D 119 -4.78 39.31 49.84
CA ALA D 119 -4.25 37.93 49.75
C ALA D 119 -4.00 37.59 48.27
N GLY D 120 -4.99 37.84 47.40
CA GLY D 120 -4.79 37.60 45.96
C GLY D 120 -3.69 38.48 45.41
N ASP D 121 -3.66 39.76 45.81
CA ASP D 121 -2.65 40.71 45.29
C ASP D 121 -1.24 40.29 45.74
N THR D 122 -1.09 39.88 47.01
CA THR D 122 0.23 39.40 47.50
C THR D 122 0.70 38.25 46.59
N MET D 123 -0.14 37.23 46.40
CA MET D 123 0.23 36.15 45.51
C MET D 123 0.55 36.69 44.12
N GLN D 124 -0.30 37.60 43.62
CA GLN D 124 -0.09 38.14 42.25
C GLN D 124 1.25 38.88 42.18
N ASP D 125 1.47 39.85 43.07
CA ASP D 125 2.71 40.66 43.03
C ASP D 125 3.94 39.74 43.00
N MET D 126 4.03 38.81 43.96
CA MET D 126 5.23 37.94 44.06
C MET D 126 5.41 37.18 42.74
N LEU D 127 4.34 36.55 42.24
CA LEU D 127 4.44 35.73 41.00
C LEU D 127 4.89 36.63 39.84
N ASN D 128 4.23 37.77 39.65
CA ASN D 128 4.55 38.66 38.49
C ASN D 128 6.00 39.13 38.60
N ASN D 129 6.44 39.53 39.79
CA ASN D 129 7.85 40.00 39.98
C ASN D 129 8.79 38.83 39.71
N GLY D 130 8.48 37.64 40.23
CA GLY D 130 9.30 36.46 39.96
C GLY D 130 9.45 36.22 38.46
N LEU D 131 8.35 36.35 37.72
CA LEU D 131 8.38 36.17 36.27
C LEU D 131 9.20 37.26 35.60
N ALA D 132 9.03 38.52 36.04
CA ALA D 132 9.81 39.61 35.46
C ALA D 132 11.30 39.42 35.72
N ALA D 133 11.66 39.01 36.93
CA ALA D 133 13.06 38.77 37.24
C ALA D 133 13.62 37.62 36.41
N GLY D 134 12.83 36.55 36.25
CA GLY D 134 13.28 35.45 35.42
C GLY D 134 13.53 35.87 33.98
N LYS D 135 12.59 36.63 33.41
CA LYS D 135 12.75 37.09 32.03
C LYS D 135 13.95 38.00 31.89
N ALA D 136 14.15 38.93 32.82
CA ALA D 136 15.29 39.83 32.75
C ALA D 136 16.60 39.06 32.87
N ALA D 137 16.64 38.09 33.79
CA ALA D 137 17.86 37.27 33.98
C ALA D 137 18.16 36.49 32.69
N PHE D 138 17.17 35.77 32.16
CA PHE D 138 17.38 34.97 30.93
C PHE D 138 17.89 35.88 29.82
N THR D 139 17.25 37.05 29.67
CA THR D 139 17.70 38.04 28.65
C THR D 139 19.19 38.32 28.86
N ALA D 140 19.58 38.70 30.08
CA ALA D 140 20.96 39.04 30.36
C ALA D 140 21.90 37.87 30.09
N GLY D 141 21.42 36.64 30.27
CA GLY D 141 22.23 35.46 30.03
C GLY D 141 22.29 34.99 28.60
N GLY D 142 21.64 35.74 27.70
CA GLY D 142 21.61 35.34 26.27
C GLY D 142 20.70 34.15 26.03
N ALA D 143 19.67 33.99 26.88
CA ALA D 143 18.70 32.88 26.72
C ALA D 143 17.44 33.39 26.02
N VAL D 144 17.57 34.44 25.21
CA VAL D 144 16.40 35.03 24.50
C VAL D 144 16.33 34.48 23.08
N HIS D 145 15.18 33.94 22.68
CA HIS D 145 14.99 33.48 21.28
C HIS D 145 13.75 34.19 20.71
N ASP D 146 13.96 35.16 19.81
CA ASP D 146 12.81 35.94 19.27
C ASP D 146 12.30 35.28 17.98
N ILE D 147 10.99 35.08 17.88
CA ILE D 147 10.38 34.51 16.64
C ILE D 147 9.46 35.54 16.00
N SER D 148 9.19 36.65 16.72
CA SER D 148 8.29 37.70 16.21
C SER D 148 8.66 38.06 14.77
N ALA D 149 9.95 38.28 14.51
CA ALA D 149 10.40 38.67 13.16
C ALA D 149 10.04 37.57 12.16
N ALA D 150 10.19 36.30 12.56
CA ALA D 150 9.93 35.17 11.63
C ALA D 150 8.44 35.11 11.29
N GLY D 151 8.10 35.27 10.01
CA GLY D 151 6.69 35.16 9.57
C GLY D 151 5.74 35.99 10.43
N THR D 152 4.63 35.38 10.86
CA THR D 152 3.63 36.11 11.69
C THR D 152 4.27 36.53 13.01
N GLY D 153 5.07 35.64 13.63
CA GLY D 153 5.65 35.94 14.95
C GLY D 153 4.88 35.19 16.03
N LEU D 154 3.90 34.37 15.63
CA LEU D 154 3.05 33.64 16.61
C LEU D 154 3.82 32.45 17.20
N MET D 155 3.40 31.97 18.38
CA MET D 155 4.10 30.84 19.06
C MET D 155 3.64 29.51 18.45
N THR D 156 4.59 28.65 18.08
CA THR D 156 4.25 27.32 17.49
C THR D 156 5.12 26.24 18.14
N GLN D 157 4.85 24.96 17.82
CA GLN D 157 5.69 23.86 18.35
C GLN D 157 7.12 24.01 17.82
N ARG D 158 7.26 24.53 16.59
CA ARG D 158 8.60 24.75 16.00
C ARG D 158 9.36 25.78 16.84
N ALA D 159 8.64 26.78 17.36
CA ALA D 159 9.28 27.80 18.24
C ALA D 159 9.82 27.12 19.49
N PHE D 160 9.07 26.15 20.04
CA PHE D 160 9.54 25.40 21.23
C PHE D 160 10.83 24.65 20.86
N ASN D 161 10.87 24.05 19.68
CA ASN D 161 12.08 23.32 19.22
C ASN D 161 13.25 24.31 19.13
N ALA D 162 12.99 25.52 18.63
CA ALA D 162 14.05 26.55 18.52
C ALA D 162 14.53 26.94 19.92
N ALA D 163 13.61 27.02 20.90
CA ALA D 163 14.01 27.33 22.29
C ALA D 163 14.92 26.22 22.82
N GLN D 164 14.58 24.96 22.54
CA GLN D 164 15.46 23.83 22.94
C GLN D 164 16.84 24.04 22.31
N ARG D 165 16.87 24.41 21.03
CA ARG D 165 18.16 24.64 20.33
C ARG D 165 19.01 25.59 21.16
N ILE D 166 18.40 26.65 21.71
CA ILE D 166 19.14 27.63 22.56
C ILE D 166 19.84 26.85 23.69
N PHE D 167 19.09 25.99 24.39
CA PHE D 167 19.67 25.23 25.53
C PHE D 167 20.70 24.21 25.01
N GLY D 168 20.50 23.69 23.80
CA GLY D 168 21.39 22.65 23.26
C GLY D 168 21.21 21.34 23.99
N ASP D 169 22.26 20.84 24.65
CA ASP D 169 22.11 19.60 25.48
C ASP D 169 21.32 19.95 26.74
N ARG D 170 20.81 18.93 27.45
CA ARG D 170 20.04 19.15 28.70
C ARG D 170 18.75 19.92 28.39
N SER D 171 18.30 19.92 27.13
CA SER D 171 17.01 20.57 26.79
C SER D 171 15.89 19.86 27.54
N THR D 172 16.12 18.60 27.94
CA THR D 172 15.10 17.83 28.68
C THR D 172 14.89 18.44 30.06
N ASP D 173 15.88 19.19 30.57
CA ASP D 173 15.73 19.87 31.88
C ASP D 173 14.49 20.75 31.83
N ILE D 174 14.26 21.45 30.71
CA ILE D 174 13.01 22.25 30.56
C ILE D 174 11.83 21.28 30.66
N GLN D 175 10.87 21.57 31.54
CA GLN D 175 9.73 20.65 31.75
C GLN D 175 8.43 21.46 31.86
N VAL D 176 8.54 22.79 31.90
CA VAL D 176 7.37 23.65 32.04
C VAL D 176 7.51 24.85 31.14
N TRP D 177 6.42 25.23 30.47
CA TRP D 177 6.31 26.50 29.78
C TRP D 177 5.24 27.32 30.47
N VAL D 178 5.58 28.55 30.84
CA VAL D 178 4.58 29.48 31.45
C VAL D 178 4.43 30.66 30.48
N SER D 179 3.22 30.90 29.97
CA SER D 179 3.05 31.97 28.94
C SER D 179 1.74 32.72 29.14
N HIS D 180 1.49 33.73 28.29
CA HIS D 180 0.22 34.50 28.36
C HIS D 180 -0.88 33.71 27.65
N SER D 181 -2.13 34.17 27.77
CA SER D 181 -3.27 33.48 27.13
C SER D 181 -3.20 33.61 25.61
N SER D 182 -2.84 34.79 25.11
CA SER D 182 -2.84 35.03 23.64
C SER D 182 -1.98 33.98 22.92
N PRO D 183 -0.71 33.74 23.31
CA PRO D 183 0.10 32.70 22.68
C PRO D 183 -0.64 31.36 22.58
N LEU D 184 -1.30 30.94 23.66
CA LEU D 184 -2.03 29.64 23.66
C LEU D 184 -3.17 29.69 22.63
N PHE D 185 -3.96 30.76 22.63
CA PHE D 185 -5.07 30.90 21.66
C PHE D 185 -4.47 30.87 20.24
N ASP D 186 -3.28 31.48 20.07
CA ASP D 186 -2.61 31.42 18.74
C ASP D 186 -2.23 29.96 18.45
N LEU D 187 -1.69 29.25 19.44
CA LEU D 187 -1.35 27.81 19.26
C LEU D 187 -2.64 27.03 18.99
N TYR D 188 -3.73 27.38 19.69
CA TYR D 188 -5.04 26.71 19.50
C TYR D 188 -5.46 26.87 18.03
N ASP D 189 -5.44 28.10 17.53
CA ASP D 189 -5.82 28.36 16.11
C ASP D 189 -4.90 27.54 15.20
N ASN D 190 -3.60 27.57 15.47
CA ASN D 190 -2.62 26.84 14.62
C ASN D 190 -3.03 25.36 14.54
N ALA D 191 -3.36 24.76 15.69
CA ALA D 191 -3.76 23.33 15.72
C ALA D 191 -5.03 23.14 14.88
N LEU D 192 -6.05 23.96 15.10
CA LEU D 192 -7.33 23.85 14.35
C LEU D 192 -7.02 23.87 12.85
N ALA D 193 -6.42 24.95 12.35
CA ALA D 193 -6.09 25.07 10.92
C ALA D 193 -4.65 24.57 10.70
N ASN D 194 -4.39 23.29 11.02
CA ASN D 194 -3.02 22.74 10.88
C ASN D 194 -2.64 22.68 9.40
N ALA D 195 -1.60 23.41 9.01
CA ALA D 195 -1.11 23.32 7.61
C ALA D 195 -0.72 21.86 7.33
N GLU D 196 0.30 21.34 8.03
CA GLU D 196 0.66 19.91 7.89
C GLU D 196 -0.30 19.10 8.75
N GLN D 197 -0.49 17.81 8.43
CA GLN D 197 -1.47 16.98 9.17
C GLN D 197 -0.81 16.38 10.41
N LEU D 198 -0.77 17.13 11.52
CA LEU D 198 -0.20 16.61 12.79
C LEU D 198 -1.31 16.48 13.83
N TYR D 199 -2.27 17.42 13.82
CA TYR D 199 -3.33 17.43 14.86
C TYR D 199 -4.64 16.91 14.28
N VAL D 200 -5.49 16.33 15.14
CA VAL D 200 -6.83 15.87 14.67
C VAL D 200 -7.88 16.61 15.51
N PHE D 201 -9.17 16.45 15.19
CA PHE D 201 -10.23 17.20 15.91
C PHE D 201 -10.04 17.03 17.42
N GLY D 202 -9.57 15.87 17.86
CA GLY D 202 -9.40 15.60 19.30
C GLY D 202 -8.08 16.12 19.84
N THR D 203 -7.13 16.48 18.97
CA THR D 203 -5.79 16.91 19.43
C THR D 203 -5.51 18.36 19.02
N VAL D 204 -6.56 19.16 18.82
CA VAL D 204 -6.38 20.59 18.44
C VAL D 204 -6.40 21.47 19.70
N ASN D 205 -6.65 20.87 20.86
CA ASN D 205 -6.65 21.64 22.13
C ASN D 205 -5.49 21.13 23.01
N VAL D 206 -4.51 20.48 22.39
CA VAL D 206 -3.36 19.91 23.16
C VAL D 206 -2.62 21.04 23.88
N ARG D 207 -2.20 20.79 25.12
CA ARG D 207 -1.47 21.83 25.92
C ARG D 207 0.01 21.44 26.02
N ALA D 208 0.43 20.42 25.26
CA ALA D 208 1.84 19.98 25.29
C ALA D 208 2.65 20.73 24.21
N ASP D 209 3.98 20.69 24.32
CA ASP D 209 4.85 21.38 23.33
C ASP D 209 5.43 20.34 22.37
N ALA D 210 4.83 19.14 22.33
CA ALA D 210 5.34 18.03 21.47
C ALA D 210 6.70 17.57 21.99
N PHE D 211 7.10 18.04 23.17
CA PHE D 211 8.40 17.63 23.78
C PHE D 211 8.16 17.23 25.24
N GLY D 212 6.90 16.96 25.61
CA GLY D 212 6.58 16.52 26.98
C GLY D 212 6.68 17.64 27.99
N ARG D 213 6.30 18.86 27.61
CA ARG D 213 6.29 19.99 28.58
C ARG D 213 4.93 20.70 28.52
N PRO D 214 4.16 20.74 29.63
CA PRO D 214 2.88 21.46 29.66
C PRO D 214 3.08 22.97 29.48
N ILE D 215 2.14 23.63 28.80
CA ILE D 215 2.21 25.10 28.61
C ILE D 215 1.27 25.77 29.62
N ILE D 216 1.78 26.13 30.80
CA ILE D 216 0.96 26.79 31.85
C ILE D 216 0.58 28.20 31.33
N ILE D 217 -0.66 28.64 31.57
CA ILE D 217 -1.12 29.95 31.02
C ILE D 217 -1.46 30.89 32.18
N THR D 218 -0.94 32.12 32.13
CA THR D 218 -1.26 33.14 33.17
C THR D 218 -1.37 34.52 32.50
N ASP D 219 -2.27 35.37 32.99
CA ASP D 219 -2.41 36.74 32.43
C ASP D 219 -1.53 37.71 33.23
N SER D 220 -0.23 37.40 33.36
CA SER D 220 0.70 38.29 34.09
C SER D 220 1.19 39.40 33.16
N PRO D 221 1.05 40.69 33.54
CA PRO D 221 1.56 41.80 32.72
C PRO D 221 3.06 41.72 32.46
N ALA D 222 3.80 40.94 33.24
CA ALA D 222 5.24 40.79 33.01
C ALA D 222 5.53 40.05 31.71
N LEU D 223 4.59 39.27 31.20
CA LEU D 223 4.79 38.48 29.99
C LEU D 223 4.20 39.14 28.75
N VAL D 224 3.76 40.39 28.88
CA VAL D 224 3.22 41.13 27.70
C VAL D 224 3.94 42.48 27.59
N SER D 225 4.39 42.83 26.39
CA SER D 225 5.13 44.11 26.18
C SER D 225 4.63 44.80 24.91
N GLY D 226 4.53 46.12 24.93
CA GLY D 226 4.15 46.87 23.70
C GLY D 226 2.66 47.06 23.56
N ALA D 227 2.25 48.12 22.86
CA ALA D 227 0.81 48.39 22.62
C ALA D 227 0.55 48.34 21.10
N ALA D 228 -0.65 47.94 20.69
CA ALA D 228 -0.98 47.84 19.26
C ALA D 228 0.06 46.96 18.55
N GLU D 229 0.52 47.38 17.35
CA GLU D 229 1.46 46.54 16.56
C GLU D 229 2.68 46.13 17.39
N THR D 230 3.10 46.95 18.36
CA THR D 230 4.33 46.66 19.13
C THR D 230 4.08 45.56 20.18
N LEU D 231 2.83 45.10 20.31
CA LEU D 231 2.50 44.10 21.37
C LEU D 231 3.30 42.82 21.13
N ARG D 232 4.04 42.36 22.15
CA ARG D 232 4.82 41.10 22.05
C ARG D 232 4.54 40.25 23.30
N HIS D 233 4.91 38.97 23.26
CA HIS D 233 4.68 38.08 24.44
C HIS D 233 6.00 37.39 24.80
N SER D 234 6.17 37.03 26.08
CA SER D 234 7.39 36.38 26.53
C SER D 234 7.03 35.05 27.17
N THR D 235 7.05 33.99 26.37
CA THR D 235 6.90 32.63 26.87
C THR D 235 8.24 32.13 27.35
N LEU D 236 8.35 31.77 28.63
CA LEU D 236 9.69 31.37 29.15
C LEU D 236 9.64 29.95 29.72
N GLY D 237 10.36 29.02 29.11
CA GLY D 237 10.43 27.64 29.64
C GLY D 237 11.19 27.64 30.95
N LEU D 238 10.81 26.76 31.89
CA LEU D 238 11.44 26.77 33.23
C LEU D 238 11.89 25.36 33.61
N THR D 239 12.89 25.25 34.49
CA THR D 239 13.38 23.91 34.95
C THR D 239 13.18 23.80 36.46
N THR D 240 13.32 22.59 37.01
CA THR D 240 13.17 22.39 38.48
C THR D 240 14.08 23.37 39.22
N GLY D 241 13.51 24.26 40.02
CA GLY D 241 14.30 25.19 40.81
C GLY D 241 14.76 26.43 40.06
N ALA D 242 14.07 26.79 38.97
CA ALA D 242 14.54 27.90 38.15
C ALA D 242 14.32 29.25 38.85
N ILE D 243 13.13 29.44 39.43
CA ILE D 243 12.76 30.68 40.08
C ILE D 243 12.45 30.37 41.54
N LEU D 244 13.02 31.15 42.46
CA LEU D 244 12.84 30.88 43.92
C LEU D 244 12.23 32.10 44.60
N ILE D 245 11.18 31.90 45.40
CA ILE D 245 10.57 33.02 46.20
C ILE D 245 10.64 32.63 47.68
N GLU D 246 11.27 33.48 48.51
CA GLU D 246 11.42 33.16 49.95
C GLU D 246 10.76 34.24 50.80
N GLN D 247 9.54 33.98 51.26
CA GLN D 247 8.81 34.96 52.12
C GLN D 247 9.61 35.16 53.41
N ASN D 248 10.02 36.41 53.68
CA ASN D 248 10.85 36.69 54.88
C ASN D 248 9.93 36.76 56.11
N GLN D 249 8.62 36.62 55.91
CA GLN D 249 7.66 36.60 57.05
C GLN D 249 7.86 37.85 57.93
N ASP D 250 7.95 39.02 57.30
CA ASP D 250 8.10 40.30 58.06
C ASP D 250 6.86 41.15 57.84
N PHE D 251 5.72 40.51 57.54
CA PHE D 251 4.47 41.27 57.27
C PHE D 251 4.10 42.10 58.50
N ASP D 252 4.01 43.42 58.35
CA ASP D 252 3.64 44.31 59.47
C ASP D 252 2.30 44.99 59.15
N SER D 253 1.56 45.44 60.16
CA SER D 253 0.29 46.16 59.90
C SER D 253 0.07 47.29 60.92
N THR D 254 -0.53 48.40 60.49
CA THR D 254 -0.83 49.53 61.42
C THR D 254 -2.13 50.21 61.00
N VAL D 255 -2.85 50.81 61.96
CA VAL D 255 -4.11 51.54 61.64
C VAL D 255 -4.09 52.87 62.40
N VAL D 256 -4.36 53.98 61.71
CA VAL D 256 -4.38 55.32 62.36
C VAL D 256 -5.81 55.87 62.35
N ASP D 257 -6.42 56.02 63.53
CA ASP D 257 -7.81 56.56 63.62
C ASP D 257 -7.74 58.09 63.71
N GLY D 258 -7.31 58.75 62.63
CA GLY D 258 -7.14 60.22 62.64
C GLY D 258 -8.33 60.98 63.19
N THR D 259 -8.08 62.12 63.84
CA THR D 259 -9.17 62.95 64.40
C THR D 259 -8.92 64.42 64.05
N GLY D 260 -9.97 65.19 63.76
CA GLY D 260 -9.83 66.61 63.39
C GLY D 260 -10.62 66.94 62.13
N LYS D 261 -11.14 65.91 61.46
CA LYS D 261 -11.96 66.13 60.23
C LYS D 261 -13.43 66.11 60.63
N GLN D 262 -14.32 66.53 59.73
CA GLN D 262 -15.78 66.49 60.01
C GLN D 262 -16.19 65.05 60.36
N ASN D 263 -15.46 64.06 59.83
CA ASN D 263 -15.82 62.64 60.06
C ASN D 263 -14.63 61.91 60.69
N ILE D 264 -14.89 61.04 61.67
CA ILE D 264 -13.80 60.22 62.29
C ILE D 264 -13.11 59.46 61.16
N THR D 265 -11.77 59.58 61.05
CA THR D 265 -11.06 58.94 59.92
C THR D 265 -10.28 57.71 60.40
N ARG D 266 -9.80 56.89 59.46
CA ARG D 266 -9.03 55.70 59.79
C ARG D 266 -8.29 55.25 58.54
N GLN D 267 -7.04 54.80 58.73
CA GLN D 267 -6.21 54.34 57.57
C GLN D 267 -5.59 52.97 57.88
N TYR D 268 -5.01 52.32 56.87
CA TYR D 268 -4.35 51.00 57.07
C TYR D 268 -3.07 50.92 56.25
N GLN D 269 -1.97 50.46 56.86
CA GLN D 269 -0.68 50.30 56.14
C GLN D 269 -0.17 48.87 56.35
N ALA D 270 0.25 48.20 55.28
CA ALA D 270 0.76 46.80 55.39
C ALA D 270 2.08 46.69 54.62
N GLU D 271 3.13 46.20 55.29
CA GLU D 271 4.47 46.11 54.64
C GLU D 271 5.04 44.70 54.86
N TRP D 272 5.67 44.11 53.82
CA TRP D 272 6.25 42.75 53.93
C TRP D 272 7.43 42.63 52.96
N SER D 273 8.29 41.62 53.15
CA SER D 273 9.42 41.42 52.20
C SER D 273 9.51 39.94 51.79
N TYR D 274 9.99 39.69 50.57
CA TYR D 274 10.18 38.29 50.10
C TYR D 274 11.45 38.22 49.26
N ASN D 275 12.35 37.28 49.59
CA ASN D 275 13.61 37.12 48.82
C ASN D 275 13.28 36.50 47.46
N LEU D 276 14.06 36.82 46.43
CA LEU D 276 13.79 36.31 45.06
C LEU D 276 15.11 35.94 44.38
N GLY D 277 15.20 34.74 43.81
CA GLY D 277 16.47 34.29 43.18
C GLY D 277 16.24 33.52 41.89
N VAL D 278 17.17 33.64 40.93
CA VAL D 278 17.06 32.92 39.67
C VAL D 278 18.23 31.95 39.57
N ASN D 279 17.93 30.73 39.13
CA ASN D 279 18.94 29.67 39.05
C ASN D 279 20.05 30.06 38.08
N GLY D 280 21.28 30.10 38.59
CA GLY D 280 22.44 30.41 37.78
C GLY D 280 22.71 31.89 37.57
N TYR D 281 21.94 32.76 38.21
CA TYR D 281 22.09 34.20 38.02
C TYR D 281 22.20 34.89 39.37
N ALA D 282 22.79 36.09 39.34
CA ALA D 282 22.95 36.88 40.59
C ALA D 282 22.59 38.34 40.29
N TYR D 283 21.63 38.89 41.05
CA TYR D 283 21.19 40.29 40.82
C TYR D 283 22.40 41.22 40.98
N ASP D 284 22.63 42.09 39.99
CA ASP D 284 23.77 43.05 40.06
C ASP D 284 23.35 44.25 40.91
N ILE D 285 23.89 44.37 42.12
CA ILE D 285 23.55 45.51 43.02
C ILE D 285 24.44 46.70 42.66
N ALA D 286 25.58 46.46 42.00
CA ALA D 286 26.46 47.55 41.55
C ALA D 286 25.81 48.26 40.36
N THR D 287 24.73 47.68 39.83
CA THR D 287 24.01 48.28 38.67
C THR D 287 22.56 48.57 39.09
N GLY D 288 21.97 47.69 39.89
CA GLY D 288 20.59 47.87 40.35
C GLY D 288 20.53 48.43 41.76
N GLY D 289 19.60 49.35 42.03
CA GLY D 289 19.54 49.99 43.37
C GLY D 289 19.07 49.04 44.46
N LYS D 290 19.33 49.37 45.72
CA LYS D 290 18.90 48.51 46.86
C LYS D 290 17.37 48.49 46.90
N ALA D 291 16.77 47.41 47.45
CA ALA D 291 15.30 47.29 47.46
C ALA D 291 14.75 47.63 46.07
N PRO D 292 15.12 46.89 45.00
CA PRO D 292 14.72 47.24 43.63
C PRO D 292 13.21 47.11 43.39
N ASN D 293 12.66 47.94 42.50
CA ASN D 293 11.21 47.88 42.17
C ASN D 293 11.01 46.80 41.09
N PRO D 294 9.78 46.33 40.81
CA PRO D 294 9.55 45.36 39.74
C PRO D 294 10.24 45.79 38.44
N THR D 295 10.21 47.10 38.14
CA THR D 295 10.87 47.61 36.91
C THR D 295 12.37 47.34 36.98
N ALA D 296 13.00 47.62 38.12
CA ALA D 296 14.45 47.35 38.29
C ALA D 296 14.68 45.84 38.22
N LEU D 297 13.75 45.05 38.76
CA LEU D 297 13.86 43.57 38.68
C LEU D 297 13.60 43.13 37.24
N ALA D 298 13.00 43.99 36.43
CA ALA D 298 12.66 43.61 35.06
C ALA D 298 13.61 44.15 34.01
N THR D 299 14.61 44.95 34.39
CA THR D 299 15.57 45.50 33.45
C THR D 299 16.84 44.66 33.47
N ALA D 300 17.32 44.30 32.28
CA ALA D 300 18.57 43.57 32.18
C ALA D 300 19.73 44.49 32.58
N ALA D 301 20.96 43.95 32.52
CA ALA D 301 22.16 44.70 32.94
C ALA D 301 22.18 44.79 34.47
N ASN D 302 21.03 44.55 35.10
CA ASN D 302 20.99 44.52 36.59
C ASN D 302 21.15 43.06 37.06
N TRP D 303 21.47 42.15 36.13
CA TRP D 303 21.68 40.72 36.49
C TRP D 303 22.97 40.21 35.84
N ASP D 304 23.55 39.13 36.38
CA ASP D 304 24.76 38.56 35.84
C ASP D 304 24.63 37.05 35.78
N LYS D 305 25.06 36.44 34.68
CA LYS D 305 24.98 34.96 34.53
C LYS D 305 26.16 34.33 35.30
N ILE D 306 25.92 33.89 36.53
CA ILE D 306 27.02 33.31 37.36
C ILE D 306 27.44 31.96 36.78
N SER D 307 26.48 31.07 36.52
CA SER D 307 26.82 29.71 36.02
C SER D 307 27.66 29.83 34.73
N THR D 308 28.71 29.02 34.60
CA THR D 308 29.58 29.07 33.39
C THR D 308 28.77 28.61 32.17
N SER D 309 27.92 27.59 32.33
CA SER D 309 27.16 27.05 31.18
C SER D 309 25.68 27.45 31.26
N ILE D 310 25.10 27.87 30.13
CA ILE D 310 23.66 28.23 30.10
C ILE D 310 22.84 27.00 30.52
N LYS D 311 23.36 25.79 30.25
CA LYS D 311 22.65 24.55 30.65
C LYS D 311 22.56 24.51 32.18
N ASP D 312 23.58 25.04 32.86
CA ASP D 312 23.58 25.07 34.34
C ASP D 312 22.46 25.99 34.83
N THR D 313 22.29 27.14 34.19
CA THR D 313 21.17 28.06 34.55
C THR D 313 19.84 27.38 34.22
N GLY D 314 18.79 27.70 34.98
CA GLY D 314 17.48 27.04 34.76
C GLY D 314 16.48 27.98 34.10
N GLY D 315 16.02 27.63 32.89
CA GLY D 315 14.97 28.44 32.22
C GLY D 315 15.45 29.11 30.95
N VAL D 316 14.56 29.30 29.98
CA VAL D 316 14.90 29.99 28.70
C VAL D 316 13.66 30.74 28.23
N VAL D 317 13.81 31.99 27.77
CA VAL D 317 12.61 32.81 27.38
C VAL D 317 12.45 32.81 25.86
N LEU D 318 11.20 32.79 25.38
CA LEU D 318 10.93 32.82 23.92
C LEU D 318 10.03 34.03 23.61
N VAL D 319 10.52 34.96 22.78
CA VAL D 319 9.73 36.18 22.46
C VAL D 319 8.81 35.88 21.27
N THR D 320 7.49 35.97 21.49
CA THR D 320 6.50 35.70 20.42
C THR D 320 5.66 36.95 20.18
N LYS D 321 5.43 37.32 18.91
CA LYS D 321 4.59 38.50 18.59
C LYS D 321 3.16 38.24 19.08
N ALA E 2 45.57 -30.83 -26.51
CA ALA E 2 44.95 -29.52 -26.82
C ALA E 2 43.44 -29.69 -27.01
N LEU E 3 42.63 -28.96 -26.24
CA LEU E 3 41.16 -29.09 -26.31
C LEU E 3 40.70 -28.79 -27.75
N SER E 4 41.33 -27.81 -28.41
CA SER E 4 40.98 -27.53 -29.83
C SER E 4 41.22 -28.78 -30.67
N ASP E 5 42.34 -29.47 -30.44
CA ASP E 5 42.64 -30.69 -31.18
C ASP E 5 41.74 -31.85 -30.81
N LEU E 6 40.79 -31.64 -29.91
CA LEU E 6 39.87 -32.68 -29.47
C LEU E 6 38.55 -32.54 -30.20
N GLN E 7 37.66 -33.53 -29.97
CA GLN E 7 36.31 -33.49 -30.57
C GLN E 7 35.31 -33.21 -29.44
N VAL E 8 34.77 -32.00 -29.38
CA VAL E 8 33.86 -31.62 -28.27
C VAL E 8 32.43 -32.08 -28.58
N PHE E 9 31.85 -32.94 -27.73
CA PHE E 9 30.44 -33.35 -27.93
C PHE E 9 29.58 -32.56 -26.94
N ASN E 10 28.29 -32.35 -27.25
CA ASN E 10 27.44 -31.50 -26.38
C ASN E 10 26.21 -32.30 -25.91
N ASP E 11 25.93 -32.28 -24.60
CA ASP E 11 24.78 -33.02 -24.04
C ASP E 11 23.53 -32.79 -24.90
N TRP E 12 22.94 -33.86 -25.42
CA TRP E 12 21.68 -33.73 -26.20
C TRP E 12 20.59 -34.52 -25.47
N ALA E 13 19.36 -33.99 -25.42
CA ALA E 13 18.27 -34.67 -24.69
C ALA E 13 16.92 -34.20 -25.20
N TYR E 14 15.84 -34.92 -24.87
CA TYR E 14 14.47 -34.50 -25.26
C TYR E 14 13.59 -34.45 -24.01
N LYS E 15 13.09 -33.26 -23.65
CA LYS E 15 12.16 -33.15 -22.50
C LYS E 15 10.90 -33.96 -22.82
N THR E 16 10.39 -34.71 -21.84
CA THR E 16 9.21 -35.59 -22.09
C THR E 16 7.92 -34.78 -21.94
N MET E 17 8.02 -33.47 -21.65
CA MET E 17 6.81 -32.65 -21.42
C MET E 17 6.58 -31.71 -22.62
N SER E 18 5.50 -30.92 -22.57
CA SER E 18 5.19 -29.95 -23.65
C SER E 18 4.34 -28.80 -23.12
N GLU E 19 4.44 -27.62 -23.73
CA GLU E 19 3.57 -26.49 -23.33
C GLU E 19 2.12 -26.93 -23.53
N VAL E 20 1.22 -26.58 -22.61
CA VAL E 20 -0.19 -27.07 -22.70
C VAL E 20 -1.16 -25.89 -22.85
N LEU E 21 -0.79 -24.71 -22.36
CA LEU E 21 -1.71 -23.54 -22.41
C LEU E 21 -0.96 -22.26 -22.02
N ASP E 22 -1.64 -21.11 -22.07
CA ASP E 22 -0.98 -19.81 -21.73
C ASP E 22 -1.99 -18.88 -21.05
N GLN E 23 -3.22 -19.36 -20.83
CA GLN E 23 -4.29 -18.52 -20.22
C GLN E 23 -4.87 -19.22 -18.99
N GLN E 24 -5.08 -18.49 -17.89
CA GLN E 24 -5.73 -19.08 -16.69
C GLN E 24 -7.18 -19.39 -17.05
N VAL E 25 -7.56 -20.67 -17.05
CA VAL E 25 -8.95 -21.04 -17.49
C VAL E 25 -9.71 -21.65 -16.31
N GLU E 26 -9.16 -21.52 -15.09
CA GLU E 26 -9.87 -22.02 -13.88
C GLU E 26 -10.94 -21.00 -13.49
N LEU E 27 -12.01 -20.90 -14.28
CA LEU E 27 -13.08 -19.90 -14.02
C LEU E 27 -14.44 -20.61 -14.02
N PHE E 28 -14.60 -21.63 -13.16
CA PHE E 28 -15.86 -22.42 -13.18
C PHE E 28 -16.34 -22.68 -11.76
N ASN E 29 -17.66 -22.58 -11.54
CA ASN E 29 -18.25 -22.89 -10.21
C ASN E 29 -17.56 -22.08 -9.11
N GLY E 30 -17.02 -22.75 -8.09
CA GLY E 30 -16.40 -22.05 -6.94
C GLY E 30 -15.39 -21.00 -7.38
N ALA E 31 -14.63 -21.28 -8.45
CA ALA E 31 -13.60 -20.33 -8.93
C ALA E 31 -14.26 -18.98 -9.21
N THR E 32 -15.50 -18.99 -9.70
CA THR E 32 -16.23 -17.72 -9.99
C THR E 32 -17.38 -17.55 -8.99
N ARG E 33 -17.29 -18.18 -7.82
CA ARG E 33 -18.39 -18.11 -6.81
C ARG E 33 -19.69 -18.54 -7.48
N GLY E 34 -19.63 -19.54 -8.37
CA GLY E 34 -20.80 -20.02 -9.06
C GLY E 34 -21.27 -19.17 -10.22
N ALA E 35 -20.49 -18.13 -10.57
CA ALA E 35 -20.87 -17.25 -11.70
C ALA E 35 -20.93 -18.09 -12.99
N ILE E 36 -19.82 -18.74 -13.34
CA ILE E 36 -19.82 -19.63 -14.54
C ILE E 36 -19.94 -21.07 -14.05
N ILE E 37 -21.03 -21.76 -14.41
CA ILE E 37 -21.27 -23.14 -13.89
C ILE E 37 -20.69 -24.15 -14.89
N LEU E 38 -19.99 -25.18 -14.39
CA LEU E 38 -19.49 -26.23 -15.27
C LEU E 38 -20.06 -27.57 -14.79
N ARG E 39 -21.10 -28.04 -15.47
CA ARG E 39 -21.72 -29.31 -15.17
C ARG E 39 -21.47 -30.31 -16.28
N SER E 40 -21.55 -31.60 -15.95
CA SER E 40 -21.39 -32.65 -17.00
C SER E 40 -22.79 -33.17 -17.39
N ALA E 41 -23.65 -32.30 -17.91
CA ALA E 41 -25.03 -32.71 -18.25
C ALA E 41 -25.15 -32.95 -19.75
N GLY E 42 -25.27 -34.21 -20.17
CA GLY E 42 -25.46 -34.54 -21.59
C GLY E 42 -26.92 -34.43 -21.97
N ASN E 43 -27.24 -33.70 -23.05
CA ASN E 43 -28.64 -33.48 -23.47
C ASN E 43 -28.80 -33.84 -24.95
N THR E 44 -30.01 -34.19 -25.38
CA THR E 44 -30.23 -34.62 -26.78
C THR E 44 -30.63 -33.43 -27.65
N GLY E 45 -30.36 -33.49 -28.95
CA GLY E 45 -30.75 -32.40 -29.88
C GLY E 45 -29.81 -31.21 -29.77
N ASP E 46 -30.07 -30.16 -30.56
CA ASP E 46 -29.20 -28.96 -30.54
C ASP E 46 -29.74 -27.94 -29.54
N LEU E 47 -30.99 -28.11 -29.08
CA LEU E 47 -31.61 -27.10 -28.19
C LEU E 47 -32.11 -27.75 -26.90
N SER E 48 -31.88 -27.10 -25.75
CA SER E 48 -32.43 -27.59 -24.46
C SER E 48 -33.32 -26.47 -23.90
N GLU E 49 -34.54 -26.33 -24.43
CA GLU E 49 -35.42 -25.20 -24.03
C GLU E 49 -36.18 -25.50 -22.73
N ALA E 50 -36.65 -24.45 -22.05
CA ALA E 50 -37.44 -24.62 -20.81
C ALA E 50 -38.45 -23.46 -20.71
N ALA E 51 -39.74 -23.75 -20.80
CA ALA E 51 -40.76 -22.68 -20.81
C ALA E 51 -41.13 -22.28 -19.38
N PHE E 52 -41.28 -20.98 -19.12
CA PHE E 52 -41.70 -20.49 -17.78
C PHE E 52 -42.78 -19.43 -17.93
N TRP E 53 -43.71 -19.36 -16.97
CA TRP E 53 -44.82 -18.38 -17.04
C TRP E 53 -44.26 -16.95 -17.11
N ALA E 54 -44.83 -16.11 -17.97
CA ALA E 54 -44.32 -14.73 -18.14
C ALA E 54 -44.94 -13.80 -17.10
N LYS E 55 -44.40 -12.58 -16.98
CA LYS E 55 -44.94 -11.60 -16.04
C LYS E 55 -46.04 -10.81 -16.72
N ILE E 56 -47.20 -10.74 -16.07
CA ILE E 56 -48.31 -9.94 -16.58
C ILE E 56 -47.99 -8.47 -16.35
N GLN E 57 -47.91 -7.70 -17.43
CA GLN E 57 -47.44 -6.32 -17.33
C GLN E 57 -48.42 -5.45 -16.55
N GLY E 58 -49.71 -5.56 -16.87
CA GLY E 58 -50.74 -4.75 -16.19
C GLY E 58 -51.66 -5.59 -15.32
N LEU E 59 -51.09 -6.47 -14.50
CA LEU E 59 -51.90 -7.35 -13.62
C LEU E 59 -52.69 -6.48 -12.63
N VAL E 60 -52.07 -5.40 -12.14
CA VAL E 60 -52.76 -4.45 -11.22
C VAL E 60 -53.09 -3.17 -11.99
N ARG E 61 -54.34 -2.72 -11.94
CA ARG E 61 -54.74 -1.54 -12.75
C ARG E 61 -55.57 -0.56 -11.89
N PRO E 62 -55.52 0.76 -12.15
CA PRO E 62 -56.37 1.71 -11.43
C PRO E 62 -57.84 1.37 -11.70
N ARG E 63 -58.66 1.36 -10.64
CA ARG E 63 -60.10 0.97 -10.80
C ARG E 63 -61.00 2.10 -10.27
N ASP E 64 -62.04 2.43 -11.01
CA ASP E 64 -63.01 3.48 -10.56
C ASP E 64 -64.29 2.79 -10.08
N PRO E 65 -64.55 2.71 -8.77
CA PRO E 65 -65.75 2.06 -8.24
C PRO E 65 -67.01 2.83 -8.69
N TYR E 66 -66.92 4.16 -8.74
CA TYR E 66 -68.07 4.99 -9.19
C TYR E 66 -68.43 4.64 -10.63
N SER E 67 -67.42 4.44 -11.48
CA SER E 67 -67.66 4.10 -12.90
C SER E 67 -67.86 2.59 -13.06
N ASN E 68 -68.11 2.13 -14.29
CA ASN E 68 -68.29 0.68 -14.55
C ASN E 68 -67.89 0.40 -16.01
N ALA E 69 -66.77 0.97 -16.45
CA ALA E 69 -66.32 0.78 -17.85
C ALA E 69 -65.68 -0.60 -18.00
N ASP E 70 -65.78 -1.20 -19.18
CA ASP E 70 -65.17 -2.54 -19.43
C ASP E 70 -63.65 -2.38 -19.54
N VAL E 71 -62.90 -3.33 -18.96
CA VAL E 71 -61.42 -3.31 -19.09
C VAL E 71 -61.00 -4.46 -20.01
N ALA E 72 -60.06 -4.21 -20.92
CA ALA E 72 -59.66 -5.25 -21.91
C ALA E 72 -59.31 -6.55 -21.19
N ALA E 73 -59.88 -7.67 -21.63
CA ALA E 73 -59.55 -8.99 -21.04
C ALA E 73 -58.06 -9.25 -21.19
N LYS E 74 -57.42 -9.82 -20.18
CA LYS E 74 -55.95 -10.03 -20.23
C LYS E 74 -55.66 -11.54 -20.28
N ASP E 75 -54.51 -11.94 -20.83
CA ASP E 75 -54.14 -13.35 -20.87
C ASP E 75 -52.72 -13.52 -20.36
N LEU E 76 -52.38 -14.73 -19.93
CA LEU E 76 -51.04 -15.03 -19.47
C LEU E 76 -50.33 -15.90 -20.50
N ARG E 77 -49.10 -15.50 -20.85
CA ARG E 77 -48.32 -16.15 -21.87
C ARG E 77 -47.11 -16.83 -21.23
N GLN E 78 -46.38 -17.61 -22.03
CA GLN E 78 -45.26 -18.39 -21.42
C GLN E 78 -43.95 -18.13 -22.19
N LEU E 79 -42.94 -17.58 -21.51
CA LEU E 79 -41.62 -17.34 -22.16
C LEU E 79 -40.79 -18.63 -22.05
N VAL E 80 -39.92 -18.88 -23.04
CA VAL E 80 -39.13 -20.15 -23.05
C VAL E 80 -37.63 -19.81 -23.03
N ASP E 81 -36.84 -20.57 -22.25
CA ASP E 81 -35.37 -20.35 -22.23
C ASP E 81 -34.76 -21.23 -23.32
N ASN E 82 -33.43 -21.27 -23.40
CA ASN E 82 -32.76 -22.06 -24.48
C ASN E 82 -31.31 -22.36 -24.09
N THR E 83 -30.86 -23.60 -24.35
CA THR E 83 -29.44 -23.96 -24.08
C THR E 83 -28.84 -24.49 -25.39
N ILE E 84 -28.19 -23.64 -26.17
CA ILE E 84 -27.65 -24.07 -27.51
C ILE E 84 -26.52 -25.07 -27.31
N LYS E 85 -26.46 -26.10 -28.16
CA LYS E 85 -25.37 -27.11 -28.08
C LYS E 85 -24.21 -26.67 -28.97
N VAL E 86 -22.98 -26.79 -28.48
CA VAL E 86 -21.78 -26.36 -29.27
C VAL E 86 -20.94 -27.60 -29.60
N ALA E 87 -20.63 -27.81 -30.88
CA ALA E 87 -19.84 -28.95 -31.30
C ALA E 87 -18.39 -28.54 -31.50
N SER E 88 -17.49 -29.18 -30.77
CA SER E 88 -16.06 -28.91 -30.86
C SER E 88 -15.33 -30.15 -31.34
N GLY E 89 -14.09 -29.95 -31.76
CA GLY E 89 -13.29 -31.05 -32.24
C GLY E 89 -11.83 -30.68 -32.31
N THR E 90 -11.06 -31.58 -32.92
CA THR E 90 -9.63 -31.43 -33.07
C THR E 90 -9.26 -31.69 -34.53
N PRO E 91 -8.46 -30.83 -35.14
CA PRO E 91 -8.04 -31.06 -36.52
C PRO E 91 -7.21 -32.32 -36.60
N PRO E 92 -7.10 -33.00 -37.78
CA PRO E 92 -6.23 -34.17 -37.91
C PRO E 92 -4.81 -33.86 -37.46
N ILE E 93 -4.32 -34.54 -36.42
CA ILE E 93 -2.93 -34.33 -35.95
C ILE E 93 -2.06 -35.46 -36.54
N ASN E 94 -1.10 -35.11 -37.41
CA ASN E 94 -0.24 -36.13 -38.05
C ASN E 94 0.69 -36.74 -37.00
N ILE E 95 0.71 -38.08 -36.90
CA ILE E 95 1.61 -38.78 -35.94
C ILE E 95 2.38 -39.88 -36.69
N PRO E 96 3.29 -39.55 -37.62
CA PRO E 96 4.08 -40.57 -38.31
C PRO E 96 4.97 -41.30 -37.30
N PRO E 97 4.99 -42.66 -37.27
CA PRO E 97 5.90 -43.40 -36.39
C PRO E 97 7.35 -43.17 -36.79
N SER E 98 7.61 -42.92 -38.08
CA SER E 98 8.99 -42.77 -38.58
C SER E 98 9.76 -41.69 -37.80
N MET E 99 9.15 -40.51 -37.59
CA MET E 99 9.90 -39.40 -36.93
C MET E 99 10.36 -39.84 -35.53
N LEU E 100 9.44 -40.42 -34.73
CA LEU E 100 9.79 -40.84 -33.35
C LEU E 100 10.84 -41.95 -33.42
N ARG E 101 10.68 -42.90 -34.34
CA ARG E 101 11.64 -44.02 -34.49
C ARG E 101 13.02 -43.48 -34.88
N TRP E 102 13.06 -42.47 -35.75
CA TRP E 102 14.34 -41.87 -36.18
C TRP E 102 15.08 -41.32 -34.96
N ILE E 103 14.34 -40.73 -34.01
CA ILE E 103 14.96 -40.19 -32.77
C ILE E 103 14.79 -41.19 -31.63
N GLN E 104 14.58 -42.47 -31.96
CA GLN E 104 14.46 -43.53 -30.92
C GLN E 104 13.42 -43.13 -29.87
N LYS E 105 12.21 -42.79 -30.30
CA LYS E 105 11.12 -42.43 -29.36
C LYS E 105 9.93 -43.38 -29.59
N ASN E 106 9.27 -43.82 -28.52
CA ASN E 106 8.08 -44.69 -28.67
C ASN E 106 7.02 -43.92 -29.48
N PRO E 107 6.66 -44.38 -30.69
CA PRO E 107 5.68 -43.66 -31.53
C PRO E 107 4.39 -43.31 -30.77
N GLN E 108 4.05 -44.11 -29.75
CA GLN E 108 2.78 -43.90 -28.99
C GLN E 108 2.94 -42.71 -28.03
N GLU E 109 4.18 -42.31 -27.74
CA GLU E 109 4.43 -41.20 -26.76
C GLU E 109 3.79 -39.91 -27.28
N ALA E 110 3.69 -39.75 -28.60
CA ALA E 110 3.10 -38.52 -29.18
C ALA E 110 1.67 -38.34 -28.66
N GLY E 111 0.88 -39.42 -28.63
CA GLY E 111 -0.50 -39.34 -28.10
C GLY E 111 -0.53 -38.67 -26.74
N ALA E 112 0.41 -39.02 -25.85
CA ALA E 112 0.46 -38.43 -24.52
C ALA E 112 0.52 -36.92 -24.58
N VAL E 113 1.42 -36.38 -25.42
CA VAL E 113 1.60 -34.90 -25.47
C VAL E 113 0.31 -34.27 -25.99
N ILE E 114 -0.38 -34.93 -26.92
CA ILE E 114 -1.68 -34.41 -27.42
C ILE E 114 -2.66 -34.42 -26.24
N GLY E 115 -2.77 -35.55 -25.54
CA GLY E 115 -3.69 -35.65 -24.39
C GLY E 115 -3.50 -34.50 -23.43
N GLN E 116 -2.25 -34.25 -22.99
CA GLN E 116 -1.96 -33.15 -22.05
C GLN E 116 -2.50 -31.82 -22.61
N GLN E 117 -1.99 -31.40 -23.77
CA GLN E 117 -2.42 -30.11 -24.36
C GLN E 117 -3.93 -30.13 -24.59
N LEU E 118 -4.47 -31.28 -25.04
CA LEU E 118 -5.92 -31.38 -25.34
C LEU E 118 -6.70 -30.99 -24.08
N ALA E 119 -6.43 -31.66 -22.95
CA ALA E 119 -7.13 -31.29 -21.72
C ALA E 119 -7.09 -29.78 -21.51
N GLY E 120 -5.88 -29.21 -21.62
CA GLY E 120 -5.75 -27.77 -21.42
C GLY E 120 -6.59 -26.96 -22.39
N ASP E 121 -6.50 -27.26 -23.68
CA ASP E 121 -7.14 -26.43 -24.68
C ASP E 121 -8.64 -26.68 -24.74
N THR E 122 -9.07 -27.89 -24.37
CA THR E 122 -10.52 -28.21 -24.35
C THR E 122 -11.21 -27.24 -23.37
N MET E 123 -10.76 -27.23 -22.11
CA MET E 123 -11.40 -26.34 -21.09
C MET E 123 -11.23 -24.87 -21.51
N GLN E 124 -10.04 -24.50 -21.96
CA GLN E 124 -9.82 -23.10 -22.44
C GLN E 124 -10.90 -22.76 -23.46
N ASP E 125 -11.05 -23.61 -24.49
CA ASP E 125 -12.03 -23.33 -25.53
C ASP E 125 -13.43 -23.19 -24.95
N MET E 126 -13.78 -24.08 -24.02
CA MET E 126 -15.13 -24.02 -23.40
C MET E 126 -15.32 -22.66 -22.72
N LEU E 127 -14.36 -22.26 -21.88
CA LEU E 127 -14.48 -20.98 -21.13
C LEU E 127 -14.53 -19.82 -22.12
N ASN E 128 -13.59 -19.77 -23.08
CA ASN E 128 -13.52 -18.65 -24.05
C ASN E 128 -14.88 -18.54 -24.75
N ASN E 129 -15.46 -19.66 -25.18
CA ASN E 129 -16.76 -19.64 -25.82
C ASN E 129 -17.84 -19.15 -24.87
N GLY E 130 -17.79 -19.60 -23.61
CA GLY E 130 -18.75 -19.10 -22.63
C GLY E 130 -18.64 -17.61 -22.40
N LEU E 131 -17.40 -17.11 -22.31
CA LEU E 131 -17.21 -15.67 -22.12
C LEU E 131 -17.70 -14.87 -23.32
N ALA E 132 -17.38 -15.33 -24.53
CA ALA E 132 -17.84 -14.63 -25.73
C ALA E 132 -19.36 -14.65 -25.81
N ALA E 133 -19.99 -15.78 -25.51
CA ALA E 133 -21.45 -15.87 -25.53
C ALA E 133 -22.06 -14.94 -24.50
N GLY E 134 -21.49 -14.89 -23.30
CA GLY E 134 -22.02 -13.99 -22.28
C GLY E 134 -21.91 -12.54 -22.67
N LYS E 135 -20.73 -12.14 -23.19
CA LYS E 135 -20.53 -10.73 -23.63
C LYS E 135 -21.60 -10.39 -24.68
N ALA E 136 -21.72 -11.22 -25.72
CA ALA E 136 -22.69 -10.95 -26.80
C ALA E 136 -24.11 -10.88 -26.24
N ALA E 137 -24.45 -11.78 -25.30
CA ALA E 137 -25.81 -11.80 -24.73
C ALA E 137 -26.09 -10.48 -24.02
N PHE E 138 -25.17 -10.03 -23.17
CA PHE E 138 -25.36 -8.76 -22.41
C PHE E 138 -25.45 -7.60 -23.41
N THR E 139 -24.66 -7.66 -24.48
CA THR E 139 -24.69 -6.61 -25.53
C THR E 139 -26.10 -6.56 -26.14
N ALA E 140 -26.65 -7.73 -26.48
CA ALA E 140 -28.02 -7.80 -27.05
C ALA E 140 -29.02 -7.32 -25.99
N GLY E 141 -28.82 -7.70 -24.73
CA GLY E 141 -29.73 -7.30 -23.65
C GLY E 141 -29.58 -5.83 -23.30
N GLY E 142 -28.47 -5.22 -23.70
CA GLY E 142 -28.23 -3.80 -23.41
C GLY E 142 -27.52 -3.60 -22.08
N ALA E 143 -27.10 -4.70 -21.45
CA ALA E 143 -26.36 -4.62 -20.17
C ALA E 143 -24.88 -4.34 -20.44
N VAL E 144 -24.57 -3.21 -21.08
CA VAL E 144 -23.15 -2.89 -21.44
C VAL E 144 -22.87 -1.43 -21.09
N HIS E 145 -21.75 -1.16 -20.42
CA HIS E 145 -21.34 0.25 -20.14
C HIS E 145 -19.95 0.46 -20.74
N ASP E 146 -19.73 1.62 -21.38
CA ASP E 146 -18.44 1.86 -22.08
C ASP E 146 -17.66 2.98 -21.38
N ILE E 147 -16.40 2.72 -21.02
CA ILE E 147 -15.53 3.78 -20.42
C ILE E 147 -14.28 3.88 -21.30
N SER E 148 -14.35 4.68 -22.36
CA SER E 148 -13.21 4.81 -23.30
C SER E 148 -13.04 6.28 -23.71
N ALA E 149 -14.06 6.87 -24.33
CA ALA E 149 -14.00 8.29 -24.70
C ALA E 149 -13.84 9.13 -23.43
N ALA E 150 -14.51 8.74 -22.34
CA ALA E 150 -14.43 9.49 -21.07
C ALA E 150 -12.99 9.49 -20.56
N GLY E 151 -12.39 10.68 -20.43
CA GLY E 151 -11.02 10.79 -19.90
C GLY E 151 -10.05 9.87 -20.62
N THR E 152 -9.19 9.18 -19.86
CA THR E 152 -8.19 8.25 -20.45
C THR E 152 -8.90 7.03 -21.05
N GLY E 153 -10.01 6.60 -20.43
CA GLY E 153 -10.70 5.39 -20.89
C GLY E 153 -10.20 4.15 -20.15
N LEU E 154 -9.35 4.36 -19.14
CA LEU E 154 -8.85 3.23 -18.32
C LEU E 154 -9.88 2.91 -17.24
N MET E 155 -9.73 1.78 -16.56
CA MET E 155 -10.68 1.39 -15.53
C MET E 155 -10.22 1.91 -14.18
N THR E 156 -11.20 2.17 -13.30
CA THR E 156 -10.91 2.65 -11.93
C THR E 156 -11.95 1.99 -11.02
N GLN E 157 -11.87 2.19 -9.70
CA GLN E 157 -12.92 1.63 -8.79
C GLN E 157 -14.26 2.29 -9.14
N ARG E 158 -14.22 3.54 -9.63
CA ARG E 158 -15.47 4.27 -9.99
C ARG E 158 -16.13 3.62 -11.21
N ALA E 159 -15.33 3.01 -12.09
CA ALA E 159 -15.87 2.40 -13.33
C ALA E 159 -16.89 1.31 -12.96
N PHE E 160 -16.59 0.52 -11.93
CA PHE E 160 -17.50 -0.56 -11.48
C PHE E 160 -18.83 0.04 -11.02
N ASN E 161 -18.78 1.22 -10.38
CA ASN E 161 -20.02 1.86 -9.86
C ASN E 161 -20.97 2.16 -11.02
N ALA E 162 -20.43 2.57 -12.17
CA ALA E 162 -21.27 2.87 -13.35
C ALA E 162 -22.01 1.60 -13.79
N ALA E 163 -21.31 0.46 -13.82
CA ALA E 163 -21.95 -0.82 -14.18
C ALA E 163 -23.02 -1.17 -13.13
N GLN E 164 -22.75 -0.86 -11.86
CA GLN E 164 -23.77 -1.09 -10.80
C GLN E 164 -25.02 -0.28 -11.14
N ARG E 165 -24.84 0.94 -11.62
CA ARG E 165 -26.00 1.82 -11.97
C ARG E 165 -26.86 1.10 -13.01
N ILE E 166 -26.22 0.38 -13.94
CA ILE E 166 -26.98 -0.39 -14.98
C ILE E 166 -27.91 -1.39 -14.28
N PHE E 167 -27.40 -2.11 -13.29
CA PHE E 167 -28.22 -3.16 -12.60
C PHE E 167 -29.16 -2.51 -11.58
N GLY E 168 -28.84 -1.29 -11.13
CA GLY E 168 -29.73 -0.55 -10.21
C GLY E 168 -29.96 -1.28 -8.89
N ASP E 169 -31.23 -1.54 -8.53
CA ASP E 169 -31.56 -2.18 -7.23
C ASP E 169 -30.85 -3.52 -7.08
N ARG E 170 -30.72 -4.30 -8.17
CA ARG E 170 -30.14 -5.67 -8.04
C ARG E 170 -28.63 -5.65 -8.29
N SER E 171 -27.98 -4.50 -8.15
CA SER E 171 -26.50 -4.45 -8.29
C SER E 171 -25.86 -5.50 -7.38
N THR E 172 -26.40 -5.68 -6.17
CA THR E 172 -25.85 -6.67 -5.21
C THR E 172 -25.81 -8.05 -5.86
N ASP E 173 -26.76 -8.36 -6.74
CA ASP E 173 -26.80 -9.67 -7.43
C ASP E 173 -25.44 -9.93 -8.10
N ILE E 174 -24.86 -8.91 -8.73
CA ILE E 174 -23.49 -9.07 -9.31
C ILE E 174 -22.53 -9.38 -8.16
N GLN E 175 -21.73 -10.45 -8.29
CA GLN E 175 -20.84 -10.87 -7.17
C GLN E 175 -19.41 -11.10 -7.68
N VAL E 176 -19.21 -11.10 -9.00
CA VAL E 176 -17.87 -11.43 -9.58
C VAL E 176 -17.56 -10.48 -10.74
N TRP E 177 -16.27 -10.19 -10.97
CA TRP E 177 -15.87 -9.28 -12.08
C TRP E 177 -14.84 -9.96 -12.98
N VAL E 178 -15.28 -10.86 -13.87
CA VAL E 178 -14.35 -11.50 -14.84
C VAL E 178 -13.73 -10.41 -15.70
N SER E 179 -12.41 -10.21 -15.59
CA SER E 179 -11.73 -9.13 -16.35
C SER E 179 -10.44 -9.64 -16.99
N HIS E 180 -9.75 -8.78 -17.75
CA HIS E 180 -8.46 -9.17 -18.37
C HIS E 180 -7.33 -8.65 -17.47
N SER E 181 -6.11 -9.17 -17.65
CA SER E 181 -4.97 -8.76 -16.80
C SER E 181 -4.67 -7.27 -17.00
N SER E 182 -4.63 -6.81 -18.26
CA SER E 182 -4.29 -5.40 -18.54
C SER E 182 -5.16 -4.43 -17.73
N PRO E 183 -6.52 -4.47 -17.81
CA PRO E 183 -7.35 -3.59 -16.97
C PRO E 183 -6.90 -3.61 -15.50
N LEU E 184 -6.58 -4.79 -14.98
CA LEU E 184 -6.17 -4.91 -13.55
C LEU E 184 -4.88 -4.10 -13.33
N PHE E 185 -3.91 -4.26 -14.22
CA PHE E 185 -2.64 -3.49 -14.09
C PHE E 185 -2.96 -2.00 -14.10
N ASP E 186 -4.02 -1.60 -14.81
CA ASP E 186 -4.43 -0.19 -14.78
C ASP E 186 -5.01 0.19 -13.42
N LEU E 187 -5.84 -0.70 -12.87
CA LEU E 187 -6.41 -0.45 -11.52
C LEU E 187 -5.27 -0.42 -10.50
N TYR E 188 -4.29 -1.32 -10.67
CA TYR E 188 -3.13 -1.38 -9.74
C TYR E 188 -2.38 -0.04 -9.77
N ASP E 189 -2.07 0.45 -10.96
CA ASP E 189 -1.35 1.75 -11.11
C ASP E 189 -2.18 2.85 -10.42
N ASN E 190 -3.49 2.86 -10.64
CA ASN E 190 -4.38 3.86 -10.01
C ASN E 190 -4.26 3.77 -8.48
N ALA E 191 -4.25 2.55 -7.95
CA ALA E 191 -4.14 2.35 -6.47
C ALA E 191 -2.79 2.90 -5.99
N LEU E 192 -1.71 2.60 -6.72
CA LEU E 192 -0.36 3.07 -6.33
C LEU E 192 -0.33 4.60 -6.37
N ALA E 193 -0.81 5.19 -7.46
CA ALA E 193 -0.87 6.67 -7.58
C ALA E 193 -2.26 7.17 -7.17
N ASN E 194 -2.64 6.97 -5.91
CA ASN E 194 -3.99 7.38 -5.45
C ASN E 194 -4.00 8.89 -5.23
N ALA E 195 -4.68 9.64 -6.11
CA ALA E 195 -4.78 11.10 -5.96
C ALA E 195 -5.41 11.43 -4.61
N GLU E 196 -6.53 10.76 -4.28
CA GLU E 196 -7.15 10.93 -2.95
C GLU E 196 -6.49 9.94 -1.99
N GLN E 197 -6.61 10.16 -0.68
CA GLN E 197 -5.91 9.26 0.28
C GLN E 197 -6.90 8.25 0.85
N LEU E 198 -7.27 7.23 0.06
CA LEU E 198 -8.16 6.15 0.55
C LEU E 198 -7.36 4.85 0.63
N TYR E 199 -6.12 4.87 0.13
CA TYR E 199 -5.28 3.65 0.11
C TYR E 199 -4.01 3.84 0.96
N VAL E 200 -3.43 2.75 1.44
CA VAL E 200 -2.12 2.82 2.16
C VAL E 200 -1.21 1.78 1.52
N PHE E 201 0.06 1.72 1.90
CA PHE E 201 1.00 0.78 1.23
C PHE E 201 0.46 -0.66 1.36
N GLY E 202 -0.32 -0.92 2.41
CA GLY E 202 -0.84 -2.29 2.63
C GLY E 202 -2.14 -2.55 1.88
N THR E 203 -2.88 -1.50 1.52
CA THR E 203 -4.17 -1.71 0.87
C THR E 203 -4.16 -1.32 -0.60
N VAL E 204 -2.97 -1.22 -1.21
CA VAL E 204 -2.87 -0.80 -2.64
C VAL E 204 -2.82 -2.05 -3.53
N ASN E 205 -2.83 -3.23 -2.92
CA ASN E 205 -2.76 -4.51 -3.70
C ASN E 205 -4.13 -5.19 -3.66
N VAL E 206 -5.20 -4.41 -3.47
CA VAL E 206 -6.58 -4.99 -3.35
C VAL E 206 -7.02 -5.57 -4.70
N ARG E 207 -7.82 -6.64 -4.66
CA ARG E 207 -8.35 -7.27 -5.91
C ARG E 207 -9.87 -7.14 -5.93
N ALA E 208 -10.43 -6.25 -5.10
CA ALA E 208 -11.89 -6.08 -5.02
C ALA E 208 -12.34 -4.90 -5.89
N ASP E 209 -13.64 -4.81 -6.16
CA ASP E 209 -14.18 -3.71 -7.01
C ASP E 209 -14.64 -2.56 -6.10
N ALA E 210 -14.22 -2.57 -4.83
CA ALA E 210 -14.64 -1.54 -3.85
C ALA E 210 -16.11 -1.74 -3.49
N PHE E 211 -16.72 -2.85 -3.96
CA PHE E 211 -18.14 -3.13 -3.64
C PHE E 211 -18.28 -4.59 -3.20
N GLY E 212 -17.17 -5.20 -2.77
CA GLY E 212 -17.21 -6.59 -2.26
C GLY E 212 -17.33 -7.62 -3.36
N ARG E 213 -16.79 -7.33 -4.55
CA ARG E 213 -16.80 -8.34 -5.65
C ARG E 213 -15.36 -8.59 -6.11
N PRO E 214 -14.85 -9.84 -6.08
CA PRO E 214 -13.51 -10.14 -6.56
C PRO E 214 -13.39 -9.87 -8.07
N ILE E 215 -12.32 -9.22 -8.50
CA ILE E 215 -12.11 -8.96 -9.96
C ILE E 215 -11.36 -10.16 -10.55
N ILE E 216 -12.11 -11.18 -10.99
CA ILE E 216 -11.48 -12.40 -11.59
C ILE E 216 -10.64 -11.96 -12.80
N ILE E 217 -9.41 -12.47 -12.92
CA ILE E 217 -8.51 -12.02 -14.01
C ILE E 217 -8.16 -13.21 -14.92
N THR E 218 -8.33 -13.05 -16.23
CA THR E 218 -7.97 -14.12 -17.20
C THR E 218 -7.53 -13.47 -18.52
N ASP E 219 -6.57 -14.07 -19.21
CA ASP E 219 -6.14 -13.52 -20.53
C ASP E 219 -7.03 -14.12 -21.62
N SER E 220 -8.33 -13.84 -21.57
CA SER E 220 -9.28 -14.41 -22.57
C SER E 220 -9.34 -13.51 -23.81
N PRO E 221 -9.20 -14.07 -25.03
CA PRO E 221 -9.32 -13.27 -26.25
C PRO E 221 -10.72 -12.66 -26.31
N ALA E 222 -11.72 -13.37 -25.78
CA ALA E 222 -13.12 -12.87 -25.79
C ALA E 222 -13.21 -11.52 -25.07
N LEU E 223 -12.16 -11.15 -24.32
CA LEU E 223 -12.23 -9.91 -23.55
C LEU E 223 -11.30 -8.83 -24.09
N VAL E 224 -10.75 -9.01 -25.28
CA VAL E 224 -9.89 -8.02 -25.92
C VAL E 224 -10.27 -7.91 -27.38
N SER E 225 -10.25 -6.68 -27.91
CA SER E 225 -10.48 -6.45 -29.32
C SER E 225 -9.69 -5.22 -29.74
N GLY E 226 -9.40 -5.15 -31.04
CA GLY E 226 -8.67 -4.02 -31.58
C GLY E 226 -7.19 -4.08 -31.27
N ALA E 227 -6.50 -3.02 -31.66
CA ALA E 227 -5.08 -2.88 -31.39
C ALA E 227 -4.70 -1.41 -31.39
N ALA E 228 -3.70 -1.06 -30.59
CA ALA E 228 -3.14 0.28 -30.50
C ALA E 228 -4.25 1.25 -30.07
N GLU E 229 -4.61 2.25 -30.89
CA GLU E 229 -5.64 3.20 -30.49
C GLU E 229 -7.02 2.58 -30.40
N THR E 230 -7.27 1.49 -31.12
CA THR E 230 -8.57 0.84 -31.13
C THR E 230 -8.69 -0.26 -30.10
N LEU E 231 -7.63 -0.49 -29.31
CA LEU E 231 -7.64 -1.60 -28.33
C LEU E 231 -8.66 -1.33 -27.23
N ARG E 232 -9.64 -2.24 -27.06
CA ARG E 232 -10.68 -2.08 -26.03
C ARG E 232 -10.72 -3.34 -25.15
N HIS E 233 -11.05 -3.19 -23.87
CA HIS E 233 -11.13 -4.36 -22.95
C HIS E 233 -12.54 -4.48 -22.38
N SER E 234 -13.09 -5.70 -22.35
CA SER E 234 -14.43 -5.93 -21.85
C SER E 234 -14.34 -6.66 -20.52
N THR E 235 -14.79 -6.01 -19.45
CA THR E 235 -14.95 -6.65 -18.16
C THR E 235 -16.44 -6.88 -17.93
N LEU E 236 -16.80 -8.13 -17.63
CA LEU E 236 -18.19 -8.49 -17.42
C LEU E 236 -18.40 -8.93 -15.98
N GLY E 237 -19.40 -8.34 -15.34
CA GLY E 237 -19.76 -8.70 -13.97
C GLY E 237 -20.95 -9.63 -13.99
N LEU E 238 -20.78 -10.78 -13.33
CA LEU E 238 -21.72 -11.87 -13.42
C LEU E 238 -22.43 -12.09 -12.08
N THR E 239 -23.71 -12.45 -12.18
CA THR E 239 -24.44 -12.93 -11.01
C THR E 239 -24.15 -14.41 -10.82
N THR E 240 -24.84 -15.05 -9.88
CA THR E 240 -24.68 -16.48 -9.68
C THR E 240 -25.39 -17.24 -10.80
N GLY E 241 -24.67 -18.17 -11.42
CA GLY E 241 -25.20 -18.91 -12.55
C GLY E 241 -25.47 -18.05 -13.77
N ALA E 242 -24.64 -17.04 -14.03
CA ALA E 242 -24.85 -16.19 -15.18
C ALA E 242 -24.55 -16.92 -16.48
N ILE E 243 -23.49 -17.72 -16.50
CA ILE E 243 -23.10 -18.49 -17.68
C ILE E 243 -23.08 -19.95 -17.29
N LEU E 244 -23.79 -20.78 -18.05
CA LEU E 244 -23.89 -22.20 -17.79
C LEU E 244 -23.28 -22.97 -18.95
N ILE E 245 -22.36 -23.90 -18.63
CA ILE E 245 -21.74 -24.75 -19.68
C ILE E 245 -22.04 -26.22 -19.34
N GLU E 246 -23.04 -26.80 -20.02
CA GLU E 246 -23.42 -28.21 -19.74
C GLU E 246 -22.63 -29.14 -20.67
N GLN E 247 -21.49 -29.67 -20.20
CA GLN E 247 -20.69 -30.62 -21.00
C GLN E 247 -21.57 -31.82 -21.35
N ASN E 248 -21.68 -32.15 -22.64
CA ASN E 248 -22.58 -33.25 -23.06
C ASN E 248 -21.87 -34.60 -22.92
N GLN E 249 -20.73 -34.63 -22.22
CA GLN E 249 -19.98 -35.90 -21.98
C GLN E 249 -20.13 -36.81 -23.20
N ASP E 250 -19.74 -36.32 -24.38
CA ASP E 250 -19.86 -37.10 -25.64
C ASP E 250 -18.56 -37.01 -26.42
N PHE E 251 -17.49 -37.64 -25.92
CA PHE E 251 -16.16 -37.52 -26.57
C PHE E 251 -15.98 -38.62 -27.62
N ASP E 252 -15.55 -38.24 -28.83
CA ASP E 252 -15.31 -39.23 -29.91
C ASP E 252 -13.87 -39.07 -30.41
N SER E 253 -12.98 -40.00 -30.06
CA SER E 253 -11.56 -39.94 -30.49
C SER E 253 -11.22 -41.14 -31.38
N THR E 254 -10.35 -40.94 -32.38
CA THR E 254 -9.94 -42.06 -33.26
C THR E 254 -8.52 -41.83 -33.79
N VAL E 255 -7.81 -42.91 -34.13
CA VAL E 255 -6.45 -42.78 -34.74
C VAL E 255 -6.43 -43.63 -36.01
N VAL E 256 -6.25 -43.00 -37.17
CA VAL E 256 -6.33 -43.75 -38.46
C VAL E 256 -4.94 -43.81 -39.10
N ASP E 257 -4.51 -45.01 -39.51
CA ASP E 257 -3.19 -45.17 -40.19
C ASP E 257 -3.40 -45.19 -41.71
N GLY E 258 -2.30 -45.16 -42.48
CA GLY E 258 -2.41 -45.12 -43.94
C GLY E 258 -1.33 -45.96 -44.62
N THR E 259 -1.60 -46.41 -45.85
CA THR E 259 -0.63 -47.25 -46.60
C THR E 259 -0.51 -46.72 -48.04
N GLY E 260 0.68 -46.82 -48.63
CA GLY E 260 0.89 -46.36 -50.02
C GLY E 260 1.78 -45.14 -50.10
N LYS E 261 2.49 -44.83 -49.02
CA LYS E 261 3.40 -43.64 -49.00
C LYS E 261 4.80 -44.09 -48.56
N GLN E 262 5.81 -43.26 -48.83
CA GLN E 262 7.20 -43.59 -48.40
C GLN E 262 7.18 -44.05 -46.94
N ASN E 263 6.34 -43.44 -46.11
CA ASN E 263 6.30 -43.78 -44.66
C ASN E 263 4.86 -44.07 -44.24
N ILE E 264 4.66 -44.89 -43.21
CA ILE E 264 3.29 -45.16 -42.68
C ILE E 264 2.71 -43.83 -42.21
N THR E 265 1.43 -43.56 -42.49
CA THR E 265 0.84 -42.24 -42.15
C THR E 265 -0.22 -42.43 -41.06
N ARG E 266 0.12 -42.06 -39.81
CA ARG E 266 -0.87 -42.17 -38.69
C ARG E 266 -1.37 -40.77 -38.36
N GLN E 267 -2.68 -40.61 -38.14
CA GLN E 267 -3.27 -39.28 -37.83
C GLN E 267 -4.18 -39.40 -36.61
N TYR E 268 -4.50 -38.26 -35.97
CA TYR E 268 -5.35 -38.26 -34.74
C TYR E 268 -6.61 -37.43 -34.98
N GLN E 269 -7.74 -37.87 -34.44
CA GLN E 269 -9.01 -37.09 -34.54
C GLN E 269 -9.75 -37.18 -33.21
N ALA E 270 -10.38 -36.07 -32.79
CA ALA E 270 -11.13 -36.05 -31.50
C ALA E 270 -12.36 -35.15 -31.64
N GLU E 271 -13.45 -35.49 -30.96
CA GLU E 271 -14.71 -34.70 -31.08
C GLU E 271 -15.41 -34.64 -29.72
N TRP E 272 -15.96 -33.48 -29.36
CA TRP E 272 -16.72 -33.35 -28.09
C TRP E 272 -17.76 -32.24 -28.23
N SER E 273 -18.82 -32.28 -27.43
CA SER E 273 -19.88 -31.24 -27.50
C SER E 273 -20.25 -30.76 -26.11
N TYR E 274 -20.65 -29.50 -25.98
CA TYR E 274 -21.05 -28.92 -24.68
C TYR E 274 -22.15 -27.89 -24.91
N ASN E 275 -23.09 -27.77 -23.96
CA ASN E 275 -24.23 -26.84 -24.16
C ASN E 275 -23.92 -25.48 -23.51
N LEU E 276 -24.17 -24.39 -24.22
CA LEU E 276 -23.88 -23.03 -23.69
C LEU E 276 -25.20 -22.30 -23.40
N GLY E 277 -25.37 -21.80 -22.18
CA GLY E 277 -26.57 -21.02 -21.83
C GLY E 277 -26.22 -19.75 -21.08
N VAL E 278 -26.91 -18.64 -21.37
CA VAL E 278 -26.68 -17.36 -20.65
C VAL E 278 -27.96 -17.00 -19.89
N ASN E 279 -27.85 -16.70 -18.60
CA ASN E 279 -29.04 -16.43 -17.79
C ASN E 279 -29.84 -15.27 -18.37
N GLY E 280 -31.14 -15.48 -18.55
CA GLY E 280 -32.01 -14.46 -19.05
C GLY E 280 -32.05 -14.34 -20.56
N TYR E 281 -31.27 -15.13 -21.29
CA TYR E 281 -31.17 -15.02 -22.73
C TYR E 281 -31.38 -16.37 -23.39
N ALA E 282 -31.90 -16.32 -24.61
CA ALA E 282 -32.09 -17.51 -25.43
C ALA E 282 -31.39 -17.30 -26.76
N TYR E 283 -30.61 -18.31 -27.18
CA TYR E 283 -29.89 -18.23 -28.48
C TYR E 283 -30.89 -18.15 -29.62
N ASP E 284 -30.70 -17.20 -30.54
CA ASP E 284 -31.60 -17.10 -31.72
C ASP E 284 -31.11 -18.08 -32.79
N ILE E 285 -31.52 -19.36 -32.68
CA ILE E 285 -31.07 -20.40 -33.65
C ILE E 285 -31.56 -20.01 -35.05
N ALA E 286 -32.73 -19.39 -35.14
CA ALA E 286 -33.27 -18.96 -36.46
C ALA E 286 -32.27 -18.00 -37.12
N THR E 287 -31.82 -16.98 -36.38
CA THR E 287 -30.82 -16.02 -36.92
C THR E 287 -29.47 -16.73 -37.08
N GLY E 288 -29.10 -17.55 -36.09
CA GLY E 288 -27.81 -18.28 -36.14
C GLY E 288 -27.94 -19.59 -36.88
N GLY E 289 -27.69 -20.72 -36.20
CA GLY E 289 -27.76 -22.02 -36.84
C GLY E 289 -27.88 -23.12 -35.79
N LYS E 290 -27.96 -24.35 -36.30
CA LYS E 290 -28.10 -25.50 -35.41
C LYS E 290 -26.85 -25.71 -34.56
N ALA E 291 -25.67 -25.55 -35.16
CA ALA E 291 -24.40 -25.70 -34.46
C ALA E 291 -23.61 -24.41 -34.66
N PRO E 292 -23.76 -23.45 -33.75
CA PRO E 292 -23.10 -22.15 -33.95
C PRO E 292 -21.59 -22.24 -33.83
N ASN E 293 -20.92 -21.38 -34.58
CA ASN E 293 -19.49 -21.18 -34.45
C ASN E 293 -19.20 -20.29 -33.25
N PRO E 294 -17.94 -20.24 -32.80
CA PRO E 294 -17.57 -19.19 -31.84
C PRO E 294 -17.84 -17.78 -32.36
N THR E 295 -17.72 -17.56 -33.66
CA THR E 295 -18.08 -16.27 -34.24
C THR E 295 -19.58 -16.02 -34.12
N ALA E 296 -20.40 -17.06 -34.35
CA ALA E 296 -21.84 -16.90 -34.21
C ALA E 296 -22.24 -16.73 -32.75
N LEU E 297 -21.53 -17.44 -31.86
CA LEU E 297 -21.82 -17.30 -30.41
C LEU E 297 -21.57 -15.83 -30.01
N ALA E 298 -20.72 -15.13 -30.76
CA ALA E 298 -20.40 -13.71 -30.45
C ALA E 298 -21.22 -12.79 -31.36
N THR E 299 -21.81 -13.34 -32.43
CA THR E 299 -22.62 -12.52 -33.36
C THR E 299 -23.84 -11.96 -32.62
N ALA E 300 -24.19 -10.70 -32.87
CA ALA E 300 -25.35 -10.06 -32.21
C ALA E 300 -26.65 -10.62 -32.80
N ALA E 301 -27.79 -10.32 -32.18
CA ALA E 301 -29.11 -10.80 -32.66
C ALA E 301 -29.16 -12.34 -32.55
N ASN E 302 -28.23 -12.93 -31.81
CA ASN E 302 -28.23 -14.40 -31.60
C ASN E 302 -28.51 -14.69 -30.13
N TRP E 303 -28.86 -13.66 -29.35
CA TRP E 303 -29.12 -13.84 -27.91
C TRP E 303 -30.38 -13.05 -27.50
N ASP E 304 -31.56 -13.56 -27.87
CA ASP E 304 -32.84 -12.86 -27.56
C ASP E 304 -33.01 -12.77 -26.04
N LYS E 305 -33.36 -11.59 -25.54
CA LYS E 305 -33.59 -11.39 -24.07
C LYS E 305 -34.96 -11.95 -23.71
N ILE E 306 -35.01 -12.99 -22.87
CA ILE E 306 -36.27 -13.61 -22.48
C ILE E 306 -36.87 -12.94 -21.26
N SER E 307 -36.04 -12.60 -20.27
CA SER E 307 -36.52 -11.98 -19.05
C SER E 307 -37.15 -10.63 -19.35
N THR E 308 -38.22 -10.30 -18.62
CA THR E 308 -38.86 -9.01 -18.79
C THR E 308 -37.96 -7.89 -18.29
N SER E 309 -37.19 -8.16 -17.23
CA SER E 309 -36.31 -7.11 -16.64
C SER E 309 -34.84 -7.46 -16.85
N ILE E 310 -33.98 -6.44 -16.95
CA ILE E 310 -32.51 -6.68 -17.10
C ILE E 310 -31.98 -7.24 -15.78
N LYS E 311 -32.67 -6.94 -14.67
CA LYS E 311 -32.25 -7.45 -13.34
C LYS E 311 -32.19 -8.99 -13.40
N ASP E 312 -33.23 -9.61 -13.98
CA ASP E 312 -33.26 -11.10 -14.06
C ASP E 312 -32.06 -11.59 -14.87
N THR E 313 -31.77 -10.93 -15.99
CA THR E 313 -30.61 -11.33 -16.85
C THR E 313 -29.33 -11.21 -16.03
N GLY E 314 -28.64 -12.33 -15.79
CA GLY E 314 -27.43 -12.30 -14.94
C GLY E 314 -26.20 -11.89 -15.72
N GLY E 315 -25.66 -10.71 -15.45
CA GLY E 315 -24.40 -10.30 -16.09
C GLY E 315 -24.46 -8.93 -16.73
N VAL E 316 -23.37 -8.15 -16.61
CA VAL E 316 -23.28 -6.81 -17.27
C VAL E 316 -21.95 -6.77 -18.03
N VAL E 317 -21.69 -5.73 -18.82
CA VAL E 317 -20.39 -5.60 -19.52
C VAL E 317 -19.80 -4.21 -19.28
N LEU E 318 -18.53 -4.13 -18.88
CA LEU E 318 -17.86 -2.82 -18.67
C LEU E 318 -16.71 -2.70 -19.66
N VAL E 319 -16.88 -1.89 -20.71
CA VAL E 319 -15.84 -1.77 -21.77
C VAL E 319 -14.87 -0.65 -21.40
N THR E 320 -13.60 -0.97 -21.15
CA THR E 320 -12.59 0.07 -20.84
C THR E 320 -11.40 -0.10 -21.80
N LYS E 321 -11.06 0.95 -22.55
CA LYS E 321 -9.97 0.85 -23.56
C LYS E 321 -8.64 0.60 -22.84
N ALA F 2 -74.87 1.76 -9.51
CA ALA F 2 -74.13 0.95 -8.51
C ALA F 2 -73.76 1.84 -7.31
N LEU F 3 -72.46 2.11 -7.14
CA LEU F 3 -72.00 2.98 -6.02
C LEU F 3 -72.61 4.38 -6.21
N SER F 4 -72.79 4.81 -7.47
CA SER F 4 -73.42 6.13 -7.74
C SER F 4 -74.80 6.18 -7.07
N ASP F 5 -75.57 5.09 -7.16
CA ASP F 5 -76.91 5.04 -6.51
C ASP F 5 -76.74 5.13 -4.99
N LEU F 6 -75.70 4.49 -4.45
CA LEU F 6 -75.48 4.49 -2.98
C LEU F 6 -74.97 5.86 -2.53
N GLN F 7 -75.04 6.15 -1.22
CA GLN F 7 -74.57 7.45 -0.69
C GLN F 7 -73.36 7.22 0.22
N VAL F 8 -72.26 7.93 -0.04
CA VAL F 8 -71.05 7.82 0.84
C VAL F 8 -71.10 8.95 1.87
N PHE F 9 -70.68 8.67 3.11
CA PHE F 9 -70.66 9.71 4.17
C PHE F 9 -69.21 9.98 4.58
N ASN F 10 -68.27 9.36 3.86
CA ASN F 10 -66.81 9.54 4.13
C ASN F 10 -66.53 9.21 5.59
N ASP F 11 -65.53 9.86 6.17
CA ASP F 11 -65.17 9.64 7.59
C ASP F 11 -64.62 10.95 8.13
N TRP F 12 -64.92 11.28 9.39
CA TRP F 12 -64.39 12.52 10.00
C TRP F 12 -64.23 12.32 11.51
N ALA F 13 -63.39 13.13 12.15
CA ALA F 13 -63.14 12.98 13.60
C ALA F 13 -62.84 14.35 14.20
N TYR F 14 -62.92 14.46 15.53
CA TYR F 14 -62.59 15.74 16.21
C TYR F 14 -61.47 15.48 17.23
N LYS F 15 -60.29 15.09 16.74
CA LYS F 15 -59.14 14.81 17.64
C LYS F 15 -58.81 16.08 18.43
N THR F 16 -59.04 17.26 17.84
CA THR F 16 -58.79 18.54 18.53
C THR F 16 -57.35 18.58 19.06
N MET F 17 -56.43 17.90 18.39
CA MET F 17 -55.00 17.98 18.80
C MET F 17 -54.60 19.45 18.75
N SER F 18 -54.06 19.98 19.85
CA SER F 18 -53.71 21.43 19.90
C SER F 18 -52.28 21.63 19.40
N GLU F 19 -52.12 22.14 18.18
CA GLU F 19 -50.75 22.44 17.67
C GLU F 19 -50.07 23.35 18.70
N VAL F 20 -48.83 23.05 19.07
CA VAL F 20 -48.14 23.83 20.13
C VAL F 20 -46.85 24.42 19.54
N LEU F 21 -46.08 25.16 20.35
CA LEU F 21 -44.82 25.79 19.88
C LEU F 21 -43.92 24.76 19.22
N ASP F 22 -43.23 25.14 18.14
CA ASP F 22 -42.33 24.21 17.41
C ASP F 22 -40.87 24.46 17.80
N GLN F 23 -40.55 25.68 18.26
CA GLN F 23 -39.15 26.05 18.61
C GLN F 23 -38.74 25.36 19.92
N GLN F 24 -37.51 24.84 19.98
CA GLN F 24 -37.00 24.23 21.23
C GLN F 24 -36.66 25.35 22.22
N VAL F 25 -37.35 25.39 23.37
CA VAL F 25 -37.13 26.48 24.35
C VAL F 25 -36.79 25.87 25.72
N GLU F 26 -36.57 24.55 25.76
CA GLU F 26 -36.20 23.88 27.03
C GLU F 26 -34.70 24.08 27.27
N LEU F 27 -34.28 25.33 27.48
CA LEU F 27 -32.85 25.65 27.71
C LEU F 27 -32.71 26.38 29.05
N PHE F 28 -32.94 25.68 30.16
CA PHE F 28 -32.88 26.33 31.50
C PHE F 28 -32.12 25.44 32.49
N ASN F 29 -31.31 26.04 33.36
CA ASN F 29 -30.56 25.28 34.40
C ASN F 29 -29.73 24.18 33.73
N GLY F 30 -29.94 22.92 34.11
CA GLY F 30 -29.12 21.81 33.59
C GLY F 30 -29.07 21.79 32.07
N ALA F 31 -30.16 22.16 31.41
CA ALA F 31 -30.21 22.13 29.92
C ALA F 31 -29.06 22.97 29.36
N THR F 32 -28.77 24.11 29.98
CA THR F 32 -27.66 24.99 29.53
C THR F 32 -26.48 24.87 30.49
N ARG F 33 -26.47 23.82 31.33
CA ARG F 33 -25.39 23.64 32.34
C ARG F 33 -25.39 24.83 33.30
N GLY F 34 -26.55 25.39 33.60
CA GLY F 34 -26.65 26.52 34.54
C GLY F 34 -26.44 27.85 33.87
N ALA F 35 -26.03 27.85 32.60
CA ALA F 35 -25.77 29.11 31.87
C ALA F 35 -27.06 29.95 31.86
N ILE F 36 -28.16 29.37 31.37
CA ILE F 36 -29.47 30.09 31.41
C ILE F 36 -30.31 29.40 32.49
N ILE F 37 -30.71 30.13 33.53
CA ILE F 37 -31.47 29.48 34.65
C ILE F 37 -32.85 30.13 34.76
N LEU F 38 -33.85 29.34 35.14
CA LEU F 38 -35.22 29.89 35.34
C LEU F 38 -35.58 29.79 36.82
N ARG F 39 -35.84 30.92 37.47
CA ARG F 39 -36.19 30.92 38.92
C ARG F 39 -37.70 31.17 39.06
N SER F 40 -38.41 30.24 39.70
CA SER F 40 -39.87 30.40 39.91
C SER F 40 -40.13 31.67 40.74
N ALA F 41 -39.29 31.92 41.75
CA ALA F 41 -39.46 33.11 42.62
C ALA F 41 -38.98 34.37 41.89
N GLY F 42 -39.61 35.52 42.15
CA GLY F 42 -39.20 36.79 41.52
C GLY F 42 -38.88 37.85 42.56
N ASN F 43 -38.89 39.12 42.16
CA ASN F 43 -38.63 40.23 43.11
C ASN F 43 -39.62 41.36 42.87
N THR F 44 -39.83 42.23 43.86
CA THR F 44 -40.82 43.34 43.74
C THR F 44 -40.16 44.55 43.07
N GLY F 45 -40.95 45.49 42.56
CA GLY F 45 -40.40 46.72 41.97
C GLY F 45 -39.95 46.52 40.53
N ASP F 46 -40.23 47.48 39.66
CA ASP F 46 -39.85 47.37 38.21
C ASP F 46 -38.34 47.12 38.11
N LEU F 47 -37.58 47.47 39.15
CA LEU F 47 -36.11 47.29 39.12
C LEU F 47 -35.67 46.45 40.32
N SER F 48 -34.47 45.86 40.25
CA SER F 48 -33.92 45.08 41.40
C SER F 48 -32.41 45.34 41.51
N GLU F 49 -32.02 46.44 42.16
CA GLU F 49 -30.59 46.80 42.29
C GLU F 49 -29.93 45.92 43.36
N ALA F 50 -28.59 45.94 43.42
CA ALA F 50 -27.85 45.13 44.41
C ALA F 50 -26.42 45.67 44.57
N ALA F 51 -26.15 46.43 45.63
CA ALA F 51 -24.80 47.06 45.78
C ALA F 51 -23.78 46.03 46.30
N PHE F 52 -22.75 45.73 45.50
CA PHE F 52 -21.68 44.80 45.95
C PHE F 52 -20.32 45.50 45.94
N TRP F 53 -19.43 45.11 46.85
CA TRP F 53 -18.09 45.76 46.96
C TRP F 53 -17.29 45.56 45.68
N ALA F 54 -16.43 46.53 45.34
CA ALA F 54 -15.55 46.40 44.16
C ALA F 54 -14.18 45.88 44.60
N LYS F 55 -13.15 46.06 43.78
CA LYS F 55 -11.78 45.66 44.18
C LYS F 55 -10.89 46.91 44.28
N ILE F 56 -10.02 46.98 45.29
CA ILE F 56 -9.11 48.14 45.46
C ILE F 56 -7.89 47.94 44.56
N GLN F 57 -7.86 48.63 43.41
CA GLN F 57 -6.68 48.55 42.52
C GLN F 57 -5.52 49.28 43.18
N GLY F 58 -4.28 48.87 42.89
CA GLY F 58 -3.11 49.48 43.54
C GLY F 58 -3.13 49.24 45.04
N LEU F 59 -3.46 48.01 45.45
CA LEU F 59 -3.47 47.66 46.90
C LEU F 59 -2.04 47.28 47.32
N VAL F 60 -1.14 47.14 46.34
CA VAL F 60 0.27 46.74 46.65
C VAL F 60 1.22 47.69 45.91
N ARG F 61 2.32 48.09 46.55
CA ARG F 61 3.29 49.02 45.93
C ARG F 61 4.72 48.50 46.17
N PRO F 62 5.73 48.82 45.32
CA PRO F 62 7.12 48.41 45.60
C PRO F 62 7.76 49.31 46.66
N ARG F 63 7.66 48.91 47.94
CA ARG F 63 8.23 49.71 49.05
C ARG F 63 9.76 49.59 49.06
N ASP F 64 10.47 50.69 49.26
CA ASP F 64 11.95 50.63 49.38
C ASP F 64 12.36 51.19 50.75
N PRO F 65 12.47 50.36 51.81
CA PRO F 65 12.76 50.86 53.16
C PRO F 65 14.05 51.70 53.23
N TYR F 66 15.01 51.42 52.35
CA TYR F 66 16.28 52.19 52.33
C TYR F 66 15.96 53.69 52.16
N SER F 67 14.92 54.00 51.38
CA SER F 67 14.51 55.41 51.18
C SER F 67 13.12 55.65 51.79
N ASN F 68 12.56 56.85 51.60
CA ASN F 68 11.19 57.14 52.08
C ASN F 68 10.44 57.91 50.99
N ALA F 69 9.14 57.65 50.82
CA ALA F 69 8.39 58.29 49.72
C ALA F 69 6.91 58.41 50.11
N ASP F 70 6.33 59.61 50.01
CA ASP F 70 4.90 59.82 50.33
C ASP F 70 4.04 59.02 49.32
N VAL F 71 2.99 58.35 49.79
CA VAL F 71 2.15 57.52 48.90
C VAL F 71 0.68 57.96 49.04
N ALA F 72 0.02 58.24 47.91
CA ALA F 72 -1.40 58.66 47.93
C ALA F 72 -2.25 57.56 48.55
N ALA F 73 -3.34 57.93 49.24
CA ALA F 73 -4.20 56.93 49.91
C ALA F 73 -5.24 56.35 48.95
N LYS F 74 -5.95 55.31 49.38
CA LYS F 74 -7.00 54.66 48.54
C LYS F 74 -8.31 54.59 49.34
N ASP F 75 -9.39 54.12 48.71
CA ASP F 75 -10.68 53.97 49.43
C ASP F 75 -11.48 52.84 48.78
N LEU F 76 -12.41 52.23 49.53
CA LEU F 76 -13.25 51.13 48.99
C LEU F 76 -14.32 51.70 48.06
N ARG F 77 -14.57 51.07 46.92
CA ARG F 77 -15.63 51.52 45.99
C ARG F 77 -16.82 50.56 46.13
N GLN F 78 -18.02 50.98 45.72
CA GLN F 78 -19.20 50.07 45.79
C GLN F 78 -19.85 49.95 44.40
N LEU F 79 -19.77 48.76 43.78
CA LEU F 79 -20.44 48.52 42.48
C LEU F 79 -21.92 48.21 42.74
N VAL F 80 -22.76 48.24 41.71
CA VAL F 80 -24.21 47.87 41.88
C VAL F 80 -24.67 47.04 40.68
N ASP F 81 -25.15 45.81 40.92
CA ASP F 81 -25.72 44.98 39.82
C ASP F 81 -27.24 45.17 39.81
N ASN F 82 -27.91 44.84 38.70
CA ASN F 82 -29.37 45.11 38.63
C ASN F 82 -30.10 44.09 37.75
N THR F 83 -31.32 43.71 38.13
CA THR F 83 -32.13 42.78 37.30
C THR F 83 -33.42 43.51 36.88
N ILE F 84 -33.59 43.78 35.58
CA ILE F 84 -34.77 44.56 35.11
C ILE F 84 -36.02 43.67 35.12
N LYS F 85 -37.16 44.19 35.60
CA LYS F 85 -38.43 43.42 35.58
C LYS F 85 -39.09 43.63 34.21
N VAL F 86 -39.50 42.54 33.55
CA VAL F 86 -40.20 42.64 32.23
C VAL F 86 -41.56 41.97 32.33
N ALA F 87 -42.64 42.71 32.09
CA ALA F 87 -44.01 42.15 32.16
C ALA F 87 -44.30 41.37 30.88
N SER F 88 -45.28 40.46 30.92
CA SER F 88 -45.66 39.65 29.74
C SER F 88 -47.15 39.29 29.82
N GLY F 89 -47.82 39.17 28.67
CA GLY F 89 -49.27 38.91 28.69
C GLY F 89 -49.78 38.31 27.40
N THR F 90 -51.11 38.22 27.25
CA THR F 90 -51.71 37.69 26.04
C THR F 90 -52.66 38.72 25.45
N PRO F 91 -52.88 38.69 24.14
CA PRO F 91 -53.97 39.47 23.58
C PRO F 91 -55.30 38.84 23.93
N PRO F 92 -56.43 39.58 23.94
CA PRO F 92 -57.74 38.96 24.17
C PRO F 92 -58.07 38.01 23.02
N ILE F 93 -58.71 36.88 23.31
CA ILE F 93 -59.02 35.89 22.25
C ILE F 93 -60.53 35.60 22.25
N ASN F 94 -61.14 35.54 21.07
CA ASN F 94 -62.61 35.31 20.97
C ASN F 94 -62.91 33.84 21.23
N ILE F 95 -63.66 33.54 22.29
CA ILE F 95 -64.05 32.13 22.61
C ILE F 95 -65.57 32.05 22.72
N PRO F 96 -66.34 32.16 21.61
CA PRO F 96 -67.79 32.02 21.68
C PRO F 96 -68.18 30.61 22.14
N PRO F 97 -69.06 30.45 23.15
CA PRO F 97 -69.52 29.13 23.55
C PRO F 97 -70.36 28.52 22.42
N SER F 98 -70.99 29.37 21.60
CA SER F 98 -71.88 28.89 20.52
C SER F 98 -71.17 27.91 19.59
N MET F 99 -69.94 28.22 19.15
CA MET F 99 -69.26 27.34 18.16
C MET F 99 -69.06 25.94 18.77
N LEU F 100 -68.64 25.87 20.04
CA LEU F 100 -68.45 24.56 20.70
C LEU F 100 -69.79 23.84 20.77
N ARG F 101 -70.85 24.54 21.20
CA ARG F 101 -72.20 23.94 21.28
C ARG F 101 -72.64 23.50 19.88
N TRP F 102 -72.31 24.30 18.86
CA TRP F 102 -72.76 24.00 17.47
C TRP F 102 -72.25 22.62 17.04
N ILE F 103 -71.04 22.25 17.47
CA ILE F 103 -70.46 20.92 17.12
C ILE F 103 -70.58 19.99 18.34
N GLN F 104 -71.56 20.27 19.23
CA GLN F 104 -71.80 19.40 20.40
C GLN F 104 -70.50 19.24 21.20
N LYS F 105 -69.89 20.36 21.60
CA LYS F 105 -68.64 20.31 22.41
C LYS F 105 -68.78 21.23 23.62
N ASN F 106 -68.11 20.90 24.72
CA ASN F 106 -68.14 21.77 25.93
C ASN F 106 -67.41 23.08 25.59
N PRO F 107 -67.98 24.25 25.91
CA PRO F 107 -67.32 25.53 25.66
C PRO F 107 -66.04 25.67 26.47
N GLN F 108 -65.89 24.88 27.54
CA GLN F 108 -64.69 24.94 28.42
C GLN F 108 -63.51 24.25 27.74
N GLU F 109 -63.78 23.32 26.81
CA GLU F 109 -62.69 22.58 26.17
C GLU F 109 -61.60 23.51 25.65
N ALA F 110 -61.98 24.70 25.20
CA ALA F 110 -60.98 25.64 24.68
C ALA F 110 -60.00 26.07 25.76
N GLY F 111 -60.42 26.04 27.02
CA GLY F 111 -59.54 26.44 28.10
C GLY F 111 -58.30 25.57 28.21
N ALA F 112 -58.44 24.26 27.96
CA ALA F 112 -57.31 23.36 28.08
C ALA F 112 -56.26 23.62 27.01
N VAL F 113 -56.70 23.78 25.77
CA VAL F 113 -55.75 24.05 24.69
C VAL F 113 -55.13 25.42 24.88
N ILE F 114 -55.92 26.39 25.36
CA ILE F 114 -55.37 27.70 25.69
C ILE F 114 -54.29 27.56 26.74
N GLY F 115 -54.54 26.72 27.75
CA GLY F 115 -53.56 26.51 28.82
C GLY F 115 -52.27 25.86 28.32
N GLN F 116 -52.39 24.74 27.59
CA GLN F 116 -51.18 24.01 27.13
C GLN F 116 -50.36 24.91 26.20
N GLN F 117 -51.03 25.61 25.27
CA GLN F 117 -50.32 26.55 24.37
C GLN F 117 -49.69 27.68 25.20
N LEU F 118 -50.46 28.23 26.15
CA LEU F 118 -49.93 29.30 27.02
C LEU F 118 -48.60 28.84 27.63
N ALA F 119 -48.60 27.71 28.34
CA ALA F 119 -47.37 27.25 28.99
C ALA F 119 -46.22 27.21 28.00
N GLY F 120 -46.45 26.63 26.82
CA GLY F 120 -45.40 26.58 25.82
C GLY F 120 -44.93 27.97 25.39
N ASP F 121 -45.87 28.87 25.13
CA ASP F 121 -45.51 30.20 24.65
C ASP F 121 -44.87 31.04 25.75
N THR F 122 -45.26 30.80 27.01
CA THR F 122 -44.68 31.54 28.15
C THR F 122 -43.20 31.15 28.31
N MET F 123 -42.92 29.85 28.34
CA MET F 123 -41.51 29.37 28.45
C MET F 123 -40.71 29.93 27.27
N GLN F 124 -41.31 29.90 26.07
CA GLN F 124 -40.63 30.42 24.86
C GLN F 124 -40.32 31.91 25.05
N ASP F 125 -41.34 32.73 25.27
CA ASP F 125 -41.15 34.17 25.40
C ASP F 125 -40.04 34.49 26.39
N MET F 126 -40.08 33.83 27.55
CA MET F 126 -39.06 34.11 28.60
C MET F 126 -37.67 33.79 28.04
N LEU F 127 -37.51 32.63 27.40
CA LEU F 127 -36.19 32.22 26.86
C LEU F 127 -35.74 33.23 25.81
N ASN F 128 -36.61 33.53 24.84
CA ASN F 128 -36.22 34.48 23.75
C ASN F 128 -35.75 35.79 24.39
N ASN F 129 -36.57 36.37 25.26
CA ASN F 129 -36.20 37.65 25.87
C ASN F 129 -34.87 37.54 26.61
N GLY F 130 -34.65 36.41 27.31
CA GLY F 130 -33.37 36.21 27.97
C GLY F 130 -32.22 36.18 26.99
N LEU F 131 -32.39 35.48 25.86
CA LEU F 131 -31.33 35.41 24.87
C LEU F 131 -31.05 36.79 24.27
N ALA F 132 -32.11 37.53 23.94
CA ALA F 132 -31.91 38.86 23.36
C ALA F 132 -31.20 39.79 24.34
N ALA F 133 -31.61 39.77 25.61
CA ALA F 133 -30.97 40.63 26.60
C ALA F 133 -29.52 40.22 26.83
N GLY F 134 -29.24 38.91 26.86
CA GLY F 134 -27.86 38.47 27.01
C GLY F 134 -26.98 38.93 25.87
N LYS F 135 -27.47 38.77 24.64
CA LYS F 135 -26.69 39.20 23.45
C LYS F 135 -26.34 40.69 23.60
N ALA F 136 -27.35 41.53 23.87
CA ALA F 136 -27.11 42.99 23.98
C ALA F 136 -26.11 43.28 25.11
N ALA F 137 -26.26 42.61 26.25
CA ALA F 137 -25.36 42.87 27.40
C ALA F 137 -23.91 42.57 27.02
N PHE F 138 -23.67 41.44 26.38
CA PHE F 138 -22.28 41.06 25.97
C PHE F 138 -21.78 42.09 24.95
N THR F 139 -22.63 42.46 23.99
CA THR F 139 -22.25 43.45 22.96
C THR F 139 -21.86 44.76 23.64
N ALA F 140 -22.69 45.22 24.59
CA ALA F 140 -22.40 46.49 25.30
C ALA F 140 -21.15 46.32 26.16
N GLY F 141 -20.98 45.16 26.78
CA GLY F 141 -19.81 44.91 27.64
C GLY F 141 -18.56 44.59 26.84
N GLY F 142 -18.68 44.60 25.50
CA GLY F 142 -17.52 44.35 24.63
C GLY F 142 -17.23 42.87 24.47
N ALA F 143 -18.12 42.00 24.97
CA ALA F 143 -17.95 40.54 24.80
C ALA F 143 -18.57 40.11 23.48
N VAL F 144 -18.42 40.94 22.43
CA VAL F 144 -19.00 40.61 21.09
C VAL F 144 -17.86 40.37 20.10
N HIS F 145 -17.98 39.32 19.28
CA HIS F 145 -16.96 39.02 18.24
C HIS F 145 -17.66 38.85 16.89
N ASP F 146 -17.18 39.51 15.85
CA ASP F 146 -17.87 39.45 14.53
C ASP F 146 -17.05 38.63 13.54
N ILE F 147 -17.62 37.54 13.01
CA ILE F 147 -16.92 36.71 11.98
C ILE F 147 -17.73 36.78 10.70
N SER F 148 -18.68 37.72 10.63
CA SER F 148 -19.54 37.86 9.42
C SER F 148 -18.69 38.12 8.18
N ALA F 149 -17.65 38.95 8.33
CA ALA F 149 -16.74 39.24 7.20
C ALA F 149 -16.02 37.96 6.77
N ALA F 150 -15.59 37.14 7.74
CA ALA F 150 -14.87 35.88 7.44
C ALA F 150 -15.88 34.76 7.16
N GLY F 151 -16.67 34.89 6.09
CA GLY F 151 -17.64 33.85 5.72
C GLY F 151 -18.73 33.68 6.77
N THR F 152 -19.34 32.49 6.82
CA THR F 152 -20.44 32.23 7.80
C THR F 152 -19.84 31.97 9.18
N GLY F 153 -18.51 31.99 9.30
CA GLY F 153 -17.85 31.79 10.60
C GLY F 153 -17.82 30.32 10.99
N LEU F 154 -17.64 30.03 12.29
CA LEU F 154 -17.57 28.63 12.77
C LEU F 154 -16.59 27.85 11.88
N MET F 155 -15.72 28.56 11.15
CA MET F 155 -14.78 27.88 10.22
C MET F 155 -13.84 26.98 11.03
N THR F 156 -14.01 25.66 10.92
CA THR F 156 -13.20 24.71 11.72
C THR F 156 -13.31 25.10 13.19
N GLN F 157 -14.41 25.77 13.56
CA GLN F 157 -14.65 26.19 14.97
C GLN F 157 -13.54 27.14 15.41
N ARG F 158 -12.81 27.73 14.47
CA ARG F 158 -11.78 28.74 14.82
C ARG F 158 -12.50 30.00 15.32
N ALA F 159 -13.71 30.24 14.83
CA ALA F 159 -14.52 31.40 15.33
C ALA F 159 -14.78 31.18 16.82
N PHE F 160 -15.16 29.96 17.21
CA PHE F 160 -15.36 29.65 18.64
C PHE F 160 -14.06 29.97 19.39
N ASN F 161 -12.93 29.50 18.86
CA ASN F 161 -11.60 29.77 19.48
C ASN F 161 -11.38 31.29 19.53
N ALA F 162 -11.65 31.98 18.43
CA ALA F 162 -11.46 33.43 18.40
C ALA F 162 -12.35 34.12 19.43
N ALA F 163 -13.57 33.62 19.63
CA ALA F 163 -14.43 34.16 20.68
C ALA F 163 -13.98 33.71 22.06
N GLN F 164 -13.47 32.49 22.17
CA GLN F 164 -12.88 32.02 23.43
C GLN F 164 -11.70 32.87 23.84
N ARG F 165 -11.03 33.48 22.86
CA ARG F 165 -9.86 34.35 23.14
C ARG F 165 -10.28 35.47 24.09
N ILE F 166 -11.54 35.93 24.00
CA ILE F 166 -12.01 37.07 24.84
C ILE F 166 -11.75 36.72 26.31
N PHE F 167 -12.17 35.52 26.75
CA PHE F 167 -11.85 35.09 28.14
C PHE F 167 -10.41 34.57 28.14
N GLY F 168 -9.44 35.47 28.26
CA GLY F 168 -8.03 35.05 28.15
C GLY F 168 -7.59 34.09 29.25
N ASP F 169 -7.52 34.56 30.51
CA ASP F 169 -6.98 33.70 31.59
C ASP F 169 -7.90 32.52 31.89
N ARG F 170 -9.20 32.75 32.02
CA ARG F 170 -10.10 31.63 32.43
C ARG F 170 -11.23 31.40 31.41
N SER F 171 -10.88 31.02 30.18
CA SER F 171 -11.90 30.65 29.22
C SER F 171 -12.63 29.37 29.57
N THR F 172 -12.20 28.66 30.62
CA THR F 172 -12.96 27.51 31.07
C THR F 172 -14.26 27.90 31.77
N ASP F 173 -14.45 29.19 32.05
CA ASP F 173 -15.72 29.63 32.64
C ASP F 173 -16.89 29.41 31.69
N ILE F 174 -16.68 29.72 30.40
CA ILE F 174 -17.73 29.44 29.38
C ILE F 174 -17.71 27.95 29.08
N GLN F 175 -18.84 27.25 29.25
CA GLN F 175 -18.86 25.77 29.06
C GLN F 175 -20.06 25.39 28.19
N VAL F 176 -20.58 26.32 27.38
CA VAL F 176 -21.76 26.04 26.53
C VAL F 176 -21.73 26.98 25.32
N TRP F 177 -22.53 26.69 24.29
CA TRP F 177 -22.59 27.57 23.08
C TRP F 177 -24.02 27.63 22.54
N VAL F 178 -24.82 28.60 23.00
CA VAL F 178 -26.22 28.76 22.52
C VAL F 178 -26.19 29.40 21.12
N SER F 179 -26.90 28.81 20.15
CA SER F 179 -26.89 29.33 18.75
C SER F 179 -28.18 28.93 18.01
N HIS F 180 -28.31 29.38 16.76
CA HIS F 180 -29.49 29.03 15.93
C HIS F 180 -29.16 27.76 15.13
N SER F 181 -30.15 27.19 14.44
CA SER F 181 -29.92 25.93 13.68
C SER F 181 -29.05 26.19 12.46
N SER F 182 -29.25 27.32 11.77
CA SER F 182 -28.49 27.60 10.52
C SER F 182 -26.97 27.56 10.78
N PRO F 183 -26.40 28.31 11.75
CA PRO F 183 -24.96 28.20 12.05
C PRO F 183 -24.52 26.74 12.21
N LEU F 184 -25.33 25.94 12.90
CA LEU F 184 -24.94 24.52 13.13
C LEU F 184 -24.75 23.81 11.79
N PHE F 185 -25.74 23.92 10.90
CA PHE F 185 -25.65 23.20 9.60
C PHE F 185 -24.52 23.81 8.77
N ASP F 186 -24.24 25.10 8.96
CA ASP F 186 -23.08 25.72 8.26
C ASP F 186 -21.81 25.03 8.76
N LEU F 187 -21.69 24.84 10.07
CA LEU F 187 -20.51 24.12 10.64
C LEU F 187 -20.59 22.65 10.20
N TYR F 188 -21.79 22.07 10.19
CA TYR F 188 -21.94 20.68 9.71
C TYR F 188 -21.44 20.60 8.26
N ASP F 189 -21.86 21.56 7.43
CA ASP F 189 -21.39 21.59 6.02
C ASP F 189 -19.87 21.75 6.01
N ASN F 190 -19.33 22.52 6.95
CA ASN F 190 -17.85 22.68 7.03
C ASN F 190 -17.24 21.30 7.38
N ALA F 191 -17.82 20.60 8.34
CA ALA F 191 -17.31 19.26 8.73
C ALA F 191 -17.42 18.31 7.53
N LEU F 192 -18.40 18.53 6.66
CA LEU F 192 -18.61 17.66 5.47
C LEU F 192 -17.44 17.83 4.50
N ALA F 193 -16.81 19.01 4.47
CA ALA F 193 -15.66 19.25 3.57
C ALA F 193 -14.44 19.66 4.40
N ASN F 194 -13.64 18.69 4.85
CA ASN F 194 -12.48 18.99 5.74
C ASN F 194 -11.32 19.56 4.90
N ALA F 195 -11.43 20.80 4.45
CA ALA F 195 -10.31 21.44 3.72
C ALA F 195 -9.05 21.32 4.57
N GLU F 196 -9.21 21.26 5.90
CA GLU F 196 -8.05 21.19 6.82
C GLU F 196 -7.78 19.73 7.19
N GLN F 197 -8.53 18.79 6.61
CA GLN F 197 -8.35 17.34 6.90
C GLN F 197 -8.36 17.13 8.41
N LEU F 198 -9.36 17.68 9.11
CA LEU F 198 -9.46 17.53 10.58
C LEU F 198 -10.67 16.66 10.92
N TYR F 199 -11.41 16.22 9.90
CA TYR F 199 -12.66 15.44 10.15
C TYR F 199 -12.68 14.17 9.28
N VAL F 200 -13.55 13.22 9.63
CA VAL F 200 -13.70 11.97 8.81
C VAL F 200 -15.21 11.74 8.63
N PHE F 201 -15.59 10.76 7.82
CA PHE F 201 -17.04 10.53 7.55
C PHE F 201 -17.79 10.46 8.89
N GLY F 202 -17.24 9.72 9.85
CA GLY F 202 -17.89 9.60 11.18
C GLY F 202 -17.90 10.90 11.95
N THR F 203 -16.77 11.63 11.95
CA THR F 203 -16.67 12.88 12.75
C THR F 203 -17.22 14.07 11.94
N VAL F 204 -18.53 14.10 11.70
CA VAL F 204 -19.17 15.22 10.95
C VAL F 204 -20.26 15.84 11.82
N ASN F 205 -21.21 15.01 12.26
CA ASN F 205 -22.33 15.51 13.12
C ASN F 205 -21.81 15.68 14.55
N VAL F 206 -21.12 16.79 14.83
CA VAL F 206 -20.52 17.02 16.18
C VAL F 206 -21.09 18.30 16.78
N ARG F 207 -21.42 18.29 18.08
CA ARG F 207 -21.96 19.49 18.75
C ARG F 207 -20.90 20.07 19.70
N ALA F 208 -19.63 19.90 19.37
CA ALA F 208 -18.54 20.38 20.25
C ALA F 208 -17.74 21.48 19.55
N ASP F 209 -17.14 22.39 20.32
CA ASP F 209 -16.32 23.48 19.74
C ASP F 209 -14.85 23.08 19.81
N ALA F 210 -14.56 21.78 19.97
CA ALA F 210 -13.17 21.29 20.09
C ALA F 210 -12.55 21.80 21.40
N PHE F 211 -13.37 22.39 22.27
CA PHE F 211 -12.87 22.90 23.58
C PHE F 211 -13.81 22.40 24.69
N GLY F 212 -14.45 21.25 24.48
CA GLY F 212 -15.33 20.67 25.52
C GLY F 212 -16.52 21.55 25.84
N ARG F 213 -17.14 22.18 24.84
CA ARG F 213 -18.36 22.99 25.09
C ARG F 213 -19.47 22.55 24.14
N PRO F 214 -20.65 22.11 24.63
CA PRO F 214 -21.76 21.73 23.78
C PRO F 214 -22.32 22.94 23.01
N ILE F 215 -22.77 22.72 21.77
CA ILE F 215 -23.34 23.84 20.97
C ILE F 215 -24.88 23.76 21.05
N ILE F 216 -25.49 24.58 21.92
CA ILE F 216 -26.97 24.58 22.05
C ILE F 216 -27.58 25.08 20.74
N ILE F 217 -28.61 24.37 20.24
CA ILE F 217 -29.27 24.75 18.96
C ILE F 217 -30.73 25.10 19.23
N THR F 218 -31.16 26.30 18.85
CA THR F 218 -32.56 26.74 19.11
C THR F 218 -32.98 27.79 18.07
N ASP F 219 -34.18 27.65 17.51
CA ASP F 219 -34.66 28.60 16.48
C ASP F 219 -35.19 29.87 17.15
N SER F 220 -34.35 30.55 17.95
CA SER F 220 -34.77 31.76 18.62
C SER F 220 -34.71 32.94 17.63
N PRO F 221 -35.79 33.71 17.49
CA PRO F 221 -35.71 34.93 16.67
C PRO F 221 -34.75 35.96 17.24
N ALA F 222 -34.37 35.79 18.51
CA ALA F 222 -33.41 36.72 19.15
C ALA F 222 -31.97 36.39 18.72
N LEU F 223 -31.79 35.32 17.94
CA LEU F 223 -30.41 34.88 17.55
C LEU F 223 -30.17 35.18 16.06
N VAL F 224 -31.19 35.69 15.37
CA VAL F 224 -31.06 35.99 13.90
C VAL F 224 -31.41 37.46 13.67
N SER F 225 -30.62 38.17 12.86
CA SER F 225 -30.87 39.61 12.60
C SER F 225 -30.69 39.91 11.10
N GLY F 226 -31.71 40.46 10.45
CA GLY F 226 -31.62 40.80 9.01
C GLY F 226 -32.07 39.66 8.13
N ALA F 227 -32.05 39.85 6.81
CA ALA F 227 -32.42 38.75 5.88
C ALA F 227 -31.36 38.65 4.76
N ALA F 228 -31.27 37.49 4.10
CA ALA F 228 -30.30 37.30 3.00
C ALA F 228 -28.89 37.67 3.46
N GLU F 229 -28.25 38.62 2.77
CA GLU F 229 -26.86 39.04 3.13
C GLU F 229 -26.88 39.71 4.51
N THR F 230 -27.90 40.54 4.77
CA THR F 230 -27.98 41.27 6.06
C THR F 230 -28.19 40.26 7.20
N LEU F 231 -28.72 39.08 6.89
CA LEU F 231 -28.98 38.06 7.93
C LEU F 231 -27.68 37.72 8.66
N ARG F 232 -27.69 37.79 9.99
CA ARG F 232 -26.48 37.44 10.79
C ARG F 232 -26.88 36.41 11.87
N HIS F 233 -25.90 35.69 12.41
CA HIS F 233 -26.18 34.64 13.43
C HIS F 233 -25.32 34.91 14.67
N SER F 234 -25.95 35.03 15.83
CA SER F 234 -25.21 35.34 17.09
C SER F 234 -25.06 34.08 17.94
N THR F 235 -23.84 33.54 18.01
CA THR F 235 -23.58 32.35 18.87
C THR F 235 -22.99 32.83 20.20
N LEU F 236 -23.76 32.74 21.29
CA LEU F 236 -23.29 33.27 22.56
C LEU F 236 -22.87 32.13 23.47
N GLY F 237 -21.65 32.21 24.00
CA GLY F 237 -21.15 31.23 24.95
C GLY F 237 -21.29 31.77 26.36
N LEU F 238 -21.74 30.90 27.27
CA LEU F 238 -22.18 31.32 28.58
C LEU F 238 -21.45 30.57 29.67
N THR F 239 -21.26 31.25 30.81
CA THR F 239 -20.63 30.59 31.99
C THR F 239 -21.75 30.09 32.90
N THR F 240 -21.41 29.57 34.07
CA THR F 240 -22.47 29.15 35.03
C THR F 240 -23.22 30.39 35.52
N GLY F 241 -24.55 30.36 35.48
CA GLY F 241 -25.36 31.50 35.97
C GLY F 241 -25.12 32.76 35.15
N ALA F 242 -24.90 32.62 33.84
CA ALA F 242 -24.69 33.79 32.96
C ALA F 242 -26.04 34.51 32.75
N ILE F 243 -27.05 33.78 32.29
CA ILE F 243 -28.39 34.40 32.02
C ILE F 243 -29.32 34.10 33.21
N LEU F 244 -29.82 35.15 33.87
CA LEU F 244 -30.70 34.96 35.05
C LEU F 244 -32.15 35.27 34.68
N ILE F 245 -33.06 34.31 34.89
CA ILE F 245 -34.51 34.57 34.63
C ILE F 245 -35.28 34.26 35.93
N GLU F 246 -36.04 35.23 36.44
CA GLU F 246 -36.80 35.04 37.71
C GLU F 246 -38.27 35.44 37.50
N GLN F 247 -39.16 34.45 37.34
CA GLN F 247 -40.60 34.74 37.18
C GLN F 247 -41.13 35.44 38.44
N ASN F 248 -41.90 36.51 38.28
CA ASN F 248 -42.46 37.25 39.45
C ASN F 248 -43.70 36.51 39.96
N GLN F 249 -44.22 35.54 39.20
CA GLN F 249 -45.42 34.77 39.62
C GLN F 249 -46.57 35.72 39.91
N ASP F 250 -46.68 36.82 39.15
CA ASP F 250 -47.82 37.77 39.33
C ASP F 250 -48.81 37.54 38.18
N PHE F 251 -49.24 36.29 37.97
CA PHE F 251 -50.13 35.97 36.83
C PHE F 251 -51.57 36.38 37.16
N ASP F 252 -52.22 37.10 36.25
CA ASP F 252 -53.64 37.52 36.44
C ASP F 252 -54.44 37.01 35.23
N SER F 253 -55.61 36.42 35.46
CA SER F 253 -56.40 35.83 34.34
C SER F 253 -57.90 36.08 34.53
N THR F 254 -58.50 36.84 33.61
CA THR F 254 -59.97 37.11 33.66
C THR F 254 -60.55 36.97 32.25
N VAL F 255 -61.55 36.11 32.08
CA VAL F 255 -62.21 35.94 30.76
C VAL F 255 -63.50 36.76 30.75
N VAL F 256 -63.59 37.76 29.87
CA VAL F 256 -64.79 38.65 29.83
C VAL F 256 -65.73 38.17 28.73
N ASP F 257 -66.98 37.85 29.08
CA ASP F 257 -67.93 37.31 28.08
C ASP F 257 -68.61 38.46 27.34
N GLY F 258 -68.05 38.89 26.20
CA GLY F 258 -68.66 39.97 25.41
C GLY F 258 -70.07 39.61 24.98
N THR F 259 -71.05 40.44 25.37
CA THR F 259 -72.47 40.16 25.04
C THR F 259 -73.02 41.28 24.16
N GLY F 260 -74.32 41.24 23.85
CA GLY F 260 -74.94 42.27 22.99
C GLY F 260 -74.88 41.86 21.53
N LYS F 261 -73.93 41.01 21.17
CA LYS F 261 -73.80 40.51 19.77
C LYS F 261 -74.78 39.33 19.58
N GLN F 262 -74.98 38.89 18.34
CA GLN F 262 -75.86 37.72 18.08
C GLN F 262 -75.42 36.56 18.98
N ASN F 263 -74.10 36.30 19.05
CA ASN F 263 -73.60 35.15 19.84
C ASN F 263 -72.62 35.64 20.90
N ILE F 264 -72.74 35.14 22.14
CA ILE F 264 -71.76 35.51 23.21
C ILE F 264 -70.38 35.07 22.71
N THR F 265 -69.34 35.86 22.96
CA THR F 265 -67.96 35.45 22.60
C THR F 265 -67.03 35.81 23.76
N ARG F 266 -66.58 34.80 24.52
CA ARG F 266 -65.66 35.07 25.66
C ARG F 266 -64.41 35.80 25.15
N GLN F 267 -63.74 36.57 26.02
CA GLN F 267 -62.48 37.25 25.62
C GLN F 267 -61.40 36.92 26.65
N TYR F 268 -60.75 35.75 26.50
CA TYR F 268 -59.71 35.33 27.47
C TYR F 268 -58.53 36.31 27.46
N GLN F 269 -58.14 36.80 28.63
CA GLN F 269 -56.96 37.70 28.73
C GLN F 269 -56.10 37.27 29.93
N ALA F 270 -54.78 37.23 29.76
CA ALA F 270 -53.88 36.79 30.84
C ALA F 270 -52.66 37.71 30.90
N GLU F 271 -52.25 38.11 32.11
CA GLU F 271 -51.11 39.05 32.25
C GLU F 271 -50.20 38.59 33.39
N TRP F 272 -48.87 38.71 33.21
CA TRP F 272 -47.90 38.33 34.27
C TRP F 272 -46.62 39.14 34.11
N SER F 273 -45.54 38.74 34.80
CA SER F 273 -44.24 39.45 34.68
C SER F 273 -43.09 38.54 35.14
N TYR F 274 -41.86 38.87 34.77
CA TYR F 274 -40.67 38.07 35.19
C TYR F 274 -39.43 38.97 35.18
N ASN F 275 -38.58 38.84 36.20
CA ASN F 275 -37.34 39.65 36.26
C ASN F 275 -36.20 38.90 35.59
N LEU F 276 -35.44 39.58 34.72
CA LEU F 276 -34.27 38.96 34.06
C LEU F 276 -33.03 39.83 34.28
N GLY F 277 -31.85 39.20 34.38
CA GLY F 277 -30.60 39.96 34.58
C GLY F 277 -29.41 39.26 33.93
N VAL F 278 -28.34 40.00 33.64
CA VAL F 278 -27.14 39.40 33.00
C VAL F 278 -25.96 39.49 33.97
N ASN F 279 -25.26 38.37 34.18
CA ASN F 279 -24.14 38.34 35.12
C ASN F 279 -23.09 39.36 34.72
N GLY F 280 -22.78 40.28 35.64
CA GLY F 280 -21.72 41.28 35.38
C GLY F 280 -22.24 42.47 34.58
N TYR F 281 -23.56 42.52 34.35
CA TYR F 281 -24.14 43.62 33.53
C TYR F 281 -25.35 44.21 34.26
N ALA F 282 -25.69 45.47 33.96
CA ALA F 282 -26.82 46.14 34.65
C ALA F 282 -27.67 46.89 33.62
N TYR F 283 -28.99 46.70 33.65
CA TYR F 283 -29.86 47.34 32.62
C TYR F 283 -29.78 48.86 32.74
N ASP F 284 -29.76 49.55 31.59
CA ASP F 284 -29.74 51.03 31.60
C ASP F 284 -31.18 51.54 31.38
N ILE F 285 -31.81 52.07 32.43
CA ILE F 285 -33.21 52.55 32.32
C ILE F 285 -33.28 53.78 31.41
N ALA F 286 -32.28 54.66 31.50
CA ALA F 286 -32.29 55.91 30.67
C ALA F 286 -32.42 55.53 29.20
N THR F 287 -31.67 54.53 28.75
CA THR F 287 -31.76 54.07 27.33
C THR F 287 -32.86 53.02 27.21
N GLY F 288 -33.26 52.41 28.33
CA GLY F 288 -34.34 51.40 28.31
C GLY F 288 -35.65 51.99 28.76
N GLY F 289 -36.19 51.51 29.90
CA GLY F 289 -37.46 52.04 30.43
C GLY F 289 -37.87 51.32 31.70
N LYS F 290 -38.88 51.83 32.40
CA LYS F 290 -39.39 51.17 33.63
C LYS F 290 -39.92 49.78 33.26
N ALA F 291 -40.64 49.69 32.13
CA ALA F 291 -41.16 48.38 31.65
C ALA F 291 -40.65 48.15 30.23
N PRO F 292 -39.39 47.68 30.03
CA PRO F 292 -38.82 47.54 28.69
C PRO F 292 -39.54 46.47 27.84
N ASN F 293 -39.63 46.71 26.52
CA ASN F 293 -40.25 45.72 25.61
C ASN F 293 -39.11 44.82 25.10
N PRO F 294 -39.36 43.72 24.38
CA PRO F 294 -38.26 42.91 23.84
C PRO F 294 -37.24 43.79 23.10
N THR F 295 -37.72 44.80 22.37
CA THR F 295 -36.81 45.68 21.57
C THR F 295 -35.78 46.31 22.50
N ALA F 296 -36.23 47.02 23.54
CA ALA F 296 -35.30 47.70 24.48
C ALA F 296 -34.33 46.67 25.08
N LEU F 297 -34.84 45.47 25.38
CA LEU F 297 -33.97 44.39 25.94
C LEU F 297 -32.95 43.97 24.88
N ALA F 298 -33.31 44.00 23.60
CA ALA F 298 -32.41 43.49 22.54
C ALA F 298 -31.43 44.59 22.10
N THR F 299 -31.86 45.86 22.16
CA THR F 299 -30.98 46.96 21.67
C THR F 299 -29.81 47.15 22.64
N ALA F 300 -28.67 47.62 22.13
CA ALA F 300 -27.47 47.81 22.97
C ALA F 300 -27.55 49.15 23.71
N ALA F 301 -26.47 49.55 24.38
CA ALA F 301 -26.46 50.80 25.18
C ALA F 301 -27.49 50.68 26.31
N ASN F 302 -28.18 49.53 26.38
CA ASN F 302 -29.22 49.31 27.44
C ASN F 302 -28.61 48.46 28.56
N TRP F 303 -27.29 48.25 28.54
CA TRP F 303 -26.63 47.39 29.55
C TRP F 303 -25.32 48.04 30.02
N ASP F 304 -25.19 48.26 31.33
CA ASP F 304 -23.96 48.90 31.88
C ASP F 304 -23.04 47.80 32.42
N LYS F 305 -21.76 47.81 32.02
CA LYS F 305 -20.83 46.79 32.46
C LYS F 305 -20.37 47.14 33.88
N ILE F 306 -20.64 46.24 34.83
CA ILE F 306 -20.31 46.51 36.25
C ILE F 306 -19.00 45.79 36.63
N SER F 307 -18.88 44.52 36.28
CA SER F 307 -17.68 43.73 36.68
C SER F 307 -16.40 44.47 36.26
N THR F 308 -15.40 44.50 37.15
CA THR F 308 -14.14 45.22 36.87
C THR F 308 -13.47 44.60 35.63
N SER F 309 -13.41 43.26 35.56
CA SER F 309 -12.81 42.58 34.38
C SER F 309 -13.90 41.85 33.59
N ILE F 310 -13.65 41.60 32.30
CA ILE F 310 -14.66 40.89 31.43
C ILE F 310 -14.80 39.45 31.91
N LYS F 311 -13.70 38.82 32.33
CA LYS F 311 -13.76 37.38 32.75
C LYS F 311 -14.68 37.26 33.97
N ASP F 312 -14.88 38.35 34.72
CA ASP F 312 -15.82 38.32 35.87
C ASP F 312 -17.25 38.18 35.33
N THR F 313 -17.56 38.87 34.23
CA THR F 313 -18.91 38.78 33.62
C THR F 313 -19.10 37.39 33.01
N GLY F 314 -20.35 36.94 32.88
CA GLY F 314 -20.62 35.60 32.34
C GLY F 314 -21.27 35.65 30.97
N GLY F 315 -20.54 35.28 29.92
CA GLY F 315 -21.15 35.22 28.58
C GLY F 315 -20.36 35.99 27.53
N VAL F 316 -20.22 35.42 26.33
CA VAL F 316 -19.53 36.11 25.20
C VAL F 316 -20.32 35.81 23.92
N VAL F 317 -20.71 36.84 23.17
CA VAL F 317 -21.54 36.61 21.95
C VAL F 317 -20.65 36.61 20.72
N LEU F 318 -20.85 35.63 19.81
CA LEU F 318 -20.03 35.54 18.57
C LEU F 318 -20.96 35.75 17.37
N VAL F 319 -20.90 36.94 16.76
CA VAL F 319 -21.77 37.24 15.59
C VAL F 319 -21.11 36.67 14.33
N THR F 320 -21.87 35.88 13.55
CA THR F 320 -21.33 35.28 12.30
C THR F 320 -22.33 35.54 11.17
N LYS F 321 -21.87 35.48 9.92
CA LYS F 321 -22.78 35.68 8.76
C LYS F 321 -23.92 34.65 8.84
N ALA G 2 -27.00 -40.33 -42.00
CA ALA G 2 -26.21 -39.37 -41.17
C ALA G 2 -27.13 -38.71 -40.14
N LEU G 3 -26.62 -37.66 -39.47
CA LEU G 3 -27.44 -36.94 -38.46
C LEU G 3 -28.64 -36.30 -39.14
N SER G 4 -28.48 -35.83 -40.38
CA SER G 4 -29.63 -35.28 -41.15
C SER G 4 -30.66 -36.38 -41.38
N ASP G 5 -30.20 -37.59 -41.75
CA ASP G 5 -31.13 -38.72 -42.01
C ASP G 5 -31.86 -39.09 -40.72
N LEU G 6 -31.14 -39.16 -39.60
CA LEU G 6 -31.77 -39.49 -38.29
C LEU G 6 -32.68 -38.33 -37.87
N GLN G 7 -33.79 -38.64 -37.18
CA GLN G 7 -34.68 -37.56 -36.68
C GLN G 7 -34.09 -37.01 -35.39
N VAL G 8 -33.63 -35.74 -35.40
CA VAL G 8 -33.00 -35.13 -34.20
C VAL G 8 -34.09 -34.58 -33.29
N PHE G 9 -34.37 -35.26 -32.18
CA PHE G 9 -35.37 -34.75 -31.21
C PHE G 9 -34.69 -33.82 -30.21
N ASN G 10 -35.09 -32.53 -30.21
CA ASN G 10 -34.47 -31.54 -29.30
C ASN G 10 -35.03 -31.73 -27.89
N ASP G 11 -34.26 -31.34 -26.88
CA ASP G 11 -34.71 -31.50 -25.46
C ASP G 11 -35.62 -30.32 -25.09
N TRP G 12 -36.61 -30.57 -24.22
CA TRP G 12 -37.55 -29.50 -23.79
C TRP G 12 -38.11 -29.81 -22.40
N ALA G 13 -38.67 -28.80 -21.73
CA ALA G 13 -39.23 -28.99 -20.37
C ALA G 13 -40.13 -27.81 -20.00
N TYR G 14 -40.83 -27.92 -18.87
CA TYR G 14 -41.70 -26.81 -18.40
C TYR G 14 -41.34 -26.49 -16.94
N LYS G 15 -40.52 -25.46 -16.72
CA LYS G 15 -40.07 -25.13 -15.34
C LYS G 15 -41.26 -24.51 -14.58
N THR G 16 -42.30 -24.06 -15.30
CA THR G 16 -43.51 -23.49 -14.65
C THR G 16 -43.10 -22.45 -13.60
N MET G 17 -42.17 -21.55 -13.95
CA MET G 17 -41.76 -20.46 -13.02
C MET G 17 -42.49 -19.18 -13.43
N SER G 18 -43.17 -18.53 -12.48
CA SER G 18 -43.91 -17.28 -12.78
C SER G 18 -42.99 -16.08 -12.54
N GLU G 19 -42.50 -15.46 -13.60
CA GLU G 19 -41.62 -14.26 -13.47
C GLU G 19 -42.25 -13.31 -12.45
N VAL G 20 -41.50 -12.87 -11.45
CA VAL G 20 -42.10 -12.04 -10.36
C VAL G 20 -41.61 -10.59 -10.48
N LEU G 21 -42.05 -9.72 -9.58
CA LEU G 21 -41.66 -8.28 -9.62
C LEU G 21 -40.15 -8.14 -9.41
N ASP G 22 -39.53 -7.16 -10.07
CA ASP G 22 -38.07 -6.93 -9.91
C ASP G 22 -37.83 -5.70 -9.02
N GLN G 23 -38.80 -4.77 -8.99
CA GLN G 23 -38.64 -3.52 -8.19
C GLN G 23 -38.65 -3.84 -6.70
N GLN G 24 -37.76 -3.23 -5.92
CA GLN G 24 -37.75 -3.43 -4.44
C GLN G 24 -38.94 -2.68 -3.85
N VAL G 25 -39.89 -3.39 -3.21
CA VAL G 25 -41.11 -2.73 -2.70
C VAL G 25 -41.28 -3.00 -1.20
N GLU G 26 -40.27 -3.60 -0.57
CA GLU G 26 -40.33 -3.87 0.89
C GLU G 26 -39.88 -2.60 1.64
N LEU G 27 -40.71 -1.55 1.60
CA LEU G 27 -40.38 -0.27 2.30
C LEU G 27 -41.58 0.13 3.18
N PHE G 28 -41.89 -0.68 4.19
CA PHE G 28 -43.08 -0.41 5.04
C PHE G 28 -42.73 -0.60 6.52
N ASN G 29 -43.26 0.26 7.39
CA ASN G 29 -43.04 0.11 8.86
C ASN G 29 -41.55 -0.03 9.17
N GLY G 30 -41.14 -1.17 9.72
CA GLY G 30 -39.73 -1.36 10.12
C GLY G 30 -38.74 -1.02 9.02
N ALA G 31 -39.06 -1.39 7.76
CA ALA G 31 -38.16 -1.11 6.62
C ALA G 31 -37.87 0.40 6.57
N THR G 32 -38.87 1.23 6.84
CA THR G 32 -38.68 2.70 6.87
C THR G 32 -38.77 3.18 8.32
N ARG G 33 -38.51 2.29 9.28
CA ARG G 33 -38.58 2.64 10.73
C ARG G 33 -39.82 3.50 11.00
N GLY G 34 -40.98 3.11 10.45
CA GLY G 34 -42.23 3.82 10.74
C GLY G 34 -42.58 4.90 9.71
N ALA G 35 -41.60 5.33 8.92
CA ALA G 35 -41.87 6.44 7.96
C ALA G 35 -43.08 6.09 7.09
N ILE G 36 -43.09 4.88 6.52
CA ILE G 36 -44.28 4.42 5.73
C ILE G 36 -45.08 3.45 6.60
N ILE G 37 -46.03 3.97 7.38
CA ILE G 37 -46.81 3.10 8.31
C ILE G 37 -47.91 2.39 7.50
N LEU G 38 -47.76 1.07 7.33
CA LEU G 38 -48.76 0.27 6.56
C LEU G 38 -49.60 -0.54 7.55
N ARG G 39 -50.89 -0.21 7.66
CA ARG G 39 -51.79 -0.95 8.59
C ARG G 39 -52.97 -1.51 7.78
N SER G 40 -53.88 -2.21 8.46
CA SER G 40 -55.08 -2.75 7.77
C SER G 40 -56.33 -2.24 8.50
N ALA G 41 -56.57 -0.93 8.42
CA ALA G 41 -57.73 -0.33 9.14
C ALA G 41 -58.86 -0.05 8.16
N GLY G 42 -60.05 -0.60 8.41
CA GLY G 42 -61.20 -0.37 7.52
C GLY G 42 -61.86 0.98 7.77
N ASN G 43 -62.28 1.67 6.70
CA ASN G 43 -62.95 2.99 6.87
C ASN G 43 -64.02 3.18 5.78
N THR G 44 -65.16 3.78 6.14
CA THR G 44 -66.27 3.98 5.17
C THR G 44 -66.06 5.26 4.36
N GLY G 45 -66.82 5.44 3.27
CA GLY G 45 -66.70 6.66 2.45
C GLY G 45 -65.52 6.61 1.50
N ASP G 46 -65.27 7.69 0.77
CA ASP G 46 -64.12 7.74 -0.16
C ASP G 46 -63.02 8.60 0.46
N LEU G 47 -63.24 9.09 1.70
CA LEU G 47 -62.25 10.00 2.33
C LEU G 47 -62.34 9.89 3.86
N SER G 48 -61.23 10.18 4.56
CA SER G 48 -61.21 10.15 6.04
C SER G 48 -60.64 11.47 6.54
N GLU G 49 -61.29 12.12 7.52
CA GLU G 49 -60.84 13.46 7.99
C GLU G 49 -60.58 13.42 9.50
N ALA G 50 -59.97 14.48 10.03
CA ALA G 50 -59.65 14.57 11.48
C ALA G 50 -59.35 16.02 11.85
N ALA G 51 -60.34 16.73 12.42
CA ALA G 51 -60.15 18.16 12.77
C ALA G 51 -59.36 18.30 14.07
N PHE G 52 -58.37 19.18 14.10
CA PHE G 52 -57.55 19.39 15.32
C PHE G 52 -57.28 20.89 15.49
N TRP G 53 -57.17 21.35 16.75
CA TRP G 53 -56.99 22.81 17.01
C TRP G 53 -55.72 23.33 16.33
N ALA G 54 -55.78 24.54 15.78
CA ALA G 54 -54.58 25.15 15.14
C ALA G 54 -53.73 25.86 16.20
N LYS G 55 -52.50 26.22 15.85
CA LYS G 55 -51.60 26.94 16.79
C LYS G 55 -51.88 28.44 16.68
N ILE G 56 -52.34 29.06 17.78
CA ILE G 56 -52.63 30.53 17.77
C ILE G 56 -51.31 31.29 17.76
N GLN G 57 -51.04 32.04 16.69
CA GLN G 57 -49.80 32.79 16.58
C GLN G 57 -49.85 34.05 17.42
N GLY G 58 -48.72 34.39 18.03
CA GLY G 58 -48.63 35.58 18.84
C GLY G 58 -49.46 35.54 20.10
N LEU G 59 -49.43 34.37 20.77
CA LEU G 59 -50.24 34.18 22.01
C LEU G 59 -49.67 35.05 23.13
N VAL G 60 -48.36 35.33 23.09
CA VAL G 60 -47.73 36.14 24.18
C VAL G 60 -47.36 37.52 23.62
N ARG G 61 -47.95 38.58 24.17
CA ARG G 61 -47.65 39.97 23.74
C ARG G 61 -46.71 40.60 24.77
N PRO G 62 -45.89 41.61 24.39
CA PRO G 62 -45.03 42.32 25.35
C PRO G 62 -45.86 43.23 26.26
N ARG G 63 -46.85 42.67 26.95
CA ARG G 63 -47.69 43.47 27.88
C ARG G 63 -46.77 44.25 28.82
N ASP G 64 -47.02 45.55 29.02
CA ASP G 64 -46.18 46.37 29.91
C ASP G 64 -47.08 47.34 30.69
N PRO G 65 -46.77 47.68 31.96
CA PRO G 65 -47.55 48.67 32.70
C PRO G 65 -47.16 50.08 32.25
N TYR G 66 -47.62 51.10 32.98
CA TYR G 66 -47.34 52.52 32.58
C TYR G 66 -47.89 52.74 31.17
N SER G 67 -48.89 51.95 30.77
CA SER G 67 -49.48 52.05 29.41
C SER G 67 -50.79 51.28 29.34
N ASN G 68 -51.73 51.74 28.51
CA ASN G 68 -53.04 51.04 28.35
C ASN G 68 -53.44 51.07 26.86
N ALA G 69 -52.46 50.88 25.97
CA ALA G 69 -52.73 50.93 24.51
C ALA G 69 -53.70 49.81 24.11
N ASP G 70 -54.53 50.06 23.11
CA ASP G 70 -55.52 49.05 22.65
C ASP G 70 -54.78 47.81 22.13
N VAL G 71 -55.30 46.62 22.42
CA VAL G 71 -54.69 45.35 21.91
C VAL G 71 -55.73 44.62 21.05
N ALA G 72 -55.36 44.25 19.82
CA ALA G 72 -56.30 43.57 18.90
C ALA G 72 -56.63 42.18 19.43
N ALA G 73 -57.75 41.60 18.97
CA ALA G 73 -58.15 40.29 19.47
C ALA G 73 -57.73 39.19 18.49
N LYS G 74 -57.81 37.95 18.97
CA LYS G 74 -57.46 36.77 18.19
C LYS G 74 -58.60 35.77 18.21
N ASP G 75 -58.59 34.85 17.23
CA ASP G 75 -59.66 33.82 17.15
C ASP G 75 -59.03 32.43 17.35
N LEU G 76 -59.84 31.44 17.74
CA LEU G 76 -59.34 30.05 17.90
C LEU G 76 -59.75 29.25 16.66
N ARG G 77 -58.77 28.80 15.87
CA ARG G 77 -59.08 28.07 14.62
C ARG G 77 -58.89 26.57 14.82
N GLN G 78 -59.54 25.75 13.99
CA GLN G 78 -59.37 24.27 14.08
C GLN G 78 -58.99 23.73 12.69
N LEU G 79 -57.75 23.26 12.53
CA LEU G 79 -57.31 22.69 11.23
C LEU G 79 -57.93 21.29 11.07
N VAL G 80 -58.00 20.79 9.84
CA VAL G 80 -58.60 19.45 9.58
C VAL G 80 -57.59 18.59 8.81
N ASP G 81 -57.39 17.35 9.24
CA ASP G 81 -56.46 16.43 8.53
C ASP G 81 -57.25 15.64 7.48
N ASN G 82 -56.58 14.83 6.66
CA ASN G 82 -57.30 14.14 5.56
C ASN G 82 -56.59 12.85 5.13
N THR G 83 -57.36 11.86 4.66
CA THR G 83 -56.77 10.58 4.16
C THR G 83 -57.63 10.08 3.00
N ILE G 84 -57.13 10.19 1.76
CA ILE G 84 -57.93 9.79 0.56
C ILE G 84 -57.91 8.27 0.42
N LYS G 85 -58.93 7.70 -0.24
CA LYS G 85 -58.99 6.23 -0.45
C LYS G 85 -58.68 5.92 -1.92
N VAL G 86 -57.78 4.98 -2.18
CA VAL G 86 -57.39 4.63 -3.59
C VAL G 86 -57.92 3.23 -3.89
N ALA G 87 -58.65 3.07 -5.01
CA ALA G 87 -59.21 1.76 -5.39
C ALA G 87 -58.42 1.18 -6.57
N SER G 88 -58.10 -0.12 -6.51
CA SER G 88 -57.35 -0.77 -7.61
C SER G 88 -57.99 -2.11 -7.98
N GLY G 89 -57.85 -2.54 -9.23
CA GLY G 89 -58.49 -3.80 -9.68
C GLY G 89 -57.56 -4.63 -10.56
N THR G 90 -58.10 -5.65 -11.21
CA THR G 90 -57.29 -6.53 -12.09
C THR G 90 -58.05 -6.79 -13.39
N PRO G 91 -57.44 -6.64 -14.58
CA PRO G 91 -58.11 -6.95 -15.85
C PRO G 91 -58.50 -8.43 -15.89
N PRO G 92 -59.66 -8.81 -16.48
CA PRO G 92 -60.11 -10.20 -16.49
C PRO G 92 -59.01 -11.12 -17.04
N ILE G 93 -58.48 -12.02 -16.20
CA ILE G 93 -57.35 -12.89 -16.65
C ILE G 93 -57.93 -14.16 -17.29
N ASN G 94 -57.84 -14.28 -18.61
CA ASN G 94 -58.36 -15.47 -19.33
C ASN G 94 -57.59 -16.71 -18.86
N ILE G 95 -58.24 -17.60 -18.09
CA ILE G 95 -57.59 -18.80 -17.60
C ILE G 95 -58.41 -20.03 -18.01
N PRO G 96 -58.58 -20.35 -19.32
CA PRO G 96 -59.30 -21.56 -19.72
C PRO G 96 -58.53 -22.81 -19.28
N PRO G 97 -59.21 -23.87 -18.80
CA PRO G 97 -58.52 -25.12 -18.42
C PRO G 97 -58.03 -25.89 -19.65
N SER G 98 -58.64 -25.65 -20.82
CA SER G 98 -58.28 -26.42 -22.05
C SER G 98 -56.79 -26.30 -22.36
N MET G 99 -56.23 -25.08 -22.33
CA MET G 99 -54.80 -24.90 -22.71
C MET G 99 -53.91 -25.69 -21.75
N LEU G 100 -54.20 -25.62 -20.45
CA LEU G 100 -53.39 -26.37 -19.44
C LEU G 100 -53.52 -27.86 -19.70
N ARG G 101 -54.74 -28.35 -19.95
CA ARG G 101 -54.96 -29.80 -20.19
C ARG G 101 -54.17 -30.23 -21.42
N TRP G 102 -54.20 -29.42 -22.48
CA TRP G 102 -53.48 -29.78 -23.74
C TRP G 102 -52.01 -30.05 -23.43
N ILE G 103 -51.41 -29.24 -22.55
CA ILE G 103 -49.99 -29.40 -22.27
C ILE G 103 -49.82 -30.24 -21.01
N GLN G 104 -50.89 -30.95 -20.62
CA GLN G 104 -50.84 -31.81 -19.41
C GLN G 104 -50.42 -30.98 -18.19
N LYS G 105 -51.22 -29.96 -17.87
CA LYS G 105 -50.93 -29.12 -16.68
C LYS G 105 -52.22 -28.89 -15.89
N ASN G 106 -52.11 -28.74 -14.57
CA ASN G 106 -53.31 -28.47 -13.73
C ASN G 106 -53.84 -27.08 -14.09
N PRO G 107 -55.13 -26.91 -14.45
CA PRO G 107 -55.69 -25.58 -14.70
C PRO G 107 -55.56 -24.70 -13.45
N GLN G 108 -55.46 -25.32 -12.27
CA GLN G 108 -55.34 -24.56 -11.00
C GLN G 108 -54.00 -23.82 -10.96
N GLU G 109 -53.00 -24.30 -11.69
CA GLU G 109 -51.68 -23.64 -11.74
C GLU G 109 -51.87 -22.18 -12.18
N ALA G 110 -52.81 -21.94 -13.09
CA ALA G 110 -53.07 -20.57 -13.59
C ALA G 110 -53.41 -19.64 -12.41
N GLY G 111 -54.24 -20.10 -11.47
CA GLY G 111 -54.58 -19.30 -10.28
C GLY G 111 -53.38 -19.11 -9.38
N ALA G 112 -52.62 -20.19 -9.13
CA ALA G 112 -51.43 -20.11 -8.30
C ALA G 112 -50.46 -19.04 -8.80
N VAL G 113 -50.21 -19.01 -10.11
CA VAL G 113 -49.31 -17.99 -10.64
C VAL G 113 -49.95 -16.61 -10.53
N ILE G 114 -51.27 -16.54 -10.71
CA ILE G 114 -51.99 -15.23 -10.58
C ILE G 114 -51.68 -14.65 -9.19
N GLY G 115 -52.01 -15.38 -8.12
CA GLY G 115 -51.80 -14.87 -6.76
C GLY G 115 -50.34 -14.54 -6.50
N GLN G 116 -49.42 -15.39 -7.00
CA GLN G 116 -47.98 -15.18 -6.76
C GLN G 116 -47.58 -13.76 -7.22
N GLN G 117 -47.90 -13.42 -8.48
CA GLN G 117 -47.54 -12.08 -9.01
C GLN G 117 -48.42 -11.01 -8.36
N LEU G 118 -49.70 -11.31 -8.17
CA LEU G 118 -50.65 -10.30 -7.62
C LEU G 118 -50.13 -9.78 -6.28
N ALA G 119 -49.67 -10.68 -5.41
CA ALA G 119 -49.20 -10.26 -4.07
C ALA G 119 -48.12 -9.18 -4.22
N GLY G 120 -47.08 -9.46 -5.01
CA GLY G 120 -46.01 -8.48 -5.22
C GLY G 120 -46.53 -7.22 -5.88
N ASP G 121 -47.36 -7.36 -6.91
CA ASP G 121 -47.89 -6.17 -7.63
C ASP G 121 -48.69 -5.28 -6.67
N THR G 122 -49.57 -5.88 -5.85
CA THR G 122 -50.41 -5.09 -4.93
C THR G 122 -49.50 -4.27 -4.01
N MET G 123 -48.48 -4.91 -3.42
CA MET G 123 -47.53 -4.21 -2.52
C MET G 123 -46.86 -3.06 -3.29
N GLN G 124 -46.41 -3.34 -4.52
CA GLN G 124 -45.73 -2.30 -5.34
C GLN G 124 -46.70 -1.13 -5.55
N ASP G 125 -47.95 -1.43 -5.92
CA ASP G 125 -48.95 -0.36 -6.19
C ASP G 125 -49.08 0.53 -4.94
N MET G 126 -49.28 -0.08 -3.78
CA MET G 126 -49.48 0.71 -2.53
C MET G 126 -48.25 1.57 -2.26
N LEU G 127 -47.05 0.98 -2.38
CA LEU G 127 -45.80 1.75 -2.09
C LEU G 127 -45.65 2.87 -3.12
N ASN G 128 -45.73 2.54 -4.40
CA ASN G 128 -45.52 3.56 -5.47
C ASN G 128 -46.55 4.67 -5.29
N ASN G 129 -47.81 4.33 -5.04
CA ASN G 129 -48.81 5.36 -4.80
C ASN G 129 -48.46 6.18 -3.57
N GLY G 130 -48.02 5.52 -2.49
CA GLY G 130 -47.63 6.26 -1.31
C GLY G 130 -46.46 7.18 -1.55
N LEU G 131 -45.45 6.71 -2.28
CA LEU G 131 -44.29 7.54 -2.57
C LEU G 131 -44.66 8.74 -3.45
N ALA G 132 -45.48 8.52 -4.47
CA ALA G 132 -45.91 9.63 -5.32
C ALA G 132 -46.72 10.65 -4.54
N ALA G 133 -47.63 10.17 -3.68
CA ALA G 133 -48.41 11.08 -2.86
C ALA G 133 -47.53 11.87 -1.92
N GLY G 134 -46.53 11.21 -1.30
CA GLY G 134 -45.63 11.92 -0.41
C GLY G 134 -44.82 12.99 -1.12
N LYS G 135 -44.27 12.63 -2.29
CA LYS G 135 -43.45 13.59 -3.06
C LYS G 135 -44.28 14.86 -3.32
N ALA G 136 -45.48 14.72 -3.89
CA ALA G 136 -46.32 15.88 -4.22
C ALA G 136 -46.69 16.64 -2.94
N ALA G 137 -47.12 15.92 -1.90
CA ALA G 137 -47.51 16.56 -0.62
C ALA G 137 -46.39 17.47 -0.13
N PHE G 138 -45.15 16.96 -0.05
CA PHE G 138 -44.01 17.76 0.46
C PHE G 138 -43.83 19.00 -0.42
N THR G 139 -43.81 18.79 -1.73
CA THR G 139 -43.65 19.94 -2.68
C THR G 139 -44.75 20.96 -2.41
N ALA G 140 -46.00 20.51 -2.36
CA ALA G 140 -47.14 21.43 -2.12
C ALA G 140 -46.93 22.16 -0.78
N GLY G 141 -46.41 21.46 0.23
CA GLY G 141 -46.18 22.08 1.54
C GLY G 141 -44.91 22.92 1.56
N GLY G 142 -44.08 22.81 0.52
CA GLY G 142 -42.84 23.59 0.43
C GLY G 142 -41.66 22.84 1.01
N ALA G 143 -41.88 21.61 1.48
CA ALA G 143 -40.78 20.79 2.02
C ALA G 143 -39.99 20.18 0.85
N VAL G 144 -39.32 21.01 0.06
CA VAL G 144 -38.59 20.52 -1.14
C VAL G 144 -37.33 21.35 -1.36
N HIS G 145 -36.20 20.70 -1.68
CA HIS G 145 -34.95 21.43 -1.99
C HIS G 145 -34.43 20.99 -3.35
N ASP G 146 -34.19 21.96 -4.25
CA ASP G 146 -33.70 21.62 -5.61
C ASP G 146 -32.18 21.79 -5.68
N ILE G 147 -31.47 20.75 -6.13
CA ILE G 147 -29.98 20.84 -6.28
C ILE G 147 -29.63 20.44 -7.71
N SER G 148 -30.62 20.03 -8.50
CA SER G 148 -30.38 19.68 -9.92
C SER G 148 -29.87 20.93 -10.65
N ALA G 149 -30.53 22.07 -10.45
CA ALA G 149 -30.06 23.34 -11.05
C ALA G 149 -28.81 23.80 -10.31
N ALA G 150 -28.83 23.75 -8.98
CA ALA G 150 -27.68 24.21 -8.15
C ALA G 150 -26.75 23.01 -7.86
N GLY G 151 -26.11 22.47 -8.89
CA GLY G 151 -25.20 21.31 -8.71
C GLY G 151 -25.50 20.20 -9.71
N THR G 152 -25.07 18.98 -9.40
CA THR G 152 -25.32 17.82 -10.31
C THR G 152 -25.36 16.53 -9.50
N GLY G 153 -26.13 15.53 -9.96
CA GLY G 153 -26.21 14.23 -9.27
C GLY G 153 -26.44 14.39 -7.77
N LEU G 154 -25.82 13.52 -6.97
CA LEU G 154 -25.95 13.62 -5.49
C LEU G 154 -24.57 13.95 -4.90
N MET G 155 -24.46 15.04 -4.13
CA MET G 155 -23.16 15.47 -3.57
C MET G 155 -22.77 14.57 -2.40
N THR G 156 -21.57 14.77 -1.84
CA THR G 156 -21.07 13.89 -0.74
C THR G 156 -21.78 14.25 0.57
N GLN G 157 -23.07 13.93 0.68
CA GLN G 157 -23.85 14.20 1.92
C GLN G 157 -23.96 15.71 2.17
N ARG G 158 -23.54 16.53 1.20
CA ARG G 158 -23.69 18.01 1.33
C ARG G 158 -25.16 18.36 1.12
N ALA G 159 -25.87 17.54 0.34
CA ALA G 159 -27.31 17.80 0.04
C ALA G 159 -28.14 17.58 1.30
N PHE G 160 -27.93 16.45 1.99
CA PHE G 160 -28.73 16.12 3.19
C PHE G 160 -28.61 17.26 4.20
N ASN G 161 -27.48 17.97 4.19
CA ASN G 161 -27.29 19.12 5.12
C ASN G 161 -28.32 20.21 4.77
N ALA G 162 -28.57 20.42 3.48
CA ALA G 162 -29.57 21.43 3.05
C ALA G 162 -30.96 20.98 3.51
N ALA G 163 -31.23 19.68 3.48
CA ALA G 163 -32.53 19.16 3.99
C ALA G 163 -32.61 19.44 5.49
N GLN G 164 -31.49 19.36 6.20
CA GLN G 164 -31.47 19.68 7.65
C GLN G 164 -31.87 21.15 7.82
N ARG G 165 -31.40 22.03 6.94
CA ARG G 165 -31.80 23.47 6.99
C ARG G 165 -33.32 23.57 6.92
N ILE G 166 -33.95 22.78 6.03
CA ILE G 166 -35.43 22.86 5.86
C ILE G 166 -36.11 22.53 7.19
N PHE G 167 -35.65 21.48 7.88
CA PHE G 167 -36.28 21.07 9.17
C PHE G 167 -35.67 21.88 10.32
N GLY G 168 -34.67 22.70 10.04
CA GLY G 168 -34.04 23.56 11.08
C GLY G 168 -33.89 22.85 12.42
N ASP G 169 -34.46 23.43 13.48
CA ASP G 169 -34.33 22.84 14.84
C ASP G 169 -34.77 21.38 14.82
N ARG G 170 -35.83 21.05 14.08
CA ARG G 170 -36.37 19.67 14.11
C ARG G 170 -35.73 18.82 13.00
N SER G 171 -34.48 19.13 12.63
CA SER G 171 -33.77 18.36 11.58
C SER G 171 -33.67 16.89 12.01
N THR G 172 -33.57 16.62 13.31
CA THR G 172 -33.43 15.23 13.82
C THR G 172 -34.71 14.42 13.51
N ASP G 173 -35.83 15.11 13.28
CA ASP G 173 -37.12 14.39 13.05
C ASP G 173 -36.97 13.46 11.84
N ILE G 174 -36.28 13.91 10.79
CA ILE G 174 -36.07 13.07 9.58
C ILE G 174 -35.50 11.71 10.04
N GLN G 175 -36.09 10.60 9.58
CA GLN G 175 -35.66 9.26 10.07
C GLN G 175 -35.00 8.45 8.95
N VAL G 176 -35.47 8.58 7.70
CA VAL G 176 -34.92 7.74 6.59
C VAL G 176 -34.60 8.61 5.37
N TRP G 177 -34.05 7.99 4.32
CA TRP G 177 -33.75 8.73 3.06
C TRP G 177 -34.25 7.90 1.87
N VAL G 178 -35.55 7.60 1.84
CA VAL G 178 -36.14 6.82 0.70
C VAL G 178 -35.74 7.50 -0.61
N SER G 179 -35.05 6.77 -1.49
CA SER G 179 -34.55 7.39 -2.75
C SER G 179 -34.52 6.35 -3.87
N HIS G 180 -33.98 6.75 -5.04
CA HIS G 180 -33.86 5.80 -6.18
C HIS G 180 -32.46 5.18 -6.15
N SER G 181 -32.19 4.21 -7.03
CA SER G 181 -30.86 3.56 -7.09
C SER G 181 -29.81 4.54 -7.63
N SER G 182 -30.13 5.26 -8.70
CA SER G 182 -29.14 6.18 -9.34
C SER G 182 -28.50 7.10 -8.31
N PRO G 183 -29.25 7.90 -7.50
CA PRO G 183 -28.61 8.83 -6.55
C PRO G 183 -27.56 8.11 -5.71
N LEU G 184 -27.88 6.90 -5.23
CA LEU G 184 -26.92 6.15 -4.36
C LEU G 184 -25.60 5.95 -5.10
N PHE G 185 -25.68 5.48 -6.35
CA PHE G 185 -24.46 5.24 -7.16
C PHE G 185 -23.74 6.58 -7.36
N ASP G 186 -24.51 7.68 -7.44
CA ASP G 186 -23.87 9.02 -7.55
C ASP G 186 -23.10 9.31 -6.26
N LEU G 187 -23.72 9.07 -5.10
CA LEU G 187 -23.02 9.27 -3.80
C LEU G 187 -21.87 8.26 -3.71
N TYR G 188 -22.09 7.03 -4.21
CA TYR G 188 -20.99 6.03 -4.23
C TYR G 188 -19.82 6.60 -5.04
N ASP G 189 -20.12 7.23 -6.18
CA ASP G 189 -19.07 7.85 -7.01
C ASP G 189 -18.42 8.99 -6.22
N ASN G 190 -19.23 9.78 -5.51
CA ASN G 190 -18.69 10.88 -4.66
C ASN G 190 -17.76 10.30 -3.60
N ALA G 191 -18.16 9.17 -2.99
CA ALA G 191 -17.30 8.52 -1.99
C ALA G 191 -16.01 8.05 -2.66
N LEU G 192 -16.11 7.53 -3.89
CA LEU G 192 -14.94 7.05 -4.60
C LEU G 192 -14.13 8.22 -5.17
N ALA G 193 -14.74 9.40 -5.19
CA ALA G 193 -14.03 10.62 -5.66
C ALA G 193 -14.08 11.66 -4.54
N ASN G 194 -13.64 11.29 -3.33
CA ASN G 194 -13.74 12.21 -2.17
C ASN G 194 -12.69 13.32 -2.30
N ALA G 195 -13.07 14.48 -2.84
CA ALA G 195 -12.13 15.61 -2.91
C ALA G 195 -11.63 15.87 -1.48
N GLU G 196 -12.55 15.95 -0.52
CA GLU G 196 -12.15 16.10 0.90
C GLU G 196 -11.71 14.73 1.41
N GLN G 197 -10.58 14.66 2.12
CA GLN G 197 -10.04 13.34 2.55
C GLN G 197 -10.75 12.87 3.82
N LEU G 198 -11.87 12.16 3.68
CA LEU G 198 -12.58 11.59 4.86
C LEU G 198 -13.17 10.23 4.47
N TYR G 199 -12.74 9.67 3.35
CA TYR G 199 -13.21 8.33 2.90
C TYR G 199 -12.01 7.42 2.62
N VAL G 200 -12.00 6.22 3.19
CA VAL G 200 -10.91 5.24 2.88
C VAL G 200 -11.52 4.09 2.08
N PHE G 201 -10.69 3.24 1.49
CA PHE G 201 -11.19 2.13 0.64
C PHE G 201 -12.29 1.34 1.36
N GLY G 202 -12.15 1.13 2.67
CA GLY G 202 -13.11 0.32 3.39
C GLY G 202 -14.36 1.05 3.80
N THR G 203 -14.37 2.38 3.70
CA THR G 203 -15.51 3.16 4.17
C THR G 203 -16.34 3.78 3.07
N VAL G 204 -16.15 3.34 1.81
CA VAL G 204 -16.84 4.00 0.67
C VAL G 204 -18.12 3.22 0.29
N ASN G 205 -18.48 2.19 1.05
CA ASN G 205 -19.73 1.45 0.78
C ASN G 205 -20.76 1.80 1.86
N VAL G 206 -20.58 2.93 2.54
CA VAL G 206 -21.50 3.33 3.65
C VAL G 206 -22.87 3.72 3.06
N ARG G 207 -23.94 3.53 3.84
CA ARG G 207 -25.30 3.94 3.39
C ARG G 207 -25.79 5.08 4.30
N ALA G 208 -24.91 5.63 5.13
CA ALA G 208 -25.30 6.70 6.07
C ALA G 208 -25.22 8.06 5.36
N ASP G 209 -25.89 9.08 5.91
CA ASP G 209 -25.86 10.43 5.32
C ASP G 209 -24.88 11.30 6.12
N ALA G 210 -23.97 10.68 6.85
CA ALA G 210 -23.00 11.42 7.70
C ALA G 210 -23.76 12.16 8.81
N PHE G 211 -25.06 11.91 8.95
CA PHE G 211 -25.86 12.56 10.02
C PHE G 211 -26.69 11.49 10.73
N GLY G 212 -26.19 10.24 10.74
CA GLY G 212 -26.89 9.15 11.43
C GLY G 212 -28.28 8.91 10.86
N ARG G 213 -28.39 8.82 9.54
CA ARG G 213 -29.71 8.53 8.89
C ARG G 213 -29.49 7.60 7.69
N PRO G 214 -30.19 6.45 7.61
CA PRO G 214 -29.98 5.49 6.53
C PRO G 214 -30.52 5.97 5.18
N ILE G 215 -29.87 5.58 4.08
CA ILE G 215 -30.36 5.95 2.72
C ILE G 215 -30.93 4.70 2.07
N ILE G 216 -32.24 4.69 1.78
CA ILE G 216 -32.89 3.47 1.21
C ILE G 216 -33.15 3.71 -0.28
N ILE G 217 -32.81 2.75 -1.13
CA ILE G 217 -32.98 2.92 -2.61
C ILE G 217 -34.11 2.01 -3.09
N THR G 218 -34.91 2.50 -4.05
CA THR G 218 -36.02 1.69 -4.63
C THR G 218 -36.27 2.16 -6.06
N ASP G 219 -36.49 1.23 -6.99
CA ASP G 219 -36.66 1.64 -8.42
C ASP G 219 -38.10 2.09 -8.64
N SER G 220 -38.63 2.94 -7.75
CA SER G 220 -40.02 3.46 -7.90
C SER G 220 -40.02 4.60 -8.92
N PRO G 221 -40.87 4.57 -9.96
CA PRO G 221 -40.97 5.66 -10.94
C PRO G 221 -41.35 6.96 -10.24
N ALA G 222 -42.18 6.87 -9.18
CA ALA G 222 -42.61 8.07 -8.43
C ALA G 222 -41.38 8.93 -8.08
N LEU G 223 -40.20 8.33 -8.04
CA LEU G 223 -38.98 9.08 -7.61
C LEU G 223 -38.09 9.36 -8.83
N VAL G 224 -38.60 9.12 -10.04
CA VAL G 224 -37.82 9.39 -11.29
C VAL G 224 -38.59 10.41 -12.12
N SER G 225 -37.96 11.54 -12.44
CA SER G 225 -38.64 12.61 -13.22
C SER G 225 -37.85 12.89 -14.51
N GLY G 226 -38.54 12.92 -15.66
CA GLY G 226 -37.87 13.22 -16.94
C GLY G 226 -36.88 12.13 -17.34
N ALA G 227 -35.96 12.45 -18.26
CA ALA G 227 -34.96 11.45 -18.71
C ALA G 227 -33.74 12.17 -19.29
N ALA G 228 -32.60 11.49 -19.36
CA ALA G 228 -31.37 12.08 -19.97
C ALA G 228 -31.09 13.44 -19.32
N GLU G 229 -31.14 14.51 -20.11
CA GLU G 229 -30.81 15.87 -19.59
C GLU G 229 -31.79 16.26 -18.49
N THR G 230 -33.08 15.95 -18.65
CA THR G 230 -34.11 16.37 -17.66
C THR G 230 -34.36 15.24 -16.66
N LEU G 231 -33.49 14.24 -16.62
CA LEU G 231 -33.63 13.14 -15.64
C LEU G 231 -33.42 13.69 -14.22
N ARG G 232 -34.44 13.59 -13.37
CA ARG G 232 -34.34 14.08 -11.96
C ARG G 232 -34.71 12.93 -11.02
N HIS G 233 -34.16 12.94 -9.80
CA HIS G 233 -34.47 11.86 -8.82
C HIS G 233 -34.89 12.51 -7.50
N SER G 234 -36.08 12.14 -7.00
CA SER G 234 -36.61 12.76 -5.75
C SER G 234 -36.27 11.90 -4.54
N THR G 235 -35.40 12.40 -3.64
CA THR G 235 -35.07 11.68 -2.43
C THR G 235 -35.95 12.23 -1.31
N LEU G 236 -36.60 11.32 -0.57
CA LEU G 236 -37.57 11.77 0.47
C LEU G 236 -36.98 11.61 1.87
N GLY G 237 -36.85 12.72 2.61
CA GLY G 237 -36.39 12.64 4.01
C GLY G 237 -37.58 12.32 4.90
N LEU G 238 -38.14 11.11 4.77
CA LEU G 238 -39.38 10.76 5.52
C LEU G 238 -39.09 10.64 7.01
N THR G 239 -40.04 11.10 7.85
CA THR G 239 -39.90 10.96 9.32
C THR G 239 -40.88 9.88 9.76
N THR G 240 -40.65 9.26 10.93
CA THR G 240 -41.54 8.14 11.35
C THR G 240 -43.00 8.60 11.22
N GLY G 241 -43.79 7.88 10.42
CA GLY G 241 -45.22 8.23 10.23
C GLY G 241 -45.43 9.25 9.13
N ALA G 242 -44.42 9.45 8.28
CA ALA G 242 -44.52 10.45 7.18
C ALA G 242 -45.69 10.09 6.25
N ILE G 243 -45.80 8.81 5.88
CA ILE G 243 -46.86 8.37 4.92
C ILE G 243 -47.66 7.23 5.55
N LEU G 244 -48.99 7.39 5.64
CA LEU G 244 -49.86 6.35 6.26
C LEU G 244 -50.61 5.57 5.18
N ILE G 245 -50.54 4.24 5.22
CA ILE G 245 -51.31 3.40 4.25
C ILE G 245 -52.25 2.48 5.03
N GLU G 246 -53.56 2.68 4.89
CA GLU G 246 -54.55 1.87 5.66
C GLU G 246 -55.33 0.95 4.71
N GLN G 247 -54.96 -0.34 4.67
CA GLN G 247 -55.70 -1.31 3.82
C GLN G 247 -57.14 -1.40 4.33
N ASN G 248 -58.12 -1.35 3.43
CA ASN G 248 -59.55 -1.34 3.86
C ASN G 248 -60.09 -2.77 3.93
N GLN G 249 -59.21 -3.77 3.86
CA GLN G 249 -59.65 -5.19 4.00
C GLN G 249 -60.93 -5.42 3.20
N ASP G 250 -60.99 -4.89 1.98
CA ASP G 250 -62.21 -5.03 1.13
C ASP G 250 -61.83 -5.68 -0.20
N PHE G 251 -60.99 -6.71 -0.16
CA PHE G 251 -60.52 -7.36 -1.42
C PHE G 251 -61.65 -8.20 -2.04
N ASP G 252 -61.98 -7.94 -3.31
CA ASP G 252 -63.01 -8.74 -4.02
C ASP G 252 -62.34 -9.59 -5.10
N SER G 253 -62.63 -10.90 -5.11
CA SER G 253 -62.02 -11.81 -6.12
C SER G 253 -63.09 -12.76 -6.66
N THR G 254 -63.03 -13.07 -7.97
CA THR G 254 -64.06 -13.94 -8.59
C THR G 254 -63.49 -14.67 -9.81
N VAL G 255 -64.03 -15.85 -10.12
CA VAL G 255 -63.59 -16.61 -11.33
C VAL G 255 -64.86 -17.00 -12.11
N VAL G 256 -64.93 -16.63 -13.40
CA VAL G 256 -66.16 -16.89 -14.20
C VAL G 256 -65.86 -17.94 -15.28
N ASP G 257 -66.79 -18.85 -15.54
CA ASP G 257 -66.62 -19.84 -16.63
C ASP G 257 -67.73 -19.63 -17.66
N GLY G 258 -67.38 -19.64 -18.96
CA GLY G 258 -68.39 -19.37 -20.00
C GLY G 258 -68.69 -20.61 -20.85
N THR G 259 -69.96 -20.98 -20.94
CA THR G 259 -70.37 -22.13 -21.79
C THR G 259 -70.87 -21.63 -23.13
N GLY G 260 -70.79 -22.46 -24.18
CA GLY G 260 -71.31 -22.06 -25.51
C GLY G 260 -70.22 -21.69 -26.49
N LYS G 261 -69.04 -22.30 -26.35
CA LYS G 261 -67.89 -22.00 -27.25
C LYS G 261 -67.14 -23.29 -27.59
N GLN G 262 -66.15 -23.21 -28.49
CA GLN G 262 -65.33 -24.40 -28.82
C GLN G 262 -64.70 -24.94 -27.53
N ASN G 263 -64.20 -24.04 -26.68
CA ASN G 263 -63.55 -24.45 -25.41
C ASN G 263 -64.18 -23.66 -24.25
N ILE G 264 -64.27 -24.25 -23.06
CA ILE G 264 -64.85 -23.56 -21.88
C ILE G 264 -64.00 -22.33 -21.56
N THR G 265 -64.55 -21.13 -21.76
CA THR G 265 -63.80 -19.87 -21.48
C THR G 265 -63.83 -19.60 -19.97
N ARG G 266 -62.73 -19.13 -19.40
CA ARG G 266 -62.66 -18.83 -17.94
C ARG G 266 -61.84 -17.56 -17.72
N GLN G 267 -62.31 -16.67 -16.84
CA GLN G 267 -61.58 -15.39 -16.59
C GLN G 267 -61.42 -15.16 -15.09
N TYR G 268 -60.48 -14.31 -14.70
CA TYR G 268 -60.28 -13.98 -13.25
C TYR G 268 -60.36 -12.47 -13.05
N GLN G 269 -61.12 -12.03 -12.04
CA GLN G 269 -61.23 -10.57 -11.73
C GLN G 269 -60.88 -10.34 -10.26
N ALA G 270 -60.01 -9.36 -9.98
CA ALA G 270 -59.64 -9.03 -8.58
C ALA G 270 -59.87 -7.54 -8.33
N GLU G 271 -60.34 -7.17 -7.12
CA GLU G 271 -60.61 -5.75 -6.79
C GLU G 271 -60.23 -5.50 -5.32
N TRP G 272 -59.63 -4.34 -5.03
CA TRP G 272 -59.25 -3.99 -3.64
C TRP G 272 -59.17 -2.47 -3.48
N SER G 273 -59.05 -1.98 -2.24
CA SER G 273 -58.93 -0.52 -2.00
C SER G 273 -58.11 -0.26 -0.73
N TYR G 274 -57.46 0.90 -0.64
CA TYR G 274 -56.65 1.26 0.56
C TYR G 274 -56.61 2.77 0.69
N ASN G 275 -56.48 3.27 1.93
CA ASN G 275 -56.42 4.74 2.15
C ASN G 275 -54.98 5.22 2.12
N LEU G 276 -54.74 6.46 1.66
CA LEU G 276 -53.37 7.02 1.59
C LEU G 276 -53.35 8.38 2.29
N GLY G 277 -52.46 8.54 3.28
CA GLY G 277 -52.36 9.80 4.00
C GLY G 277 -50.93 10.21 4.25
N VAL G 278 -50.65 11.51 4.08
CA VAL G 278 -49.27 12.04 4.32
C VAL G 278 -49.32 12.94 5.56
N ASN G 279 -48.30 12.86 6.43
CA ASN G 279 -48.29 13.64 7.70
C ASN G 279 -48.32 15.15 7.41
N GLY G 280 -49.22 15.88 8.05
CA GLY G 280 -49.27 17.36 7.90
C GLY G 280 -49.81 17.81 6.55
N TYR G 281 -50.43 16.90 5.79
CA TYR G 281 -50.93 17.26 4.44
C TYR G 281 -52.32 16.66 4.22
N ALA G 282 -53.26 17.49 3.74
CA ALA G 282 -54.64 17.00 3.47
C ALA G 282 -54.84 16.89 1.96
N TYR G 283 -55.23 15.70 1.49
CA TYR G 283 -55.47 15.50 0.04
C TYR G 283 -56.61 16.41 -0.42
N ASP G 284 -56.39 17.17 -1.49
CA ASP G 284 -57.48 18.02 -2.04
C ASP G 284 -58.39 17.15 -2.91
N ILE G 285 -59.29 16.38 -2.29
CA ILE G 285 -60.19 15.46 -3.05
C ILE G 285 -60.99 16.27 -4.07
N ALA G 286 -61.29 17.53 -3.77
CA ALA G 286 -62.02 18.39 -4.71
C ALA G 286 -61.28 18.43 -6.06
N THR G 287 -59.95 18.56 -6.02
CA THR G 287 -59.14 18.57 -7.27
C THR G 287 -58.70 17.14 -7.60
N GLY G 288 -58.33 16.35 -6.58
CA GLY G 288 -57.85 14.98 -6.80
C GLY G 288 -58.93 14.09 -7.39
N GLY G 289 -60.18 14.25 -6.94
CA GLY G 289 -61.29 13.40 -7.41
C GLY G 289 -61.71 12.40 -6.34
N LYS G 290 -62.96 11.95 -6.38
CA LYS G 290 -63.47 10.97 -5.38
C LYS G 290 -62.57 9.72 -5.42
N ALA G 291 -62.26 9.23 -6.61
CA ALA G 291 -61.33 8.08 -6.76
C ALA G 291 -60.11 8.56 -7.55
N PRO G 292 -59.10 9.18 -6.91
CA PRO G 292 -57.96 9.75 -7.62
C PRO G 292 -57.07 8.70 -8.29
N ASN G 293 -56.67 8.93 -9.54
CA ASN G 293 -55.75 7.99 -10.25
C ASN G 293 -54.33 8.28 -9.79
N PRO G 294 -53.37 7.33 -9.89
CA PRO G 294 -51.98 7.59 -9.52
C PRO G 294 -51.41 8.86 -10.13
N THR G 295 -51.96 9.33 -11.25
CA THR G 295 -51.53 10.61 -11.79
C THR G 295 -52.06 11.78 -10.97
N ALA G 296 -53.26 11.64 -10.38
CA ALA G 296 -53.78 12.68 -9.50
C ALA G 296 -53.08 12.68 -8.15
N LEU G 297 -52.64 11.49 -7.71
CA LEU G 297 -51.90 11.39 -6.43
C LEU G 297 -50.63 12.23 -6.52
N ALA G 298 -50.02 12.29 -7.70
CA ALA G 298 -48.77 13.06 -7.89
C ALA G 298 -49.10 14.46 -8.42
N THR G 299 -50.34 14.68 -8.89
CA THR G 299 -50.73 16.00 -9.45
C THR G 299 -50.65 17.06 -8.36
N ALA G 300 -50.12 18.25 -8.69
CA ALA G 300 -50.04 19.35 -7.71
C ALA G 300 -51.44 19.89 -7.40
N ALA G 301 -51.57 20.70 -6.35
CA ALA G 301 -52.88 21.29 -5.97
C ALA G 301 -53.83 20.18 -5.47
N ASN G 302 -53.32 18.96 -5.32
CA ASN G 302 -54.15 17.85 -4.77
C ASN G 302 -53.71 17.57 -3.34
N TRP G 303 -52.79 18.38 -2.81
CA TRP G 303 -52.31 18.22 -1.42
C TRP G 303 -52.32 19.58 -0.71
N ASP G 304 -52.87 19.64 0.50
CA ASP G 304 -53.01 20.93 1.21
C ASP G 304 -52.11 20.94 2.45
N LYS G 305 -51.20 21.92 2.55
CA LYS G 305 -50.31 22.05 3.73
C LYS G 305 -51.16 22.36 4.97
N ILE G 306 -51.00 21.57 6.04
CA ILE G 306 -51.84 21.76 7.25
C ILE G 306 -50.96 22.29 8.39
N SER G 307 -50.17 21.42 9.03
CA SER G 307 -49.31 21.83 10.16
C SER G 307 -48.69 23.19 9.86
N THR G 308 -49.03 24.21 10.66
CA THR G 308 -48.53 25.59 10.40
C THR G 308 -47.01 25.55 10.18
N SER G 309 -46.30 24.76 11.00
CA SER G 309 -44.82 24.64 10.87
C SER G 309 -44.48 23.48 9.94
N ILE G 310 -43.56 23.70 8.99
CA ILE G 310 -43.12 22.61 8.07
C ILE G 310 -42.43 21.53 8.91
N LYS G 311 -41.85 21.93 10.05
CA LYS G 311 -41.16 20.95 10.94
C LYS G 311 -42.20 19.98 11.49
N ASP G 312 -43.44 20.43 11.67
CA ASP G 312 -44.52 19.56 12.19
C ASP G 312 -44.87 18.51 11.12
N THR G 313 -44.91 18.92 9.85
CA THR G 313 -45.19 17.96 8.74
C THR G 313 -44.03 16.96 8.64
N GLY G 314 -44.33 15.71 8.29
CA GLY G 314 -43.28 14.67 8.24
C GLY G 314 -42.84 14.37 6.81
N GLY G 315 -41.53 14.49 6.54
CA GLY G 315 -41.00 14.17 5.19
C GLY G 315 -40.56 15.40 4.43
N VAL G 316 -39.52 15.26 3.59
CA VAL G 316 -39.03 16.40 2.76
C VAL G 316 -38.43 15.83 1.47
N VAL G 317 -38.77 16.40 0.31
CA VAL G 317 -38.30 15.84 -0.99
C VAL G 317 -37.00 16.56 -1.42
N LEU G 318 -36.02 15.80 -1.90
CA LEU G 318 -34.73 16.41 -2.35
C LEU G 318 -34.51 16.03 -3.82
N VAL G 319 -34.86 16.92 -4.74
CA VAL G 319 -34.75 16.59 -6.20
C VAL G 319 -33.27 16.65 -6.61
N THR G 320 -32.72 15.53 -7.07
CA THR G 320 -31.30 15.47 -7.49
C THR G 320 -31.22 14.81 -8.87
N LYS G 321 -30.83 15.58 -9.89
CA LYS G 321 -30.78 15.04 -11.28
C LYS G 321 -30.10 13.66 -11.27
#